data_4OBI
# 
_entry.id   4OBI 
# 
_audit_conform.dict_name       mmcif_pdbx.dic 
_audit_conform.dict_version    5.399 
_audit_conform.dict_location   http://mmcif.pdb.org/dictionaries/ascii/mmcif_pdbx.dic 
# 
loop_
_database_2.database_id 
_database_2.database_code 
_database_2.pdbx_database_accession 
_database_2.pdbx_DOI 
PDB   4OBI         pdb_00004obi 10.2210/pdb4obi/pdb 
RCSB  RCSB084283   ?            ?                   
WWPDB D_1000084283 ?            ?                   
# 
loop_
_pdbx_audit_revision_history.ordinal 
_pdbx_audit_revision_history.data_content_type 
_pdbx_audit_revision_history.major_revision 
_pdbx_audit_revision_history.minor_revision 
_pdbx_audit_revision_history.revision_date 
1 'Structure model' 1 0 2014-02-12 
2 'Structure model' 1 1 2014-12-24 
3 'Structure model' 1 2 2017-11-22 
4 'Structure model' 1 3 2018-01-24 
5 'Structure model' 1 4 2024-02-28 
6 'Structure model' 1 5 2024-11-20 
# 
_pdbx_audit_revision_details.ordinal             1 
_pdbx_audit_revision_details.revision_ordinal    1 
_pdbx_audit_revision_details.data_content_type   'Structure model' 
_pdbx_audit_revision_details.provider            repository 
_pdbx_audit_revision_details.type                'Initial release' 
_pdbx_audit_revision_details.description         ? 
_pdbx_audit_revision_details.details             ? 
# 
loop_
_pdbx_audit_revision_group.ordinal 
_pdbx_audit_revision_group.revision_ordinal 
_pdbx_audit_revision_group.data_content_type 
_pdbx_audit_revision_group.group 
1 2 'Structure model' 'Structure summary'      
2 3 'Structure model' 'Refinement description' 
3 4 'Structure model' 'Database references'    
4 5 'Structure model' 'Data collection'        
5 5 'Structure model' 'Database references'    
6 5 'Structure model' 'Derived calculations'   
7 6 'Structure model' 'Structure summary'      
# 
loop_
_pdbx_audit_revision_category.ordinal 
_pdbx_audit_revision_category.revision_ordinal 
_pdbx_audit_revision_category.data_content_type 
_pdbx_audit_revision_category.category 
1  3 'Structure model' software               
2  4 'Structure model' citation_author        
3  5 'Structure model' chem_comp_atom         
4  5 'Structure model' chem_comp_bond         
5  5 'Structure model' database_2             
6  5 'Structure model' pdbx_struct_conn_angle 
7  5 'Structure model' struct_conn            
8  5 'Structure model' struct_ref_seq_dif     
9  5 'Structure model' struct_site            
10 6 'Structure model' pdbx_entry_details     
# 
loop_
_pdbx_audit_revision_item.ordinal 
_pdbx_audit_revision_item.revision_ordinal 
_pdbx_audit_revision_item.data_content_type 
_pdbx_audit_revision_item.item 
1  4 'Structure model' '_citation_author.name'                        
2  5 'Structure model' '_database_2.pdbx_DOI'                         
3  5 'Structure model' '_database_2.pdbx_database_accession'          
4  5 'Structure model' '_pdbx_struct_conn_angle.ptnr1_auth_comp_id'   
5  5 'Structure model' '_pdbx_struct_conn_angle.ptnr1_auth_seq_id'    
6  5 'Structure model' '_pdbx_struct_conn_angle.ptnr1_label_asym_id'  
7  5 'Structure model' '_pdbx_struct_conn_angle.ptnr1_label_atom_id'  
8  5 'Structure model' '_pdbx_struct_conn_angle.ptnr1_label_comp_id'  
9  5 'Structure model' '_pdbx_struct_conn_angle.ptnr1_label_seq_id'   
10 5 'Structure model' '_pdbx_struct_conn_angle.ptnr3_auth_comp_id'   
11 5 'Structure model' '_pdbx_struct_conn_angle.ptnr3_auth_seq_id'    
12 5 'Structure model' '_pdbx_struct_conn_angle.ptnr3_label_asym_id'  
13 5 'Structure model' '_pdbx_struct_conn_angle.ptnr3_label_atom_id'  
14 5 'Structure model' '_pdbx_struct_conn_angle.ptnr3_label_comp_id'  
15 5 'Structure model' '_pdbx_struct_conn_angle.ptnr3_label_seq_id'   
16 5 'Structure model' '_pdbx_struct_conn_angle.value'                
17 5 'Structure model' '_struct_conn.pdbx_dist_value'                 
18 5 'Structure model' '_struct_conn.ptnr1_auth_comp_id'              
19 5 'Structure model' '_struct_conn.ptnr1_auth_seq_id'               
20 5 'Structure model' '_struct_conn.ptnr1_label_asym_id'             
21 5 'Structure model' '_struct_conn.ptnr1_label_atom_id'             
22 5 'Structure model' '_struct_conn.ptnr1_label_comp_id'             
23 5 'Structure model' '_struct_conn.ptnr1_label_seq_id'              
24 5 'Structure model' '_struct_conn.ptnr2_auth_comp_id'              
25 5 'Structure model' '_struct_conn.ptnr2_auth_seq_id'               
26 5 'Structure model' '_struct_conn.ptnr2_label_asym_id'             
27 5 'Structure model' '_struct_conn.ptnr2_label_atom_id'             
28 5 'Structure model' '_struct_conn.ptnr2_label_comp_id'             
29 5 'Structure model' '_struct_ref_seq_dif.details'                  
30 5 'Structure model' '_struct_site.pdbx_auth_asym_id'               
31 5 'Structure model' '_struct_site.pdbx_auth_comp_id'               
32 5 'Structure model' '_struct_site.pdbx_auth_seq_id'                
33 6 'Structure model' '_pdbx_entry_details.has_protein_modification' 
# 
_pdbx_database_status.SG_entry                        Y 
_pdbx_database_status.entry_id                        4OBI 
_pdbx_database_status.deposit_site                    RCSB 
_pdbx_database_status.process_site                    RCSB 
_pdbx_database_status.recvd_initial_deposition_date   2014-01-07 
_pdbx_database_status.status_code                     REL 
_pdbx_database_status.status_code_sf                  REL 
_pdbx_database_status.status_code_mr                  ? 
_pdbx_database_status.status_code_cs                  ? 
_pdbx_database_status.methods_development_category    ? 
_pdbx_database_status.pdb_format_compatible           Y 
_pdbx_database_status.status_code_nmr_data            ? 
# 
_pdbx_database_related.db_name        TargetTrack 
_pdbx_database_related.db_id          JCSG-420183 
_pdbx_database_related.details        . 
_pdbx_database_related.content_type   unspecified 
# 
_audit_author.name           'Joint Center for Structural Genomics (JCSG)' 
_audit_author.pdbx_ordinal   1 
# 
_citation.id                        primary 
_citation.title                     
'Crystal structure of a hypothetical protein (EF3258) from Enterococcus faecalis V583 at 1.73 A resolution' 
_citation.journal_abbrev            'To be published' 
_citation.journal_volume            ? 
_citation.page_first                ? 
_citation.page_last                 ? 
_citation.year                      ? 
_citation.journal_id_ASTM           ? 
_citation.country                   ? 
_citation.journal_id_ISSN           ? 
_citation.journal_id_CSD            0353 
_citation.book_publisher            ? 
_citation.pdbx_database_id_PubMed   ? 
_citation.pdbx_database_id_DOI      ? 
# 
_citation_author.citation_id        primary 
_citation_author.name               'Joint Center for Structural Genomics (JCSG)' 
_citation_author.ordinal            1 
_citation_author.identifier_ORCID   ? 
# 
loop_
_entity.id 
_entity.type 
_entity.src_method 
_entity.pdbx_description 
_entity.formula_weight 
_entity.pdbx_number_of_molecules 
_entity.pdbx_ec 
_entity.pdbx_mutation 
_entity.pdbx_fragment 
_entity.details 
1 polymer     man 'Uncharacterized protein' 11911.194 1  ? ? ? ? 
2 non-polymer syn 'TETRAETHYLENE GLYCOL'    194.226   1  ? ? ? ? 
3 non-polymer syn 'ZINC ION'                65.409    1  ? ? ? ? 
4 water       nat water                     18.015    79 ? ? ? ? 
# 
_entity_poly.entity_id                      1 
_entity_poly.type                           'polypeptide(L)' 
_entity_poly.nstd_linkage                   no 
_entity_poly.nstd_monomer                   yes 
_entity_poly.pdbx_seq_one_letter_code       
;G(MSE)QNRGQEAATYQAVLKVDNKVIKVFDLKKDGPHYTYKYEAKDGDYNLIEVDGDRIRVKEANCADLVDVRRGWISK
PGETPIACLPHNLFITVEASDGSEDGSLIY
;
_entity_poly.pdbx_seq_one_letter_code_can   
;GMQNRGQEAATYQAVLKVDNKVIKVFDLKKDGPHYTYKYEAKDGDYNLIEVDGDRIRVKEANCADLVDVRRGWISKPGET
PIACLPHNLFITVEASDGSEDGSLIY
;
_entity_poly.pdbx_strand_id                 A 
_entity_poly.pdbx_target_identifier         JCSG-420183 
# 
loop_
_pdbx_entity_nonpoly.entity_id 
_pdbx_entity_nonpoly.name 
_pdbx_entity_nonpoly.comp_id 
2 'TETRAETHYLENE GLYCOL' PG4 
3 'ZINC ION'             ZN  
4 water                  HOH 
# 
loop_
_entity_poly_seq.entity_id 
_entity_poly_seq.num 
_entity_poly_seq.mon_id 
_entity_poly_seq.hetero 
1 1   GLY n 
1 2   MSE n 
1 3   GLN n 
1 4   ASN n 
1 5   ARG n 
1 6   GLY n 
1 7   GLN n 
1 8   GLU n 
1 9   ALA n 
1 10  ALA n 
1 11  THR n 
1 12  TYR n 
1 13  GLN n 
1 14  ALA n 
1 15  VAL n 
1 16  LEU n 
1 17  LYS n 
1 18  VAL n 
1 19  ASP n 
1 20  ASN n 
1 21  LYS n 
1 22  VAL n 
1 23  ILE n 
1 24  LYS n 
1 25  VAL n 
1 26  PHE n 
1 27  ASP n 
1 28  LEU n 
1 29  LYS n 
1 30  LYS n 
1 31  ASP n 
1 32  GLY n 
1 33  PRO n 
1 34  HIS n 
1 35  TYR n 
1 36  THR n 
1 37  TYR n 
1 38  LYS n 
1 39  TYR n 
1 40  GLU n 
1 41  ALA n 
1 42  LYS n 
1 43  ASP n 
1 44  GLY n 
1 45  ASP n 
1 46  TYR n 
1 47  ASN n 
1 48  LEU n 
1 49  ILE n 
1 50  GLU n 
1 51  VAL n 
1 52  ASP n 
1 53  GLY n 
1 54  ASP n 
1 55  ARG n 
1 56  ILE n 
1 57  ARG n 
1 58  VAL n 
1 59  LYS n 
1 60  GLU n 
1 61  ALA n 
1 62  ASN n 
1 63  CYS n 
1 64  ALA n 
1 65  ASP n 
1 66  LEU n 
1 67  VAL n 
1 68  ASP n 
1 69  VAL n 
1 70  ARG n 
1 71  ARG n 
1 72  GLY n 
1 73  TRP n 
1 74  ILE n 
1 75  SER n 
1 76  LYS n 
1 77  PRO n 
1 78  GLY n 
1 79  GLU n 
1 80  THR n 
1 81  PRO n 
1 82  ILE n 
1 83  ALA n 
1 84  CYS n 
1 85  LEU n 
1 86  PRO n 
1 87  HIS n 
1 88  ASN n 
1 89  LEU n 
1 90  PHE n 
1 91  ILE n 
1 92  THR n 
1 93  VAL n 
1 94  GLU n 
1 95  ALA n 
1 96  SER n 
1 97  ASP n 
1 98  GLY n 
1 99  SER n 
1 100 GLU n 
1 101 ASP n 
1 102 GLY n 
1 103 SER n 
1 104 LEU n 
1 105 ILE n 
1 106 TYR n 
# 
_entity_src_gen.entity_id                          1 
_entity_src_gen.pdbx_src_id                        1 
_entity_src_gen.pdbx_alt_source_flag               sample 
_entity_src_gen.pdbx_seq_type                      ? 
_entity_src_gen.pdbx_beg_seq_num                   ? 
_entity_src_gen.pdbx_end_seq_num                   ? 
_entity_src_gen.gene_src_common_name               ? 
_entity_src_gen.gene_src_genus                     ? 
_entity_src_gen.pdbx_gene_src_gene                 'EF_3258, I574_00339, NP_816855.1, OO5_00326' 
_entity_src_gen.gene_src_species                   ? 
_entity_src_gen.gene_src_strain                    'ATCC 700802 / V583' 
_entity_src_gen.gene_src_tissue                    ? 
_entity_src_gen.gene_src_tissue_fraction           ? 
_entity_src_gen.gene_src_details                   ? 
_entity_src_gen.pdbx_gene_src_fragment             ? 
_entity_src_gen.pdbx_gene_src_scientific_name      'Enterococcus faecalis' 
_entity_src_gen.pdbx_gene_src_ncbi_taxonomy_id     226185 
_entity_src_gen.pdbx_gene_src_variant              ? 
_entity_src_gen.pdbx_gene_src_cell_line            ? 
_entity_src_gen.pdbx_gene_src_atcc                 ? 
_entity_src_gen.pdbx_gene_src_organ                ? 
_entity_src_gen.pdbx_gene_src_organelle            ? 
_entity_src_gen.pdbx_gene_src_cell                 ? 
_entity_src_gen.pdbx_gene_src_cellular_location    ? 
_entity_src_gen.host_org_common_name               ? 
_entity_src_gen.pdbx_host_org_scientific_name      'Escherichia Coli' 
_entity_src_gen.pdbx_host_org_ncbi_taxonomy_id     562 
_entity_src_gen.host_org_genus                     ? 
_entity_src_gen.pdbx_host_org_gene                 ? 
_entity_src_gen.pdbx_host_org_organ                ? 
_entity_src_gen.host_org_species                   ? 
_entity_src_gen.pdbx_host_org_tissue               ? 
_entity_src_gen.pdbx_host_org_tissue_fraction      ? 
_entity_src_gen.pdbx_host_org_strain               PB1 
_entity_src_gen.pdbx_host_org_variant              ? 
_entity_src_gen.pdbx_host_org_cell_line            ? 
_entity_src_gen.pdbx_host_org_atcc                 ? 
_entity_src_gen.pdbx_host_org_culture_collection   ? 
_entity_src_gen.pdbx_host_org_cell                 ? 
_entity_src_gen.pdbx_host_org_organelle            ? 
_entity_src_gen.pdbx_host_org_cellular_location    ? 
_entity_src_gen.pdbx_host_org_vector_type          Plasmid 
_entity_src_gen.pdbx_host_org_vector               ? 
_entity_src_gen.host_org_details                   ? 
_entity_src_gen.expression_system_id               ? 
_entity_src_gen.plasmid_name                       SpeedET 
_entity_src_gen.plasmid_details                    ? 
_entity_src_gen.pdbx_description                   ? 
# 
loop_
_chem_comp.id 
_chem_comp.type 
_chem_comp.mon_nstd_flag 
_chem_comp.name 
_chem_comp.pdbx_synonyms 
_chem_comp.formula 
_chem_comp.formula_weight 
ALA 'L-peptide linking' y ALANINE                ? 'C3 H7 N O2'     89.093  
ARG 'L-peptide linking' y ARGININE               ? 'C6 H15 N4 O2 1' 175.209 
ASN 'L-peptide linking' y ASPARAGINE             ? 'C4 H8 N2 O3'    132.118 
ASP 'L-peptide linking' y 'ASPARTIC ACID'        ? 'C4 H7 N O4'     133.103 
CYS 'L-peptide linking' y CYSTEINE               ? 'C3 H7 N O2 S'   121.158 
GLN 'L-peptide linking' y GLUTAMINE              ? 'C5 H10 N2 O3'   146.144 
GLU 'L-peptide linking' y 'GLUTAMIC ACID'        ? 'C5 H9 N O4'     147.129 
GLY 'peptide linking'   y GLYCINE                ? 'C2 H5 N O2'     75.067  
HIS 'L-peptide linking' y HISTIDINE              ? 'C6 H10 N3 O2 1' 156.162 
HOH non-polymer         . WATER                  ? 'H2 O'           18.015  
ILE 'L-peptide linking' y ISOLEUCINE             ? 'C6 H13 N O2'    131.173 
LEU 'L-peptide linking' y LEUCINE                ? 'C6 H13 N O2'    131.173 
LYS 'L-peptide linking' y LYSINE                 ? 'C6 H15 N2 O2 1' 147.195 
MSE 'L-peptide linking' n SELENOMETHIONINE       ? 'C5 H11 N O2 Se' 196.106 
PG4 non-polymer         . 'TETRAETHYLENE GLYCOL' ? 'C8 H18 O5'      194.226 
PHE 'L-peptide linking' y PHENYLALANINE          ? 'C9 H11 N O2'    165.189 
PRO 'L-peptide linking' y PROLINE                ? 'C5 H9 N O2'     115.130 
SER 'L-peptide linking' y SERINE                 ? 'C3 H7 N O3'     105.093 
THR 'L-peptide linking' y THREONINE              ? 'C4 H9 N O3'     119.119 
TRP 'L-peptide linking' y TRYPTOPHAN             ? 'C11 H12 N2 O2'  204.225 
TYR 'L-peptide linking' y TYROSINE               ? 'C9 H11 N O3'    181.189 
VAL 'L-peptide linking' y VALINE                 ? 'C5 H11 N O2'    117.146 
ZN  non-polymer         . 'ZINC ION'             ? 'Zn 2'           65.409  
# 
loop_
_pdbx_poly_seq_scheme.asym_id 
_pdbx_poly_seq_scheme.entity_id 
_pdbx_poly_seq_scheme.seq_id 
_pdbx_poly_seq_scheme.mon_id 
_pdbx_poly_seq_scheme.ndb_seq_num 
_pdbx_poly_seq_scheme.pdb_seq_num 
_pdbx_poly_seq_scheme.auth_seq_num 
_pdbx_poly_seq_scheme.pdb_mon_id 
_pdbx_poly_seq_scheme.auth_mon_id 
_pdbx_poly_seq_scheme.pdb_strand_id 
_pdbx_poly_seq_scheme.pdb_ins_code 
_pdbx_poly_seq_scheme.hetero 
A 1 1   GLY 1   0   ?   ?   ?   A . n 
A 1 2   MSE 2   36  ?   ?   ?   A . n 
A 1 3   GLN 3   37  ?   ?   ?   A . n 
A 1 4   ASN 4   38  ?   ?   ?   A . n 
A 1 5   ARG 5   39  ?   ?   ?   A . n 
A 1 6   GLY 6   40  ?   ?   ?   A . n 
A 1 7   GLN 7   41  ?   ?   ?   A . n 
A 1 8   GLU 8   42  ?   ?   ?   A . n 
A 1 9   ALA 9   43  ?   ?   ?   A . n 
A 1 10  ALA 10  44  ?   ?   ?   A . n 
A 1 11  THR 11  45  45  THR THR A . n 
A 1 12  TYR 12  46  46  TYR TYR A . n 
A 1 13  GLN 13  47  47  GLN GLN A . n 
A 1 14  ALA 14  48  48  ALA ALA A . n 
A 1 15  VAL 15  49  49  VAL VAL A . n 
A 1 16  LEU 16  50  50  LEU LEU A . n 
A 1 17  LYS 17  51  51  LYS LYS A . n 
A 1 18  VAL 18  52  52  VAL VAL A . n 
A 1 19  ASP 19  53  53  ASP ASP A . n 
A 1 20  ASN 20  54  54  ASN ASN A . n 
A 1 21  LYS 21  55  55  LYS LYS A . n 
A 1 22  VAL 22  56  56  VAL VAL A . n 
A 1 23  ILE 23  57  57  ILE ILE A . n 
A 1 24  LYS 24  58  58  LYS LYS A . n 
A 1 25  VAL 25  59  59  VAL VAL A . n 
A 1 26  PHE 26  60  60  PHE PHE A . n 
A 1 27  ASP 27  61  61  ASP ASP A . n 
A 1 28  LEU 28  62  62  LEU LEU A . n 
A 1 29  LYS 29  63  63  LYS LYS A . n 
A 1 30  LYS 30  64  64  LYS LYS A . n 
A 1 31  ASP 31  65  65  ASP ASP A . n 
A 1 32  GLY 32  66  66  GLY GLY A . n 
A 1 33  PRO 33  67  67  PRO PRO A . n 
A 1 34  HIS 34  68  68  HIS HIS A . n 
A 1 35  TYR 35  69  69  TYR TYR A . n 
A 1 36  THR 36  70  70  THR THR A . n 
A 1 37  TYR 37  71  71  TYR TYR A . n 
A 1 38  LYS 38  72  72  LYS LYS A . n 
A 1 39  TYR 39  73  73  TYR TYR A . n 
A 1 40  GLU 40  74  74  GLU GLU A . n 
A 1 41  ALA 41  75  75  ALA ALA A . n 
A 1 42  LYS 42  76  76  LYS LYS A . n 
A 1 43  ASP 43  77  77  ASP ASP A . n 
A 1 44  GLY 44  78  78  GLY GLY A . n 
A 1 45  ASP 45  79  79  ASP ASP A . n 
A 1 46  TYR 46  80  80  TYR TYR A . n 
A 1 47  ASN 47  81  81  ASN ASN A . n 
A 1 48  LEU 48  82  82  LEU LEU A . n 
A 1 49  ILE 49  83  83  ILE ILE A . n 
A 1 50  GLU 50  84  84  GLU GLU A . n 
A 1 51  VAL 51  85  85  VAL VAL A . n 
A 1 52  ASP 52  86  86  ASP ASP A . n 
A 1 53  GLY 53  87  87  GLY GLY A . n 
A 1 54  ASP 54  88  88  ASP ASP A . n 
A 1 55  ARG 55  89  89  ARG ARG A . n 
A 1 56  ILE 56  90  90  ILE ILE A . n 
A 1 57  ARG 57  91  91  ARG ARG A . n 
A 1 58  VAL 58  92  92  VAL VAL A . n 
A 1 59  LYS 59  93  93  LYS LYS A . n 
A 1 60  GLU 60  94  94  GLU GLU A . n 
A 1 61  ALA 61  95  95  ALA ALA A . n 
A 1 62  ASN 62  96  96  ASN ASN A . n 
A 1 63  CYS 63  97  97  CYS CYS A . n 
A 1 64  ALA 64  98  98  ALA ALA A . n 
A 1 65  ASP 65  99  99  ASP ASP A . n 
A 1 66  LEU 66  100 100 LEU LEU A . n 
A 1 67  VAL 67  101 101 VAL VAL A . n 
A 1 68  ASP 68  102 102 ASP ASP A . n 
A 1 69  VAL 69  103 103 VAL VAL A . n 
A 1 70  ARG 70  104 104 ARG ARG A . n 
A 1 71  ARG 71  105 105 ARG ARG A . n 
A 1 72  GLY 72  106 106 GLY GLY A . n 
A 1 73  TRP 73  107 107 TRP TRP A . n 
A 1 74  ILE 74  108 108 ILE ILE A . n 
A 1 75  SER 75  109 109 SER SER A . n 
A 1 76  LYS 76  110 110 LYS LYS A . n 
A 1 77  PRO 77  111 111 PRO PRO A . n 
A 1 78  GLY 78  112 112 GLY GLY A . n 
A 1 79  GLU 79  113 113 GLU GLU A . n 
A 1 80  THR 80  114 114 THR THR A . n 
A 1 81  PRO 81  115 115 PRO PRO A . n 
A 1 82  ILE 82  116 116 ILE ILE A . n 
A 1 83  ALA 83  117 117 ALA ALA A . n 
A 1 84  CYS 84  118 118 CYS CYS A . n 
A 1 85  LEU 85  119 119 LEU LEU A . n 
A 1 86  PRO 86  120 120 PRO PRO A . n 
A 1 87  HIS 87  121 121 HIS HIS A . n 
A 1 88  ASN 88  122 122 ASN ASN A . n 
A 1 89  LEU 89  123 123 LEU LEU A . n 
A 1 90  PHE 90  124 124 PHE PHE A . n 
A 1 91  ILE 91  125 125 ILE ILE A . n 
A 1 92  THR 92  126 126 THR THR A . n 
A 1 93  VAL 93  127 127 VAL VAL A . n 
A 1 94  GLU 94  128 128 GLU GLU A . n 
A 1 95  ALA 95  129 129 ALA ALA A . n 
A 1 96  SER 96  130 130 SER SER A . n 
A 1 97  ASP 97  131 131 ASP ASP A . n 
A 1 98  GLY 98  132 ?   ?   ?   A . n 
A 1 99  SER 99  133 ?   ?   ?   A . n 
A 1 100 GLU 100 134 ?   ?   ?   A . n 
A 1 101 ASP 101 135 ?   ?   ?   A . n 
A 1 102 GLY 102 136 ?   ?   ?   A . n 
A 1 103 SER 103 137 ?   ?   ?   A . n 
A 1 104 LEU 104 138 ?   ?   ?   A . n 
A 1 105 ILE 105 139 ?   ?   ?   A . n 
A 1 106 TYR 106 140 ?   ?   ?   A . n 
# 
loop_
_pdbx_nonpoly_scheme.asym_id 
_pdbx_nonpoly_scheme.entity_id 
_pdbx_nonpoly_scheme.mon_id 
_pdbx_nonpoly_scheme.ndb_seq_num 
_pdbx_nonpoly_scheme.pdb_seq_num 
_pdbx_nonpoly_scheme.auth_seq_num 
_pdbx_nonpoly_scheme.pdb_mon_id 
_pdbx_nonpoly_scheme.auth_mon_id 
_pdbx_nonpoly_scheme.pdb_strand_id 
_pdbx_nonpoly_scheme.pdb_ins_code 
B 2 PG4 1  200 200 PG4 PG4 A . 
C 3 ZN  1  201 201 ZN  ZN  A . 
D 4 HOH 1  301 202 HOH HOH A . 
D 4 HOH 2  302 203 HOH HOH A . 
D 4 HOH 3  303 204 HOH HOH A . 
D 4 HOH 4  304 205 HOH HOH A . 
D 4 HOH 5  305 206 HOH HOH A . 
D 4 HOH 6  306 207 HOH HOH A . 
D 4 HOH 7  307 208 HOH HOH A . 
D 4 HOH 8  308 209 HOH HOH A . 
D 4 HOH 9  309 210 HOH HOH A . 
D 4 HOH 10 310 211 HOH HOH A . 
D 4 HOH 11 311 212 HOH HOH A . 
D 4 HOH 12 312 213 HOH HOH A . 
D 4 HOH 13 313 214 HOH HOH A . 
D 4 HOH 14 314 215 HOH HOH A . 
D 4 HOH 15 315 216 HOH HOH A . 
D 4 HOH 16 316 217 HOH HOH A . 
D 4 HOH 17 317 218 HOH HOH A . 
D 4 HOH 18 318 219 HOH HOH A . 
D 4 HOH 19 319 220 HOH HOH A . 
D 4 HOH 20 320 221 HOH HOH A . 
D 4 HOH 21 321 222 HOH HOH A . 
D 4 HOH 22 322 223 HOH HOH A . 
D 4 HOH 23 323 224 HOH HOH A . 
D 4 HOH 24 324 225 HOH HOH A . 
D 4 HOH 25 325 226 HOH HOH A . 
D 4 HOH 26 326 227 HOH HOH A . 
D 4 HOH 27 327 228 HOH HOH A . 
D 4 HOH 28 328 229 HOH HOH A . 
D 4 HOH 29 329 230 HOH HOH A . 
D 4 HOH 30 330 231 HOH HOH A . 
D 4 HOH 31 331 232 HOH HOH A . 
D 4 HOH 32 332 233 HOH HOH A . 
D 4 HOH 33 333 234 HOH HOH A . 
D 4 HOH 34 334 235 HOH HOH A . 
D 4 HOH 35 335 236 HOH HOH A . 
D 4 HOH 36 336 237 HOH HOH A . 
D 4 HOH 37 337 238 HOH HOH A . 
D 4 HOH 38 338 239 HOH HOH A . 
D 4 HOH 39 339 240 HOH HOH A . 
D 4 HOH 40 340 241 HOH HOH A . 
D 4 HOH 41 341 242 HOH HOH A . 
D 4 HOH 42 342 243 HOH HOH A . 
D 4 HOH 43 343 244 HOH HOH A . 
D 4 HOH 44 344 245 HOH HOH A . 
D 4 HOH 45 345 246 HOH HOH A . 
D 4 HOH 46 346 247 HOH HOH A . 
D 4 HOH 47 347 248 HOH HOH A . 
D 4 HOH 48 348 249 HOH HOH A . 
D 4 HOH 49 349 250 HOH HOH A . 
D 4 HOH 50 350 251 HOH HOH A . 
D 4 HOH 51 351 252 HOH HOH A . 
D 4 HOH 52 352 253 HOH HOH A . 
D 4 HOH 53 353 254 HOH HOH A . 
D 4 HOH 54 354 255 HOH HOH A . 
D 4 HOH 55 355 256 HOH HOH A . 
D 4 HOH 56 356 257 HOH HOH A . 
D 4 HOH 57 357 258 HOH HOH A . 
D 4 HOH 58 358 259 HOH HOH A . 
D 4 HOH 59 359 260 HOH HOH A . 
D 4 HOH 60 360 261 HOH HOH A . 
D 4 HOH 61 361 262 HOH HOH A . 
D 4 HOH 62 362 263 HOH HOH A . 
D 4 HOH 63 363 264 HOH HOH A . 
D 4 HOH 64 364 265 HOH HOH A . 
D 4 HOH 65 365 266 HOH HOH A . 
D 4 HOH 66 366 267 HOH HOH A . 
D 4 HOH 67 367 268 HOH HOH A . 
D 4 HOH 68 368 269 HOH HOH A . 
D 4 HOH 69 369 270 HOH HOH A . 
D 4 HOH 70 370 271 HOH HOH A . 
D 4 HOH 71 371 272 HOH HOH A . 
D 4 HOH 72 372 273 HOH HOH A . 
D 4 HOH 73 373 274 HOH HOH A . 
D 4 HOH 74 374 275 HOH HOH A . 
D 4 HOH 75 375 276 HOH HOH A . 
D 4 HOH 76 376 277 HOH HOH A . 
D 4 HOH 77 377 278 HOH HOH A . 
D 4 HOH 78 378 279 HOH HOH A . 
D 4 HOH 79 379 280 HOH HOH A . 
# 
loop_
_pdbx_unobs_or_zero_occ_atoms.id 
_pdbx_unobs_or_zero_occ_atoms.PDB_model_num 
_pdbx_unobs_or_zero_occ_atoms.polymer_flag 
_pdbx_unobs_or_zero_occ_atoms.occupancy_flag 
_pdbx_unobs_or_zero_occ_atoms.auth_asym_id 
_pdbx_unobs_or_zero_occ_atoms.auth_comp_id 
_pdbx_unobs_or_zero_occ_atoms.auth_seq_id 
_pdbx_unobs_or_zero_occ_atoms.PDB_ins_code 
_pdbx_unobs_or_zero_occ_atoms.auth_atom_id 
_pdbx_unobs_or_zero_occ_atoms.label_alt_id 
_pdbx_unobs_or_zero_occ_atoms.label_asym_id 
_pdbx_unobs_or_zero_occ_atoms.label_comp_id 
_pdbx_unobs_or_zero_occ_atoms.label_seq_id 
_pdbx_unobs_or_zero_occ_atoms.label_atom_id 
1  1 Y 1 A LYS 63  ? CG  ? A LYS 29 CG  
2  1 Y 1 A LYS 63  ? CD  ? A LYS 29 CD  
3  1 Y 1 A LYS 63  ? CE  ? A LYS 29 CE  
4  1 Y 1 A LYS 63  ? NZ  ? A LYS 29 NZ  
5  1 Y 1 A ASP 65  ? CG  ? A ASP 31 CG  
6  1 Y 1 A ASP 65  ? OD1 ? A ASP 31 OD1 
7  1 Y 1 A ASP 65  ? OD2 ? A ASP 31 OD2 
8  1 Y 1 A LYS 76  ? CG  ? A LYS 42 CG  
9  1 Y 1 A LYS 76  ? CD  ? A LYS 42 CD  
10 1 Y 1 A LYS 76  ? CE  ? A LYS 42 CE  
11 1 Y 1 A LYS 76  ? NZ  ? A LYS 42 NZ  
12 1 N 1 A PG4 200 ? C6  ? B PG4 1  C6  
13 1 N 1 A PG4 200 ? O4  ? B PG4 1  O4  
14 1 N 1 A PG4 200 ? C7  ? B PG4 1  C7  
15 1 N 1 A PG4 200 ? C8  ? B PG4 1  C8  
16 1 N 1 A PG4 200 ? O5  ? B PG4 1  O5  
# 
loop_
_software.pdbx_ordinal 
_software.name 
_software.version 
_software.date 
_software.type 
_software.contact_author 
_software.contact_author_email 
_software.classification 
_software.location 
_software.language 
_software.citation_id 
1 MolProbity  3beta29  ?               package 'D.C. & J.S. Richardson lab' molprobity@kinemage.biochem.duke.edu 'model building'  
http://kinemage.biochem.duke.edu/molprobity/                                ?          ? 
2 PDB_EXTRACT 3.10     'June 10, 2010' package PDB                          deposit@deposit.rcsb.org             'data extraction' 
http://sw-tools.pdb.org/apps/PDB_EXTRACT/                                   C++        ? 
3 XSCALE      .        ?               package 'Wolfgang Kabsch'            ?                                    'data scaling'    
http://www.mpimf-heidelberg.mpg.de/~kabsch/xds/html_doc/xscale_program.html ?          ? 
4 REFMAC      5.7.0032 ?               program 'Garib N. Murshudov'         garib@ysbl.york.ac.uk                refinement        
http://www.ccp4.ac.uk/dist/html/refmac5.html                                Fortran_77 ? 
5 XDS         .        ?               ?       ?                            ?                                    'data reduction'  
?                                                                           ?          ? 
# 
_cell.entry_id           4OBI 
_cell.length_a           27.259 
_cell.length_b           49.160 
_cell.length_c           71.776 
_cell.angle_alpha        90.000 
_cell.angle_beta         90.000 
_cell.angle_gamma        90.000 
_cell.pdbx_unique_axis   ? 
_cell.Z_PDB              4 
_cell.length_a_esd       ? 
_cell.length_b_esd       ? 
_cell.length_c_esd       ? 
_cell.angle_alpha_esd    ? 
_cell.angle_beta_esd     ? 
_cell.angle_gamma_esd    ? 
# 
_symmetry.entry_id                         4OBI 
_symmetry.Int_Tables_number                19 
_symmetry.space_group_name_H-M             'P 21 21 21' 
_symmetry.pdbx_full_space_group_name_H-M   ? 
_symmetry.cell_setting                     ? 
_symmetry.space_group_name_Hall            ? 
# 
_exptl.crystals_number   1 
_exptl.method            'X-RAY DIFFRACTION' 
_exptl.entry_id          4OBI 
# 
_exptl_crystal.id                    1 
_exptl_crystal.density_Matthews      2.02 
_exptl_crystal.density_meas          ? 
_exptl_crystal.density_percent_sol   39.07 
_exptl_crystal.description           ? 
_exptl_crystal.F_000                 ? 
_exptl_crystal.preparation           ? 
# 
_exptl_crystal_grow.crystal_id      1 
_exptl_crystal_grow.method          'VAPOR DIFFUSION,SITTING DROP,NANODROP' 
_exptl_crystal_grow.pH              6.0 
_exptl_crystal_grow.temp            293 
_exptl_crystal_grow.pdbx_details    
'30.0000% polyethylene glycol 6000, 0.1M MES pH 6.0, VAPOR DIFFUSION,SITTING DROP,NANODROP, temperature 293K' 
_exptl_crystal_grow.temp_details    ? 
_exptl_crystal_grow.pdbx_pH_range   ? 
# 
_diffrn.id                     1 
_diffrn.ambient_temp           100 
_diffrn.ambient_temp_details   ? 
_diffrn.crystal_id             1 
# 
_diffrn_detector.diffrn_id              1 
_diffrn_detector.detector               PIXEL 
_diffrn_detector.type                   'DECTRIS PILATUS 6M' 
_diffrn_detector.details                
'Flat mirror (vertical focusing); single crystal Si(111) bent monochromator (horizontal focusing)' 
_diffrn_detector.pdbx_collection_date   2013-11-13 
# 
_diffrn_radiation.diffrn_id                        1 
_diffrn_radiation.pdbx_monochromatic_or_laue_m_l   M 
_diffrn_radiation.monochromator                    'single crystal Si(111) bent' 
_diffrn_radiation.pdbx_diffrn_protocol             'SINGLE WAVELENGTH' 
_diffrn_radiation.wavelength_id                    1 
_diffrn_radiation.pdbx_scattering_type             x-ray 
# 
_diffrn_radiation_wavelength.id           1 
_diffrn_radiation_wavelength.wavelength   0.91837 
_diffrn_radiation_wavelength.wt           1.0 
# 
_diffrn_source.diffrn_id                   1 
_diffrn_source.source                      SYNCHROTRON 
_diffrn_source.pdbx_synchrotron_beamline   BL11-1 
_diffrn_source.type                        'SSRL BEAMLINE BL11-1' 
_diffrn_source.pdbx_wavelength             0.91837 
_diffrn_source.pdbx_wavelength_list        ? 
_diffrn_source.pdbx_synchrotron_site       SSRL 
# 
_reflns.entry_id                     4OBI 
_reflns.d_resolution_high            1.73 
_reflns.d_resolution_low             40.559 
_reflns.number_obs                   10218 
_reflns.pdbx_Rmerge_I_obs            0.054 
_reflns.pdbx_netI_over_sigmaI        15.250 
_reflns.percent_possible_obs         96.400 
_reflns.B_iso_Wilson_estimate        23.033 
_reflns.observed_criterion_sigma_I   -3.000 
_reflns.observed_criterion_sigma_F   ? 
_reflns.number_all                   ? 
_reflns.pdbx_Rsym_value              ? 
_reflns.pdbx_redundancy              ? 
_reflns.R_free_details               ? 
_reflns.limit_h_max                  ? 
_reflns.limit_h_min                  ? 
_reflns.limit_k_max                  ? 
_reflns.limit_k_min                  ? 
_reflns.limit_l_max                  ? 
_reflns.limit_l_min                  ? 
_reflns.observed_criterion_F_max     ? 
_reflns.observed_criterion_F_min     ? 
_reflns.pdbx_chi_squared             ? 
_reflns.pdbx_scaling_rejects         ? 
_reflns.pdbx_ordinal                 1 
_reflns.pdbx_diffrn_id               1 
# 
loop_
_reflns_shell.d_res_high 
_reflns_shell.d_res_low 
_reflns_shell.number_measured_obs 
_reflns_shell.number_measured_all 
_reflns_shell.number_unique_obs 
_reflns_shell.Rmerge_I_obs 
_reflns_shell.meanI_over_sigI_obs 
_reflns_shell.pdbx_Rsym_value 
_reflns_shell.pdbx_chi_squared 
_reflns_shell.pdbx_redundancy 
_reflns_shell.percent_possible_obs 
_reflns_shell.number_unique_all 
_reflns_shell.percent_possible_all 
_reflns_shell.pdbx_ordinal 
_reflns_shell.pdbx_diffrn_id 
1.730 1.790 2926 ? 794  0.684 1.9  ? ? ? ? ? 78.100 1  1 
1.790 1.860 3897 ? 992  0.521 2.7  ? ? ? ? ? 99.100 2  1 
1.860 1.950 4115 ? 1104 0.352 3.7  ? ? ? ? ? 98.000 3  1 
1.950 2.050 4085 ? 998  0.218 6.2  ? ? ? ? ? 99.200 4  1 
2.050 2.180 4161 ? 1047 0.167 8.1  ? ? ? ? ? 99.100 5  1 
2.180 2.350 3892 ? 1031 0.114 11.1 ? ? ? ? ? 98.100 6  1 
2.350 2.580 4111 ? 1029 0.088 14.2 ? ? ? ? ? 99.100 7  1 
2.580 2.960 4234 ? 1081 0.057 20.2 ? ? ? ? ? 99.100 8  1 
2.960 3.720 4001 ? 1035 0.030 33.7 ? ? ? ? ? 97.400 9  1 
3.720 ?     4124 ? 1143 0.024 44.4 ? ? ? ? ? 96.100 10 1 
# 
_refine.entry_id                                 4OBI 
_refine.ls_d_res_high                            1.7340 
_refine.ls_d_res_low                             40.559 
_refine.pdbx_ls_sigma_F                          0.000 
_refine.pdbx_data_cutoff_high_absF               ? 
_refine.pdbx_data_cutoff_low_absF                ? 
_refine.ls_percent_reflns_obs                    97.0000 
_refine.ls_number_reflns_obs                     10216 
_refine.ls_number_reflns_all                     ? 
_refine.pdbx_ls_cross_valid_method               THROUGHOUT 
_refine.pdbx_R_Free_selection_details            RANDOM 
_refine.details                                  
;1. HYDROGENS HAVE BEEN ADDED IN THE RIDING POSITIONS. 2. ATOM RECORDS CONTAIN SUM OF TLS AND RESIDUAL B FACTORS. 3. ANISOU RECORDS CONTAIN SUM OF TLS AND RESIDUAL U FACTORS. 4. WATERS WERE EXCLUDED FROM AUTOMATIC TLS ASSIGNMENT. 5. X-RAY FLUORESCENCE EXCITATION AND WAVELENGTH SCANS AND ANOMALOUS DIFFERENCE FOURIERS SUPPORT THE MODELING OF A ZINC (ZN) ION. 6. A TETRAETHYLENE GLYCOL (PG4) FRAGMENT FROM THE CRYOPROTECTION SOLUTION IS MODELED.
;
_refine.ls_R_factor_all                          ? 
_refine.ls_R_factor_obs                          0.1704 
_refine.ls_R_factor_R_work                       0.1690 
_refine.ls_wR_factor_R_work                      ? 
_refine.ls_R_factor_R_free                       0.1992 
_refine.ls_wR_factor_R_free                      ? 
_refine.ls_percent_reflns_R_free                 4.7000 
_refine.ls_number_reflns_R_free                  485 
_refine.ls_R_factor_R_free_error                 ? 
_refine.B_iso_mean                               29.7179 
_refine.solvent_model_param_bsol                 ? 
_refine.solvent_model_param_ksol                 ? 
_refine.pdbx_isotropic_thermal_model             ? 
_refine.aniso_B[1][1]                            -2.7800 
_refine.aniso_B[2][2]                            0.3300 
_refine.aniso_B[3][3]                            2.4500 
_refine.aniso_B[1][2]                            0.0000 
_refine.aniso_B[1][3]                            0.0000 
_refine.aniso_B[2][3]                            -0.0000 
_refine.correlation_coeff_Fo_to_Fc               0.9680 
_refine.correlation_coeff_Fo_to_Fc_free          0.9560 
_refine.overall_SU_R_Cruickshank_DPI             ? 
_refine.overall_SU_R_free                        ? 
_refine.pdbx_overall_ESU_R                       0.1040 
_refine.pdbx_overall_ESU_R_Free                  0.1010 
_refine.overall_SU_ML                            0.0700 
_refine.overall_SU_B                             3.8510 
_refine.solvent_model_details                    'BABINET MODEL WITH MASK' 
_refine.pdbx_solvent_vdw_probe_radii             1.2000 
_refine.pdbx_solvent_ion_probe_radii             0.8000 
_refine.pdbx_solvent_shrinkage_radii             0.8000 
_refine.ls_number_parameters                     ? 
_refine.ls_number_restraints                     ? 
_refine.pdbx_starting_model                      ? 
_refine.pdbx_method_to_determine_struct          'MOLECULAR REPLACEMENT' 
_refine.pdbx_stereochemistry_target_values       'MAXIMUM LIKELIHOOD' 
_refine.pdbx_stereochem_target_val_spec_case     ? 
_refine.overall_FOM_work_R_set                   ? 
_refine.B_iso_max                                96.090 
_refine.B_iso_min                                16.630 
_refine.pdbx_overall_phase_error                 ? 
_refine.occupancy_max                            1.000 
_refine.occupancy_min                            0.500 
_refine.pdbx_ls_sigma_I                          ? 
_refine.ls_redundancy_reflns_obs                 ? 
_refine.ls_R_factor_R_free_error_details         ? 
_refine.pdbx_data_cutoff_high_rms_absF           ? 
_refine.overall_FOM_free_R_set                   ? 
_refine.pdbx_diffrn_id                           1 
_refine.pdbx_refine_id                           'X-RAY DIFFRACTION' 
_refine.pdbx_TLS_residual_ADP_flag               ? 
_refine.pdbx_overall_SU_R_free_Cruickshank_DPI   ? 
_refine.pdbx_overall_SU_R_Blow_DPI               ? 
_refine.pdbx_overall_SU_R_free_Blow_DPI          ? 
# 
_refine_hist.pdbx_refine_id                   'X-RAY DIFFRACTION' 
_refine_hist.cycle_id                         LAST 
_refine_hist.pdbx_number_atoms_protein        685 
_refine_hist.pdbx_number_atoms_nucleic_acid   0 
_refine_hist.pdbx_number_atoms_ligand         9 
_refine_hist.number_atoms_solvent             79 
_refine_hist.number_atoms_total               773 
_refine_hist.d_res_high                       1.7340 
_refine_hist.d_res_low                        40.559 
# 
loop_
_refine_ls_restr.type 
_refine_ls_restr.number 
_refine_ls_restr.dev_ideal 
_refine_ls_restr.dev_ideal_target 
_refine_ls_restr.weight 
_refine_ls_restr.pdbx_restraint_function 
_refine_ls_restr.pdbx_refine_id 
r_bond_refined_d       724  0.006  0.019  ? ? 'X-RAY DIFFRACTION' 
r_bond_other_d         691  0.001  0.020  ? ? 'X-RAY DIFFRACTION' 
r_angle_refined_deg    985  1.091  1.970  ? ? 'X-RAY DIFFRACTION' 
r_angle_other_deg      1596 0.674  3.000  ? ? 'X-RAY DIFFRACTION' 
r_dihedral_angle_1_deg 92   6.134  5.000  ? ? 'X-RAY DIFFRACTION' 
r_dihedral_angle_2_deg 34   33.707 24.706 ? ? 'X-RAY DIFFRACTION' 
r_dihedral_angle_3_deg 122  9.935  15.000 ? ? 'X-RAY DIFFRACTION' 
r_dihedral_angle_4_deg 4    13.967 15.000 ? ? 'X-RAY DIFFRACTION' 
r_chiral_restr         111  0.069  0.200  ? ? 'X-RAY DIFFRACTION' 
r_gen_planes_refined   813  0.004  0.021  ? ? 'X-RAY DIFFRACTION' 
r_gen_planes_other     155  0.001  0.020  ? ? 'X-RAY DIFFRACTION' 
r_mcbond_it            353  1.343  2.501  ? ? 'X-RAY DIFFRACTION' 
r_mcbond_other         352  1.334  2.479  ? ? 'X-RAY DIFFRACTION' 
r_mcangle_it           441  2.354  4.637  ? ? 'X-RAY DIFFRACTION' 
# 
_refine_ls_shell.d_res_high                       1.7340 
_refine_ls_shell.d_res_low                        1.7790 
_refine_ls_shell.pdbx_total_number_of_bins_used   20 
_refine_ls_shell.percent_reflns_obs               78.8000 
_refine_ls_shell.number_reflns_R_work             569 
_refine_ls_shell.R_factor_all                     ? 
_refine_ls_shell.R_factor_R_work                  0.2590 
_refine_ls_shell.R_factor_R_free                  0.3250 
_refine_ls_shell.percent_reflns_R_free            ? 
_refine_ls_shell.number_reflns_R_free             22 
_refine_ls_shell.R_factor_R_free_error            ? 
_refine_ls_shell.number_reflns_all                591 
_refine_ls_shell.number_reflns_obs                ? 
_refine_ls_shell.redundancy_reflns_obs            ? 
_refine_ls_shell.pdbx_refine_id                   'X-RAY DIFFRACTION' 
# 
_struct.title                     
'Crystal structure of a DUF1312 family protein (EF3258) from Enterococcus faecalis V583 at 1.73 A resolution' 
_struct.entry_id                  4OBI 
_struct.pdbx_model_type_details   ? 
_struct.pdbx_model_details        ? 
_struct.pdbx_CASP_flag            ? 
# 
_struct_keywords.text            
;PF07009 family, DUF1312, Structural Genomics, Joint Center for Structural Genomics, JCSG, Protein Structure Initiative, PSI-BIOLOGY, UNKNOWN FUNCTION
;
_struct_keywords.pdbx_keywords   'STRUCTURAL GENOMICS, UNKNOWN FUNCTION' 
_struct_keywords.entry_id        4OBI 
# 
loop_
_struct_asym.id 
_struct_asym.pdbx_blank_PDB_chainid_flag 
_struct_asym.pdbx_modified 
_struct_asym.entity_id 
_struct_asym.details 
A N N 1 ? 
B N N 2 ? 
C N N 3 ? 
D N N 4 ? 
# 
_struct_ref.id                         1 
_struct_ref.db_name                    UNP 
_struct_ref.db_code                    Q82Z21_ENTFA 
_struct_ref.pdbx_db_accession          Q82Z21 
_struct_ref.entity_id                  1 
_struct_ref.pdbx_seq_one_letter_code   
;QNRGQEAATYQAVLKVDNKVIKVFDLKKDGPHYTYKYEAKDGDYNLIEVDGDRIRVKEANCADLVDVRRGWISKPGETPI
ACLPHNLFITVEASDGSEDGSLIY
;
_struct_ref.pdbx_align_begin           37 
_struct_ref.pdbx_db_isoform            ? 
# 
_struct_ref_seq.align_id                      1 
_struct_ref_seq.ref_id                        1 
_struct_ref_seq.pdbx_PDB_id_code              4OBI 
_struct_ref_seq.pdbx_strand_id                A 
_struct_ref_seq.seq_align_beg                 3 
_struct_ref_seq.pdbx_seq_align_beg_ins_code   ? 
_struct_ref_seq.seq_align_end                 106 
_struct_ref_seq.pdbx_seq_align_end_ins_code   ? 
_struct_ref_seq.pdbx_db_accession             Q82Z21 
_struct_ref_seq.db_align_beg                  37 
_struct_ref_seq.pdbx_db_align_beg_ins_code    ? 
_struct_ref_seq.db_align_end                  140 
_struct_ref_seq.pdbx_db_align_end_ins_code    ? 
_struct_ref_seq.pdbx_auth_seq_align_beg       37 
_struct_ref_seq.pdbx_auth_seq_align_end       140 
# 
loop_
_struct_ref_seq_dif.align_id 
_struct_ref_seq_dif.pdbx_pdb_id_code 
_struct_ref_seq_dif.mon_id 
_struct_ref_seq_dif.pdbx_pdb_strand_id 
_struct_ref_seq_dif.seq_num 
_struct_ref_seq_dif.pdbx_pdb_ins_code 
_struct_ref_seq_dif.pdbx_seq_db_name 
_struct_ref_seq_dif.pdbx_seq_db_accession_code 
_struct_ref_seq_dif.db_mon_id 
_struct_ref_seq_dif.pdbx_seq_db_seq_num 
_struct_ref_seq_dif.details 
_struct_ref_seq_dif.pdbx_auth_seq_num 
_struct_ref_seq_dif.pdbx_ordinal 
1 4OBI GLY A 1 ? UNP Q82Z21 ? ? 'expression tag' 0  1 
1 4OBI MSE A 2 ? UNP Q82Z21 ? ? 'expression tag' 36 2 
# 
_pdbx_struct_assembly.id                   1 
_pdbx_struct_assembly.details              author_and_software_defined_assembly 
_pdbx_struct_assembly.method_details       PISA 
_pdbx_struct_assembly.oligomeric_details   monomeric 
_pdbx_struct_assembly.oligomeric_count     1 
# 
_pdbx_struct_assembly_gen.assembly_id       1 
_pdbx_struct_assembly_gen.oper_expression   1 
_pdbx_struct_assembly_gen.asym_id_list      A,B,C,D 
# 
_pdbx_struct_oper_list.id                   1 
_pdbx_struct_oper_list.type                 'identity operation' 
_pdbx_struct_oper_list.name                 1_555 
_pdbx_struct_oper_list.symmetry_operation   x,y,z 
_pdbx_struct_oper_list.matrix[1][1]         1.0000000000 
_pdbx_struct_oper_list.matrix[1][2]         0.0000000000 
_pdbx_struct_oper_list.matrix[1][3]         0.0000000000 
_pdbx_struct_oper_list.vector[1]            0.0000000000 
_pdbx_struct_oper_list.matrix[2][1]         0.0000000000 
_pdbx_struct_oper_list.matrix[2][2]         1.0000000000 
_pdbx_struct_oper_list.matrix[2][3]         0.0000000000 
_pdbx_struct_oper_list.vector[2]            0.0000000000 
_pdbx_struct_oper_list.matrix[3][1]         0.0000000000 
_pdbx_struct_oper_list.matrix[3][2]         0.0000000000 
_pdbx_struct_oper_list.matrix[3][3]         1.0000000000 
_pdbx_struct_oper_list.vector[3]            0.0000000000 
# 
_struct_biol.id        1 
_struct_biol.details   ? 
# 
loop_
_struct_conf.conf_type_id 
_struct_conf.id 
_struct_conf.pdbx_PDB_helix_id 
_struct_conf.beg_label_comp_id 
_struct_conf.beg_label_asym_id 
_struct_conf.beg_label_seq_id 
_struct_conf.pdbx_beg_PDB_ins_code 
_struct_conf.end_label_comp_id 
_struct_conf.end_label_asym_id 
_struct_conf.end_label_seq_id 
_struct_conf.pdbx_end_PDB_ins_code 
_struct_conf.beg_auth_comp_id 
_struct_conf.beg_auth_asym_id 
_struct_conf.beg_auth_seq_id 
_struct_conf.end_auth_comp_id 
_struct_conf.end_auth_asym_id 
_struct_conf.end_auth_seq_id 
_struct_conf.pdbx_PDB_helix_class 
_struct_conf.details 
_struct_conf.pdbx_PDB_helix_length 
HELX_P HELX_P1 1 LEU A 66 ? GLY A 72 ? LEU A 100 GLY A 106 1 ? 7 
HELX_P HELX_P2 2 LEU A 85 ? HIS A 87 ? LEU A 119 HIS A 121 5 ? 3 
# 
_struct_conf_type.id          HELX_P 
_struct_conf_type.criteria    ? 
_struct_conf_type.reference   ? 
# 
loop_
_struct_conn.id 
_struct_conn.conn_type_id 
_struct_conn.pdbx_leaving_atom_flag 
_struct_conn.pdbx_PDB_id 
_struct_conn.ptnr1_label_asym_id 
_struct_conn.ptnr1_label_comp_id 
_struct_conn.ptnr1_label_seq_id 
_struct_conn.ptnr1_label_atom_id 
_struct_conn.pdbx_ptnr1_label_alt_id 
_struct_conn.pdbx_ptnr1_PDB_ins_code 
_struct_conn.pdbx_ptnr1_standard_comp_id 
_struct_conn.ptnr1_symmetry 
_struct_conn.ptnr2_label_asym_id 
_struct_conn.ptnr2_label_comp_id 
_struct_conn.ptnr2_label_seq_id 
_struct_conn.ptnr2_label_atom_id 
_struct_conn.pdbx_ptnr2_label_alt_id 
_struct_conn.pdbx_ptnr2_PDB_ins_code 
_struct_conn.ptnr1_auth_asym_id 
_struct_conn.ptnr1_auth_comp_id 
_struct_conn.ptnr1_auth_seq_id 
_struct_conn.ptnr2_auth_asym_id 
_struct_conn.ptnr2_auth_comp_id 
_struct_conn.ptnr2_auth_seq_id 
_struct_conn.ptnr2_symmetry 
_struct_conn.pdbx_ptnr3_label_atom_id 
_struct_conn.pdbx_ptnr3_label_seq_id 
_struct_conn.pdbx_ptnr3_label_comp_id 
_struct_conn.pdbx_ptnr3_label_asym_id 
_struct_conn.pdbx_ptnr3_label_alt_id 
_struct_conn.pdbx_ptnr3_PDB_ins_code 
_struct_conn.details 
_struct_conn.pdbx_dist_value 
_struct_conn.pdbx_value_order 
_struct_conn.pdbx_role 
metalc1 metalc ? ? A CYS 63 SG  ? ? ? 1_555 C ZN  . ZN ? ? A CYS 97  A ZN  201 1_555 ? ? ? ? ? ? ? 2.266 ? ? 
metalc2 metalc ? ? A ASP 68 OD1 ? ? ? 1_555 C ZN  . ZN ? ? A ASP 102 A ZN  201 1_555 ? ? ? ? ? ? ? 2.020 ? ? 
metalc3 metalc ? ? A CYS 84 SG  ? ? ? 1_555 C ZN  . ZN ? ? A CYS 118 A ZN  201 1_555 ? ? ? ? ? ? ? 2.279 ? ? 
metalc4 metalc ? ? C ZN  .  ZN  ? ? ? 1_555 D HOH . O  ? ? A ZN  201 A HOH 301 1_555 ? ? ? ? ? ? ? 1.979 ? ? 
# 
_struct_conn_type.id          metalc 
_struct_conn_type.criteria    ? 
_struct_conn_type.reference   ? 
# 
loop_
_pdbx_struct_conn_angle.id 
_pdbx_struct_conn_angle.ptnr1_label_atom_id 
_pdbx_struct_conn_angle.ptnr1_label_alt_id 
_pdbx_struct_conn_angle.ptnr1_label_asym_id 
_pdbx_struct_conn_angle.ptnr1_label_comp_id 
_pdbx_struct_conn_angle.ptnr1_label_seq_id 
_pdbx_struct_conn_angle.ptnr1_auth_atom_id 
_pdbx_struct_conn_angle.ptnr1_auth_asym_id 
_pdbx_struct_conn_angle.ptnr1_auth_comp_id 
_pdbx_struct_conn_angle.ptnr1_auth_seq_id 
_pdbx_struct_conn_angle.ptnr1_PDB_ins_code 
_pdbx_struct_conn_angle.ptnr1_symmetry 
_pdbx_struct_conn_angle.ptnr2_label_atom_id 
_pdbx_struct_conn_angle.ptnr2_label_alt_id 
_pdbx_struct_conn_angle.ptnr2_label_asym_id 
_pdbx_struct_conn_angle.ptnr2_label_comp_id 
_pdbx_struct_conn_angle.ptnr2_label_seq_id 
_pdbx_struct_conn_angle.ptnr2_auth_atom_id 
_pdbx_struct_conn_angle.ptnr2_auth_asym_id 
_pdbx_struct_conn_angle.ptnr2_auth_comp_id 
_pdbx_struct_conn_angle.ptnr2_auth_seq_id 
_pdbx_struct_conn_angle.ptnr2_PDB_ins_code 
_pdbx_struct_conn_angle.ptnr2_symmetry 
_pdbx_struct_conn_angle.ptnr3_label_atom_id 
_pdbx_struct_conn_angle.ptnr3_label_alt_id 
_pdbx_struct_conn_angle.ptnr3_label_asym_id 
_pdbx_struct_conn_angle.ptnr3_label_comp_id 
_pdbx_struct_conn_angle.ptnr3_label_seq_id 
_pdbx_struct_conn_angle.ptnr3_auth_atom_id 
_pdbx_struct_conn_angle.ptnr3_auth_asym_id 
_pdbx_struct_conn_angle.ptnr3_auth_comp_id 
_pdbx_struct_conn_angle.ptnr3_auth_seq_id 
_pdbx_struct_conn_angle.ptnr3_PDB_ins_code 
_pdbx_struct_conn_angle.ptnr3_symmetry 
_pdbx_struct_conn_angle.value 
_pdbx_struct_conn_angle.value_esd 
1 SG  ? A CYS 63 ? A CYS 97  ? 1_555 ZN ? C ZN . ? A ZN 201 ? 1_555 OD1 ? A ASP 68 ? A ASP 102 ? 1_555 110.4 ? 
2 SG  ? A CYS 63 ? A CYS 97  ? 1_555 ZN ? C ZN . ? A ZN 201 ? 1_555 SG  ? A CYS 84 ? A CYS 118 ? 1_555 117.8 ? 
3 OD1 ? A ASP 68 ? A ASP 102 ? 1_555 ZN ? C ZN . ? A ZN 201 ? 1_555 SG  ? A CYS 84 ? A CYS 118 ? 1_555 116.3 ? 
4 SG  ? A CYS 63 ? A CYS 97  ? 1_555 ZN ? C ZN . ? A ZN 201 ? 1_555 O   ? D HOH .  ? A HOH 301 ? 1_555 102.8 ? 
5 OD1 ? A ASP 68 ? A ASP 102 ? 1_555 ZN ? C ZN . ? A ZN 201 ? 1_555 O   ? D HOH .  ? A HOH 301 ? 1_555 94.4  ? 
6 SG  ? A CYS 84 ? A CYS 118 ? 1_555 ZN ? C ZN . ? A ZN 201 ? 1_555 O   ? D HOH .  ? A HOH 301 ? 1_555 111.9 ? 
# 
loop_
_struct_sheet.id 
_struct_sheet.type 
_struct_sheet.number_strands 
_struct_sheet.details 
A ? 4 ? 
B ? 3 ? 
# 
loop_
_struct_sheet_order.sheet_id 
_struct_sheet_order.range_id_1 
_struct_sheet_order.range_id_2 
_struct_sheet_order.offset 
_struct_sheet_order.sense 
A 1 2 ? anti-parallel 
A 2 3 ? anti-parallel 
A 3 4 ? anti-parallel 
B 1 2 ? anti-parallel 
B 2 3 ? anti-parallel 
# 
loop_
_struct_sheet_range.sheet_id 
_struct_sheet_range.id 
_struct_sheet_range.beg_label_comp_id 
_struct_sheet_range.beg_label_asym_id 
_struct_sheet_range.beg_label_seq_id 
_struct_sheet_range.pdbx_beg_PDB_ins_code 
_struct_sheet_range.end_label_comp_id 
_struct_sheet_range.end_label_asym_id 
_struct_sheet_range.end_label_seq_id 
_struct_sheet_range.pdbx_end_PDB_ins_code 
_struct_sheet_range.beg_auth_comp_id 
_struct_sheet_range.beg_auth_asym_id 
_struct_sheet_range.beg_auth_seq_id 
_struct_sheet_range.end_auth_comp_id 
_struct_sheet_range.end_auth_asym_id 
_struct_sheet_range.end_auth_seq_id 
A 1 LYS A 21 ? LEU A 28 ? LYS A 55  LEU A 62  
A 2 TYR A 12 ? VAL A 18 ? TYR A 46  VAL A 52  
A 3 LEU A 89 ? ALA A 95 ? LEU A 123 ALA A 129 
A 4 ILE A 82 ? CYS A 84 ? ILE A 116 CYS A 118 
B 1 HIS A 34 ? GLU A 40 ? HIS A 68  GLU A 74  
B 2 TYR A 46 ? ASP A 52 ? TYR A 80  ASP A 86  
B 3 ARG A 55 ? ALA A 61 ? ARG A 89  ALA A 95  
# 
loop_
_pdbx_struct_sheet_hbond.sheet_id 
_pdbx_struct_sheet_hbond.range_id_1 
_pdbx_struct_sheet_hbond.range_id_2 
_pdbx_struct_sheet_hbond.range_1_label_atom_id 
_pdbx_struct_sheet_hbond.range_1_label_comp_id 
_pdbx_struct_sheet_hbond.range_1_label_asym_id 
_pdbx_struct_sheet_hbond.range_1_label_seq_id 
_pdbx_struct_sheet_hbond.range_1_PDB_ins_code 
_pdbx_struct_sheet_hbond.range_1_auth_atom_id 
_pdbx_struct_sheet_hbond.range_1_auth_comp_id 
_pdbx_struct_sheet_hbond.range_1_auth_asym_id 
_pdbx_struct_sheet_hbond.range_1_auth_seq_id 
_pdbx_struct_sheet_hbond.range_2_label_atom_id 
_pdbx_struct_sheet_hbond.range_2_label_comp_id 
_pdbx_struct_sheet_hbond.range_2_label_asym_id 
_pdbx_struct_sheet_hbond.range_2_label_seq_id 
_pdbx_struct_sheet_hbond.range_2_PDB_ins_code 
_pdbx_struct_sheet_hbond.range_2_auth_atom_id 
_pdbx_struct_sheet_hbond.range_2_auth_comp_id 
_pdbx_struct_sheet_hbond.range_2_auth_asym_id 
_pdbx_struct_sheet_hbond.range_2_auth_seq_id 
A 1 2 O PHE A 26 ? O PHE A 60  N ALA A 14 ? N ALA A 48  
A 2 3 N VAL A 15 ? N VAL A 49  O THR A 92 ? O THR A 126 
A 3 4 O LEU A 89 ? O LEU A 123 N CYS A 84 ? N CYS A 118 
B 1 2 N TYR A 37 ? N TYR A 71  O ILE A 49 ? O ILE A 83  
B 2 3 N LEU A 48 ? N LEU A 82  O GLU A 60 ? O GLU A 94  
# 
loop_
_struct_site.id 
_struct_site.pdbx_evidence_code 
_struct_site.pdbx_auth_asym_id 
_struct_site.pdbx_auth_comp_id 
_struct_site.pdbx_auth_seq_id 
_struct_site.pdbx_auth_ins_code 
_struct_site.pdbx_num_residues 
_struct_site.details 
AC1 Software A PG4 200 ? 6 'BINDING SITE FOR RESIDUE PG4 A 200' 
AC2 Software A ZN  201 ? 4 'BINDING SITE FOR RESIDUE ZN A 201'  
# 
loop_
_struct_site_gen.id 
_struct_site_gen.site_id 
_struct_site_gen.pdbx_num_res 
_struct_site_gen.label_comp_id 
_struct_site_gen.label_asym_id 
_struct_site_gen.label_seq_id 
_struct_site_gen.pdbx_auth_ins_code 
_struct_site_gen.auth_comp_id 
_struct_site_gen.auth_asym_id 
_struct_site_gen.auth_seq_id 
_struct_site_gen.label_atom_id 
_struct_site_gen.label_alt_id 
_struct_site_gen.symmetry 
_struct_site_gen.details 
1  AC1 6 LYS A 17 ? LYS A 51  . ? 1_555 ? 
2  AC1 6 ASP A 65 ? ASP A 99  . ? 1_655 ? 
3  AC1 6 ARG A 70 ? ARG A 104 . ? 1_655 ? 
4  AC1 6 THR A 92 ? THR A 126 . ? 1_555 ? 
5  AC1 6 HOH D .  ? HOH A 314 . ? 1_555 ? 
6  AC1 6 HOH D .  ? HOH A 335 . ? 1_655 ? 
7  AC2 4 CYS A 63 ? CYS A 97  . ? 1_555 ? 
8  AC2 4 ASP A 68 ? ASP A 102 . ? 1_555 ? 
9  AC2 4 CYS A 84 ? CYS A 118 . ? 1_555 ? 
10 AC2 4 HOH D .  ? HOH A 301 . ? 1_555 ? 
# 
_pdbx_entry_details.nonpolymer_details         ? 
_pdbx_entry_details.sequence_details           
;THIS CONSTRUCT WAS EXPRESSED WITH AN N-TERMINAL PURIFICATION TAG MGSDKIHHHHHHENLYFQG. THE TAG WAS REMOVED WITH TEV PROTEASE LEAVING ONLY A GLYCINE (0) FOLLOWED BY RESIDUES 36-140 OF THE TARGET SEQUENCE.
;
_pdbx_entry_details.compound_details           ? 
_pdbx_entry_details.source_details             ? 
_pdbx_entry_details.entry_id                   4OBI 
_pdbx_entry_details.has_ligand_of_interest     ? 
_pdbx_entry_details.has_protein_modification   N 
# 
loop_
_pdbx_validate_torsion.id 
_pdbx_validate_torsion.PDB_model_num 
_pdbx_validate_torsion.auth_comp_id 
_pdbx_validate_torsion.auth_asym_id 
_pdbx_validate_torsion.auth_seq_id 
_pdbx_validate_torsion.PDB_ins_code 
_pdbx_validate_torsion.label_alt_id 
_pdbx_validate_torsion.phi 
_pdbx_validate_torsion.psi 
1 1 SER A 109 ? ? -152.25 -12.03 
2 1 SER A 130 ? ? -68.09  3.59   
# 
_pdbx_SG_project.project_name          'PSI, Protein Structure Initiative' 
_pdbx_SG_project.full_name_of_center   'Joint Center for Structural Genomics' 
_pdbx_SG_project.id                    1 
_pdbx_SG_project.initial_of_center     JCSG 
# 
_pdbx_refine_tls.pdbx_refine_id   'X-RAY DIFFRACTION' 
_pdbx_refine_tls.id               1 
_pdbx_refine_tls.details          ? 
_pdbx_refine_tls.method           refined 
_pdbx_refine_tls.origin_x         0.3470 
_pdbx_refine_tls.origin_y         -0.1661 
_pdbx_refine_tls.origin_z         0.3127 
_pdbx_refine_tls.T[1][1]          0.1247 
_pdbx_refine_tls.T[2][2]          0.0496 
_pdbx_refine_tls.T[3][3]          0.1297 
_pdbx_refine_tls.T[1][2]          -0.0052 
_pdbx_refine_tls.T[1][3]          0.0587 
_pdbx_refine_tls.T[2][3]          0.0547 
_pdbx_refine_tls.L[1][1]          3.4161 
_pdbx_refine_tls.L[2][2]          2.2417 
_pdbx_refine_tls.L[3][3]          3.2368 
_pdbx_refine_tls.L[1][2]          0.7345 
_pdbx_refine_tls.L[1][3]          -0.2364 
_pdbx_refine_tls.L[2][3]          0.2658 
_pdbx_refine_tls.S[1][1]          -0.0787 
_pdbx_refine_tls.S[2][2]          -0.0057 
_pdbx_refine_tls.S[3][3]          0.0845 
_pdbx_refine_tls.S[1][2]          -0.0204 
_pdbx_refine_tls.S[1][3]          -0.2636 
_pdbx_refine_tls.S[2][3]          0.0056 
_pdbx_refine_tls.S[2][1]          0.0418 
_pdbx_refine_tls.S[3][1]          0.2808 
_pdbx_refine_tls.S[3][2]          0.0162 
# 
_pdbx_refine_tls_group.pdbx_refine_id      'X-RAY DIFFRACTION' 
_pdbx_refine_tls_group.id                  1 
_pdbx_refine_tls_group.refine_tls_id       1 
_pdbx_refine_tls_group.beg_auth_asym_id    A 
_pdbx_refine_tls_group.beg_auth_seq_id     45 
_pdbx_refine_tls_group.end_auth_asym_id    A 
_pdbx_refine_tls_group.end_auth_seq_id     131 
_pdbx_refine_tls_group.selection_details   ? 
_pdbx_refine_tls_group.beg_label_asym_id   . 
_pdbx_refine_tls_group.beg_label_seq_id    . 
_pdbx_refine_tls_group.end_label_asym_id   . 
_pdbx_refine_tls_group.end_label_seq_id    . 
_pdbx_refine_tls_group.selection           ? 
# 
_phasing.method   MR 
# 
loop_
_pdbx_unobs_or_zero_occ_residues.id 
_pdbx_unobs_or_zero_occ_residues.PDB_model_num 
_pdbx_unobs_or_zero_occ_residues.polymer_flag 
_pdbx_unobs_or_zero_occ_residues.occupancy_flag 
_pdbx_unobs_or_zero_occ_residues.auth_asym_id 
_pdbx_unobs_or_zero_occ_residues.auth_comp_id 
_pdbx_unobs_or_zero_occ_residues.auth_seq_id 
_pdbx_unobs_or_zero_occ_residues.PDB_ins_code 
_pdbx_unobs_or_zero_occ_residues.label_asym_id 
_pdbx_unobs_or_zero_occ_residues.label_comp_id 
_pdbx_unobs_or_zero_occ_residues.label_seq_id 
1  1 Y 1 A GLY 0   ? A GLY 1   
2  1 Y 1 A MSE 36  ? A MSE 2   
3  1 Y 1 A GLN 37  ? A GLN 3   
4  1 Y 1 A ASN 38  ? A ASN 4   
5  1 Y 1 A ARG 39  ? A ARG 5   
6  1 Y 1 A GLY 40  ? A GLY 6   
7  1 Y 1 A GLN 41  ? A GLN 7   
8  1 Y 1 A GLU 42  ? A GLU 8   
9  1 Y 1 A ALA 43  ? A ALA 9   
10 1 Y 1 A ALA 44  ? A ALA 10  
11 1 Y 1 A GLY 132 ? A GLY 98  
12 1 Y 1 A SER 133 ? A SER 99  
13 1 Y 1 A GLU 134 ? A GLU 100 
14 1 Y 1 A ASP 135 ? A ASP 101 
15 1 Y 1 A GLY 136 ? A GLY 102 
16 1 Y 1 A SER 137 ? A SER 103 
17 1 Y 1 A LEU 138 ? A LEU 104 
18 1 Y 1 A ILE 139 ? A ILE 105 
19 1 Y 1 A TYR 140 ? A TYR 106 
# 
loop_
_chem_comp_atom.comp_id 
_chem_comp_atom.atom_id 
_chem_comp_atom.type_symbol 
_chem_comp_atom.pdbx_aromatic_flag 
_chem_comp_atom.pdbx_stereo_config 
_chem_comp_atom.pdbx_ordinal 
ALA N    N  N N 1   
ALA CA   C  N S 2   
ALA C    C  N N 3   
ALA O    O  N N 4   
ALA CB   C  N N 5   
ALA OXT  O  N N 6   
ALA H    H  N N 7   
ALA H2   H  N N 8   
ALA HA   H  N N 9   
ALA HB1  H  N N 10  
ALA HB2  H  N N 11  
ALA HB3  H  N N 12  
ALA HXT  H  N N 13  
ARG N    N  N N 14  
ARG CA   C  N S 15  
ARG C    C  N N 16  
ARG O    O  N N 17  
ARG CB   C  N N 18  
ARG CG   C  N N 19  
ARG CD   C  N N 20  
ARG NE   N  N N 21  
ARG CZ   C  N N 22  
ARG NH1  N  N N 23  
ARG NH2  N  N N 24  
ARG OXT  O  N N 25  
ARG H    H  N N 26  
ARG H2   H  N N 27  
ARG HA   H  N N 28  
ARG HB2  H  N N 29  
ARG HB3  H  N N 30  
ARG HG2  H  N N 31  
ARG HG3  H  N N 32  
ARG HD2  H  N N 33  
ARG HD3  H  N N 34  
ARG HE   H  N N 35  
ARG HH11 H  N N 36  
ARG HH12 H  N N 37  
ARG HH21 H  N N 38  
ARG HH22 H  N N 39  
ARG HXT  H  N N 40  
ASN N    N  N N 41  
ASN CA   C  N S 42  
ASN C    C  N N 43  
ASN O    O  N N 44  
ASN CB   C  N N 45  
ASN CG   C  N N 46  
ASN OD1  O  N N 47  
ASN ND2  N  N N 48  
ASN OXT  O  N N 49  
ASN H    H  N N 50  
ASN H2   H  N N 51  
ASN HA   H  N N 52  
ASN HB2  H  N N 53  
ASN HB3  H  N N 54  
ASN HD21 H  N N 55  
ASN HD22 H  N N 56  
ASN HXT  H  N N 57  
ASP N    N  N N 58  
ASP CA   C  N S 59  
ASP C    C  N N 60  
ASP O    O  N N 61  
ASP CB   C  N N 62  
ASP CG   C  N N 63  
ASP OD1  O  N N 64  
ASP OD2  O  N N 65  
ASP OXT  O  N N 66  
ASP H    H  N N 67  
ASP H2   H  N N 68  
ASP HA   H  N N 69  
ASP HB2  H  N N 70  
ASP HB3  H  N N 71  
ASP HD2  H  N N 72  
ASP HXT  H  N N 73  
CYS N    N  N N 74  
CYS CA   C  N R 75  
CYS C    C  N N 76  
CYS O    O  N N 77  
CYS CB   C  N N 78  
CYS SG   S  N N 79  
CYS OXT  O  N N 80  
CYS H    H  N N 81  
CYS H2   H  N N 82  
CYS HA   H  N N 83  
CYS HB2  H  N N 84  
CYS HB3  H  N N 85  
CYS HG   H  N N 86  
CYS HXT  H  N N 87  
GLN N    N  N N 88  
GLN CA   C  N S 89  
GLN C    C  N N 90  
GLN O    O  N N 91  
GLN CB   C  N N 92  
GLN CG   C  N N 93  
GLN CD   C  N N 94  
GLN OE1  O  N N 95  
GLN NE2  N  N N 96  
GLN OXT  O  N N 97  
GLN H    H  N N 98  
GLN H2   H  N N 99  
GLN HA   H  N N 100 
GLN HB2  H  N N 101 
GLN HB3  H  N N 102 
GLN HG2  H  N N 103 
GLN HG3  H  N N 104 
GLN HE21 H  N N 105 
GLN HE22 H  N N 106 
GLN HXT  H  N N 107 
GLU N    N  N N 108 
GLU CA   C  N S 109 
GLU C    C  N N 110 
GLU O    O  N N 111 
GLU CB   C  N N 112 
GLU CG   C  N N 113 
GLU CD   C  N N 114 
GLU OE1  O  N N 115 
GLU OE2  O  N N 116 
GLU OXT  O  N N 117 
GLU H    H  N N 118 
GLU H2   H  N N 119 
GLU HA   H  N N 120 
GLU HB2  H  N N 121 
GLU HB3  H  N N 122 
GLU HG2  H  N N 123 
GLU HG3  H  N N 124 
GLU HE2  H  N N 125 
GLU HXT  H  N N 126 
GLY N    N  N N 127 
GLY CA   C  N N 128 
GLY C    C  N N 129 
GLY O    O  N N 130 
GLY OXT  O  N N 131 
GLY H    H  N N 132 
GLY H2   H  N N 133 
GLY HA2  H  N N 134 
GLY HA3  H  N N 135 
GLY HXT  H  N N 136 
HIS N    N  N N 137 
HIS CA   C  N S 138 
HIS C    C  N N 139 
HIS O    O  N N 140 
HIS CB   C  N N 141 
HIS CG   C  Y N 142 
HIS ND1  N  Y N 143 
HIS CD2  C  Y N 144 
HIS CE1  C  Y N 145 
HIS NE2  N  Y N 146 
HIS OXT  O  N N 147 
HIS H    H  N N 148 
HIS H2   H  N N 149 
HIS HA   H  N N 150 
HIS HB2  H  N N 151 
HIS HB3  H  N N 152 
HIS HD1  H  N N 153 
HIS HD2  H  N N 154 
HIS HE1  H  N N 155 
HIS HE2  H  N N 156 
HIS HXT  H  N N 157 
HOH O    O  N N 158 
HOH H1   H  N N 159 
HOH H2   H  N N 160 
ILE N    N  N N 161 
ILE CA   C  N S 162 
ILE C    C  N N 163 
ILE O    O  N N 164 
ILE CB   C  N S 165 
ILE CG1  C  N N 166 
ILE CG2  C  N N 167 
ILE CD1  C  N N 168 
ILE OXT  O  N N 169 
ILE H    H  N N 170 
ILE H2   H  N N 171 
ILE HA   H  N N 172 
ILE HB   H  N N 173 
ILE HG12 H  N N 174 
ILE HG13 H  N N 175 
ILE HG21 H  N N 176 
ILE HG22 H  N N 177 
ILE HG23 H  N N 178 
ILE HD11 H  N N 179 
ILE HD12 H  N N 180 
ILE HD13 H  N N 181 
ILE HXT  H  N N 182 
LEU N    N  N N 183 
LEU CA   C  N S 184 
LEU C    C  N N 185 
LEU O    O  N N 186 
LEU CB   C  N N 187 
LEU CG   C  N N 188 
LEU CD1  C  N N 189 
LEU CD2  C  N N 190 
LEU OXT  O  N N 191 
LEU H    H  N N 192 
LEU H2   H  N N 193 
LEU HA   H  N N 194 
LEU HB2  H  N N 195 
LEU HB3  H  N N 196 
LEU HG   H  N N 197 
LEU HD11 H  N N 198 
LEU HD12 H  N N 199 
LEU HD13 H  N N 200 
LEU HD21 H  N N 201 
LEU HD22 H  N N 202 
LEU HD23 H  N N 203 
LEU HXT  H  N N 204 
LYS N    N  N N 205 
LYS CA   C  N S 206 
LYS C    C  N N 207 
LYS O    O  N N 208 
LYS CB   C  N N 209 
LYS CG   C  N N 210 
LYS CD   C  N N 211 
LYS CE   C  N N 212 
LYS NZ   N  N N 213 
LYS OXT  O  N N 214 
LYS H    H  N N 215 
LYS H2   H  N N 216 
LYS HA   H  N N 217 
LYS HB2  H  N N 218 
LYS HB3  H  N N 219 
LYS HG2  H  N N 220 
LYS HG3  H  N N 221 
LYS HD2  H  N N 222 
LYS HD3  H  N N 223 
LYS HE2  H  N N 224 
LYS HE3  H  N N 225 
LYS HZ1  H  N N 226 
LYS HZ2  H  N N 227 
LYS HZ3  H  N N 228 
LYS HXT  H  N N 229 
MSE N    N  N N 230 
MSE CA   C  N S 231 
MSE C    C  N N 232 
MSE O    O  N N 233 
MSE OXT  O  N N 234 
MSE CB   C  N N 235 
MSE CG   C  N N 236 
MSE SE   SE N N 237 
MSE CE   C  N N 238 
MSE H    H  N N 239 
MSE H2   H  N N 240 
MSE HA   H  N N 241 
MSE HXT  H  N N 242 
MSE HB2  H  N N 243 
MSE HB3  H  N N 244 
MSE HG2  H  N N 245 
MSE HG3  H  N N 246 
MSE HE1  H  N N 247 
MSE HE2  H  N N 248 
MSE HE3  H  N N 249 
PG4 O1   O  N N 250 
PG4 C1   C  N N 251 
PG4 C2   C  N N 252 
PG4 O2   O  N N 253 
PG4 C3   C  N N 254 
PG4 C4   C  N N 255 
PG4 O3   O  N N 256 
PG4 C5   C  N N 257 
PG4 C6   C  N N 258 
PG4 O4   O  N N 259 
PG4 C7   C  N N 260 
PG4 C8   C  N N 261 
PG4 O5   O  N N 262 
PG4 HO1  H  N N 263 
PG4 H11  H  N N 264 
PG4 H12  H  N N 265 
PG4 H21  H  N N 266 
PG4 H22  H  N N 267 
PG4 H31  H  N N 268 
PG4 H32  H  N N 269 
PG4 H41  H  N N 270 
PG4 H42  H  N N 271 
PG4 H51  H  N N 272 
PG4 H52  H  N N 273 
PG4 H61  H  N N 274 
PG4 H62  H  N N 275 
PG4 H71  H  N N 276 
PG4 H72  H  N N 277 
PG4 H81  H  N N 278 
PG4 H82  H  N N 279 
PG4 HO5  H  N N 280 
PHE N    N  N N 281 
PHE CA   C  N S 282 
PHE C    C  N N 283 
PHE O    O  N N 284 
PHE CB   C  N N 285 
PHE CG   C  Y N 286 
PHE CD1  C  Y N 287 
PHE CD2  C  Y N 288 
PHE CE1  C  Y N 289 
PHE CE2  C  Y N 290 
PHE CZ   C  Y N 291 
PHE OXT  O  N N 292 
PHE H    H  N N 293 
PHE H2   H  N N 294 
PHE HA   H  N N 295 
PHE HB2  H  N N 296 
PHE HB3  H  N N 297 
PHE HD1  H  N N 298 
PHE HD2  H  N N 299 
PHE HE1  H  N N 300 
PHE HE2  H  N N 301 
PHE HZ   H  N N 302 
PHE HXT  H  N N 303 
PRO N    N  N N 304 
PRO CA   C  N S 305 
PRO C    C  N N 306 
PRO O    O  N N 307 
PRO CB   C  N N 308 
PRO CG   C  N N 309 
PRO CD   C  N N 310 
PRO OXT  O  N N 311 
PRO H    H  N N 312 
PRO HA   H  N N 313 
PRO HB2  H  N N 314 
PRO HB3  H  N N 315 
PRO HG2  H  N N 316 
PRO HG3  H  N N 317 
PRO HD2  H  N N 318 
PRO HD3  H  N N 319 
PRO HXT  H  N N 320 
SER N    N  N N 321 
SER CA   C  N S 322 
SER C    C  N N 323 
SER O    O  N N 324 
SER CB   C  N N 325 
SER OG   O  N N 326 
SER OXT  O  N N 327 
SER H    H  N N 328 
SER H2   H  N N 329 
SER HA   H  N N 330 
SER HB2  H  N N 331 
SER HB3  H  N N 332 
SER HG   H  N N 333 
SER HXT  H  N N 334 
THR N    N  N N 335 
THR CA   C  N S 336 
THR C    C  N N 337 
THR O    O  N N 338 
THR CB   C  N R 339 
THR OG1  O  N N 340 
THR CG2  C  N N 341 
THR OXT  O  N N 342 
THR H    H  N N 343 
THR H2   H  N N 344 
THR HA   H  N N 345 
THR HB   H  N N 346 
THR HG1  H  N N 347 
THR HG21 H  N N 348 
THR HG22 H  N N 349 
THR HG23 H  N N 350 
THR HXT  H  N N 351 
TRP N    N  N N 352 
TRP CA   C  N S 353 
TRP C    C  N N 354 
TRP O    O  N N 355 
TRP CB   C  N N 356 
TRP CG   C  Y N 357 
TRP CD1  C  Y N 358 
TRP CD2  C  Y N 359 
TRP NE1  N  Y N 360 
TRP CE2  C  Y N 361 
TRP CE3  C  Y N 362 
TRP CZ2  C  Y N 363 
TRP CZ3  C  Y N 364 
TRP CH2  C  Y N 365 
TRP OXT  O  N N 366 
TRP H    H  N N 367 
TRP H2   H  N N 368 
TRP HA   H  N N 369 
TRP HB2  H  N N 370 
TRP HB3  H  N N 371 
TRP HD1  H  N N 372 
TRP HE1  H  N N 373 
TRP HE3  H  N N 374 
TRP HZ2  H  N N 375 
TRP HZ3  H  N N 376 
TRP HH2  H  N N 377 
TRP HXT  H  N N 378 
TYR N    N  N N 379 
TYR CA   C  N S 380 
TYR C    C  N N 381 
TYR O    O  N N 382 
TYR CB   C  N N 383 
TYR CG   C  Y N 384 
TYR CD1  C  Y N 385 
TYR CD2  C  Y N 386 
TYR CE1  C  Y N 387 
TYR CE2  C  Y N 388 
TYR CZ   C  Y N 389 
TYR OH   O  N N 390 
TYR OXT  O  N N 391 
TYR H    H  N N 392 
TYR H2   H  N N 393 
TYR HA   H  N N 394 
TYR HB2  H  N N 395 
TYR HB3  H  N N 396 
TYR HD1  H  N N 397 
TYR HD2  H  N N 398 
TYR HE1  H  N N 399 
TYR HE2  H  N N 400 
TYR HH   H  N N 401 
TYR HXT  H  N N 402 
VAL N    N  N N 403 
VAL CA   C  N S 404 
VAL C    C  N N 405 
VAL O    O  N N 406 
VAL CB   C  N N 407 
VAL CG1  C  N N 408 
VAL CG2  C  N N 409 
VAL OXT  O  N N 410 
VAL H    H  N N 411 
VAL H2   H  N N 412 
VAL HA   H  N N 413 
VAL HB   H  N N 414 
VAL HG11 H  N N 415 
VAL HG12 H  N N 416 
VAL HG13 H  N N 417 
VAL HG21 H  N N 418 
VAL HG22 H  N N 419 
VAL HG23 H  N N 420 
VAL HXT  H  N N 421 
ZN  ZN   ZN N N 422 
# 
loop_
_chem_comp_bond.comp_id 
_chem_comp_bond.atom_id_1 
_chem_comp_bond.atom_id_2 
_chem_comp_bond.value_order 
_chem_comp_bond.pdbx_aromatic_flag 
_chem_comp_bond.pdbx_stereo_config 
_chem_comp_bond.pdbx_ordinal 
ALA N   CA   sing N N 1   
ALA N   H    sing N N 2   
ALA N   H2   sing N N 3   
ALA CA  C    sing N N 4   
ALA CA  CB   sing N N 5   
ALA CA  HA   sing N N 6   
ALA C   O    doub N N 7   
ALA C   OXT  sing N N 8   
ALA CB  HB1  sing N N 9   
ALA CB  HB2  sing N N 10  
ALA CB  HB3  sing N N 11  
ALA OXT HXT  sing N N 12  
ARG N   CA   sing N N 13  
ARG N   H    sing N N 14  
ARG N   H2   sing N N 15  
ARG CA  C    sing N N 16  
ARG CA  CB   sing N N 17  
ARG CA  HA   sing N N 18  
ARG C   O    doub N N 19  
ARG C   OXT  sing N N 20  
ARG CB  CG   sing N N 21  
ARG CB  HB2  sing N N 22  
ARG CB  HB3  sing N N 23  
ARG CG  CD   sing N N 24  
ARG CG  HG2  sing N N 25  
ARG CG  HG3  sing N N 26  
ARG CD  NE   sing N N 27  
ARG CD  HD2  sing N N 28  
ARG CD  HD3  sing N N 29  
ARG NE  CZ   sing N N 30  
ARG NE  HE   sing N N 31  
ARG CZ  NH1  sing N N 32  
ARG CZ  NH2  doub N N 33  
ARG NH1 HH11 sing N N 34  
ARG NH1 HH12 sing N N 35  
ARG NH2 HH21 sing N N 36  
ARG NH2 HH22 sing N N 37  
ARG OXT HXT  sing N N 38  
ASN N   CA   sing N N 39  
ASN N   H    sing N N 40  
ASN N   H2   sing N N 41  
ASN CA  C    sing N N 42  
ASN CA  CB   sing N N 43  
ASN CA  HA   sing N N 44  
ASN C   O    doub N N 45  
ASN C   OXT  sing N N 46  
ASN CB  CG   sing N N 47  
ASN CB  HB2  sing N N 48  
ASN CB  HB3  sing N N 49  
ASN CG  OD1  doub N N 50  
ASN CG  ND2  sing N N 51  
ASN ND2 HD21 sing N N 52  
ASN ND2 HD22 sing N N 53  
ASN OXT HXT  sing N N 54  
ASP N   CA   sing N N 55  
ASP N   H    sing N N 56  
ASP N   H2   sing N N 57  
ASP CA  C    sing N N 58  
ASP CA  CB   sing N N 59  
ASP CA  HA   sing N N 60  
ASP C   O    doub N N 61  
ASP C   OXT  sing N N 62  
ASP CB  CG   sing N N 63  
ASP CB  HB2  sing N N 64  
ASP CB  HB3  sing N N 65  
ASP CG  OD1  doub N N 66  
ASP CG  OD2  sing N N 67  
ASP OD2 HD2  sing N N 68  
ASP OXT HXT  sing N N 69  
CYS N   CA   sing N N 70  
CYS N   H    sing N N 71  
CYS N   H2   sing N N 72  
CYS CA  C    sing N N 73  
CYS CA  CB   sing N N 74  
CYS CA  HA   sing N N 75  
CYS C   O    doub N N 76  
CYS C   OXT  sing N N 77  
CYS CB  SG   sing N N 78  
CYS CB  HB2  sing N N 79  
CYS CB  HB3  sing N N 80  
CYS SG  HG   sing N N 81  
CYS OXT HXT  sing N N 82  
GLN N   CA   sing N N 83  
GLN N   H    sing N N 84  
GLN N   H2   sing N N 85  
GLN CA  C    sing N N 86  
GLN CA  CB   sing N N 87  
GLN CA  HA   sing N N 88  
GLN C   O    doub N N 89  
GLN C   OXT  sing N N 90  
GLN CB  CG   sing N N 91  
GLN CB  HB2  sing N N 92  
GLN CB  HB3  sing N N 93  
GLN CG  CD   sing N N 94  
GLN CG  HG2  sing N N 95  
GLN CG  HG3  sing N N 96  
GLN CD  OE1  doub N N 97  
GLN CD  NE2  sing N N 98  
GLN NE2 HE21 sing N N 99  
GLN NE2 HE22 sing N N 100 
GLN OXT HXT  sing N N 101 
GLU N   CA   sing N N 102 
GLU N   H    sing N N 103 
GLU N   H2   sing N N 104 
GLU CA  C    sing N N 105 
GLU CA  CB   sing N N 106 
GLU CA  HA   sing N N 107 
GLU C   O    doub N N 108 
GLU C   OXT  sing N N 109 
GLU CB  CG   sing N N 110 
GLU CB  HB2  sing N N 111 
GLU CB  HB3  sing N N 112 
GLU CG  CD   sing N N 113 
GLU CG  HG2  sing N N 114 
GLU CG  HG3  sing N N 115 
GLU CD  OE1  doub N N 116 
GLU CD  OE2  sing N N 117 
GLU OE2 HE2  sing N N 118 
GLU OXT HXT  sing N N 119 
GLY N   CA   sing N N 120 
GLY N   H    sing N N 121 
GLY N   H2   sing N N 122 
GLY CA  C    sing N N 123 
GLY CA  HA2  sing N N 124 
GLY CA  HA3  sing N N 125 
GLY C   O    doub N N 126 
GLY C   OXT  sing N N 127 
GLY OXT HXT  sing N N 128 
HIS N   CA   sing N N 129 
HIS N   H    sing N N 130 
HIS N   H2   sing N N 131 
HIS CA  C    sing N N 132 
HIS CA  CB   sing N N 133 
HIS CA  HA   sing N N 134 
HIS C   O    doub N N 135 
HIS C   OXT  sing N N 136 
HIS CB  CG   sing N N 137 
HIS CB  HB2  sing N N 138 
HIS CB  HB3  sing N N 139 
HIS CG  ND1  sing Y N 140 
HIS CG  CD2  doub Y N 141 
HIS ND1 CE1  doub Y N 142 
HIS ND1 HD1  sing N N 143 
HIS CD2 NE2  sing Y N 144 
HIS CD2 HD2  sing N N 145 
HIS CE1 NE2  sing Y N 146 
HIS CE1 HE1  sing N N 147 
HIS NE2 HE2  sing N N 148 
HIS OXT HXT  sing N N 149 
HOH O   H1   sing N N 150 
HOH O   H2   sing N N 151 
ILE N   CA   sing N N 152 
ILE N   H    sing N N 153 
ILE N   H2   sing N N 154 
ILE CA  C    sing N N 155 
ILE CA  CB   sing N N 156 
ILE CA  HA   sing N N 157 
ILE C   O    doub N N 158 
ILE C   OXT  sing N N 159 
ILE CB  CG1  sing N N 160 
ILE CB  CG2  sing N N 161 
ILE CB  HB   sing N N 162 
ILE CG1 CD1  sing N N 163 
ILE CG1 HG12 sing N N 164 
ILE CG1 HG13 sing N N 165 
ILE CG2 HG21 sing N N 166 
ILE CG2 HG22 sing N N 167 
ILE CG2 HG23 sing N N 168 
ILE CD1 HD11 sing N N 169 
ILE CD1 HD12 sing N N 170 
ILE CD1 HD13 sing N N 171 
ILE OXT HXT  sing N N 172 
LEU N   CA   sing N N 173 
LEU N   H    sing N N 174 
LEU N   H2   sing N N 175 
LEU CA  C    sing N N 176 
LEU CA  CB   sing N N 177 
LEU CA  HA   sing N N 178 
LEU C   O    doub N N 179 
LEU C   OXT  sing N N 180 
LEU CB  CG   sing N N 181 
LEU CB  HB2  sing N N 182 
LEU CB  HB3  sing N N 183 
LEU CG  CD1  sing N N 184 
LEU CG  CD2  sing N N 185 
LEU CG  HG   sing N N 186 
LEU CD1 HD11 sing N N 187 
LEU CD1 HD12 sing N N 188 
LEU CD1 HD13 sing N N 189 
LEU CD2 HD21 sing N N 190 
LEU CD2 HD22 sing N N 191 
LEU CD2 HD23 sing N N 192 
LEU OXT HXT  sing N N 193 
LYS N   CA   sing N N 194 
LYS N   H    sing N N 195 
LYS N   H2   sing N N 196 
LYS CA  C    sing N N 197 
LYS CA  CB   sing N N 198 
LYS CA  HA   sing N N 199 
LYS C   O    doub N N 200 
LYS C   OXT  sing N N 201 
LYS CB  CG   sing N N 202 
LYS CB  HB2  sing N N 203 
LYS CB  HB3  sing N N 204 
LYS CG  CD   sing N N 205 
LYS CG  HG2  sing N N 206 
LYS CG  HG3  sing N N 207 
LYS CD  CE   sing N N 208 
LYS CD  HD2  sing N N 209 
LYS CD  HD3  sing N N 210 
LYS CE  NZ   sing N N 211 
LYS CE  HE2  sing N N 212 
LYS CE  HE3  sing N N 213 
LYS NZ  HZ1  sing N N 214 
LYS NZ  HZ2  sing N N 215 
LYS NZ  HZ3  sing N N 216 
LYS OXT HXT  sing N N 217 
MSE N   CA   sing N N 218 
MSE N   H    sing N N 219 
MSE N   H2   sing N N 220 
MSE CA  C    sing N N 221 
MSE CA  CB   sing N N 222 
MSE CA  HA   sing N N 223 
MSE C   O    doub N N 224 
MSE C   OXT  sing N N 225 
MSE OXT HXT  sing N N 226 
MSE CB  CG   sing N N 227 
MSE CB  HB2  sing N N 228 
MSE CB  HB3  sing N N 229 
MSE CG  SE   sing N N 230 
MSE CG  HG2  sing N N 231 
MSE CG  HG3  sing N N 232 
MSE SE  CE   sing N N 233 
MSE CE  HE1  sing N N 234 
MSE CE  HE2  sing N N 235 
MSE CE  HE3  sing N N 236 
PG4 O1  C1   sing N N 237 
PG4 O1  HO1  sing N N 238 
PG4 C1  C2   sing N N 239 
PG4 C1  H11  sing N N 240 
PG4 C1  H12  sing N N 241 
PG4 C2  O2   sing N N 242 
PG4 C2  H21  sing N N 243 
PG4 C2  H22  sing N N 244 
PG4 O2  C3   sing N N 245 
PG4 C3  C4   sing N N 246 
PG4 C3  H31  sing N N 247 
PG4 C3  H32  sing N N 248 
PG4 C4  O3   sing N N 249 
PG4 C4  H41  sing N N 250 
PG4 C4  H42  sing N N 251 
PG4 O3  C5   sing N N 252 
PG4 C5  C6   sing N N 253 
PG4 C5  H51  sing N N 254 
PG4 C5  H52  sing N N 255 
PG4 C6  O4   sing N N 256 
PG4 C6  H61  sing N N 257 
PG4 C6  H62  sing N N 258 
PG4 O4  C7   sing N N 259 
PG4 C7  C8   sing N N 260 
PG4 C7  H71  sing N N 261 
PG4 C7  H72  sing N N 262 
PG4 C8  O5   sing N N 263 
PG4 C8  H81  sing N N 264 
PG4 C8  H82  sing N N 265 
PG4 O5  HO5  sing N N 266 
PHE N   CA   sing N N 267 
PHE N   H    sing N N 268 
PHE N   H2   sing N N 269 
PHE CA  C    sing N N 270 
PHE CA  CB   sing N N 271 
PHE CA  HA   sing N N 272 
PHE C   O    doub N N 273 
PHE C   OXT  sing N N 274 
PHE CB  CG   sing N N 275 
PHE CB  HB2  sing N N 276 
PHE CB  HB3  sing N N 277 
PHE CG  CD1  doub Y N 278 
PHE CG  CD2  sing Y N 279 
PHE CD1 CE1  sing Y N 280 
PHE CD1 HD1  sing N N 281 
PHE CD2 CE2  doub Y N 282 
PHE CD2 HD2  sing N N 283 
PHE CE1 CZ   doub Y N 284 
PHE CE1 HE1  sing N N 285 
PHE CE2 CZ   sing Y N 286 
PHE CE2 HE2  sing N N 287 
PHE CZ  HZ   sing N N 288 
PHE OXT HXT  sing N N 289 
PRO N   CA   sing N N 290 
PRO N   CD   sing N N 291 
PRO N   H    sing N N 292 
PRO CA  C    sing N N 293 
PRO CA  CB   sing N N 294 
PRO CA  HA   sing N N 295 
PRO C   O    doub N N 296 
PRO C   OXT  sing N N 297 
PRO CB  CG   sing N N 298 
PRO CB  HB2  sing N N 299 
PRO CB  HB3  sing N N 300 
PRO CG  CD   sing N N 301 
PRO CG  HG2  sing N N 302 
PRO CG  HG3  sing N N 303 
PRO CD  HD2  sing N N 304 
PRO CD  HD3  sing N N 305 
PRO OXT HXT  sing N N 306 
SER N   CA   sing N N 307 
SER N   H    sing N N 308 
SER N   H2   sing N N 309 
SER CA  C    sing N N 310 
SER CA  CB   sing N N 311 
SER CA  HA   sing N N 312 
SER C   O    doub N N 313 
SER C   OXT  sing N N 314 
SER CB  OG   sing N N 315 
SER CB  HB2  sing N N 316 
SER CB  HB3  sing N N 317 
SER OG  HG   sing N N 318 
SER OXT HXT  sing N N 319 
THR N   CA   sing N N 320 
THR N   H    sing N N 321 
THR N   H2   sing N N 322 
THR CA  C    sing N N 323 
THR CA  CB   sing N N 324 
THR CA  HA   sing N N 325 
THR C   O    doub N N 326 
THR C   OXT  sing N N 327 
THR CB  OG1  sing N N 328 
THR CB  CG2  sing N N 329 
THR CB  HB   sing N N 330 
THR OG1 HG1  sing N N 331 
THR CG2 HG21 sing N N 332 
THR CG2 HG22 sing N N 333 
THR CG2 HG23 sing N N 334 
THR OXT HXT  sing N N 335 
TRP N   CA   sing N N 336 
TRP N   H    sing N N 337 
TRP N   H2   sing N N 338 
TRP CA  C    sing N N 339 
TRP CA  CB   sing N N 340 
TRP CA  HA   sing N N 341 
TRP C   O    doub N N 342 
TRP C   OXT  sing N N 343 
TRP CB  CG   sing N N 344 
TRP CB  HB2  sing N N 345 
TRP CB  HB3  sing N N 346 
TRP CG  CD1  doub Y N 347 
TRP CG  CD2  sing Y N 348 
TRP CD1 NE1  sing Y N 349 
TRP CD1 HD1  sing N N 350 
TRP CD2 CE2  doub Y N 351 
TRP CD2 CE3  sing Y N 352 
TRP NE1 CE2  sing Y N 353 
TRP NE1 HE1  sing N N 354 
TRP CE2 CZ2  sing Y N 355 
TRP CE3 CZ3  doub Y N 356 
TRP CE3 HE3  sing N N 357 
TRP CZ2 CH2  doub Y N 358 
TRP CZ2 HZ2  sing N N 359 
TRP CZ3 CH2  sing Y N 360 
TRP CZ3 HZ3  sing N N 361 
TRP CH2 HH2  sing N N 362 
TRP OXT HXT  sing N N 363 
TYR N   CA   sing N N 364 
TYR N   H    sing N N 365 
TYR N   H2   sing N N 366 
TYR CA  C    sing N N 367 
TYR CA  CB   sing N N 368 
TYR CA  HA   sing N N 369 
TYR C   O    doub N N 370 
TYR C   OXT  sing N N 371 
TYR CB  CG   sing N N 372 
TYR CB  HB2  sing N N 373 
TYR CB  HB3  sing N N 374 
TYR CG  CD1  doub Y N 375 
TYR CG  CD2  sing Y N 376 
TYR CD1 CE1  sing Y N 377 
TYR CD1 HD1  sing N N 378 
TYR CD2 CE2  doub Y N 379 
TYR CD2 HD2  sing N N 380 
TYR CE1 CZ   doub Y N 381 
TYR CE1 HE1  sing N N 382 
TYR CE2 CZ   sing Y N 383 
TYR CE2 HE2  sing N N 384 
TYR CZ  OH   sing N N 385 
TYR OH  HH   sing N N 386 
TYR OXT HXT  sing N N 387 
VAL N   CA   sing N N 388 
VAL N   H    sing N N 389 
VAL N   H2   sing N N 390 
VAL CA  C    sing N N 391 
VAL CA  CB   sing N N 392 
VAL CA  HA   sing N N 393 
VAL C   O    doub N N 394 
VAL C   OXT  sing N N 395 
VAL CB  CG1  sing N N 396 
VAL CB  CG2  sing N N 397 
VAL CB  HB   sing N N 398 
VAL CG1 HG11 sing N N 399 
VAL CG1 HG12 sing N N 400 
VAL CG1 HG13 sing N N 401 
VAL CG2 HG21 sing N N 402 
VAL CG2 HG22 sing N N 403 
VAL CG2 HG23 sing N N 404 
VAL OXT HXT  sing N N 405 
# 
_atom_sites.entry_id                    4OBI 
_atom_sites.fract_transf_matrix[1][1]   -0.01432695 
_atom_sites.fract_transf_matrix[1][2]   -0.01492170 
_atom_sites.fract_transf_matrix[1][3]   -0.03029638 
_atom_sites.fract_transf_matrix[2][1]   0.01685730 
_atom_sites.fract_transf_matrix[2][2]   -0.01110735 
_atom_sites.fract_transf_matrix[2][3]   -0.00250106 
_atom_sites.fract_transf_matrix[3][1]   -0.00558576 
_atom_sites.fract_transf_matrix[3][2]   -0.01020374 
_atom_sites.fract_transf_matrix[3][3]   0.00766705 
_atom_sites.fract_transf_vector[1]      0.615323 
_atom_sites.fract_transf_vector[2]      0.805832 
_atom_sites.fract_transf_vector[3]      0.200793 
# 
loop_
_atom_type.symbol 
C  
N  
O  
S  
ZN 
# 
loop_
_atom_site.group_PDB 
_atom_site.id 
_atom_site.type_symbol 
_atom_site.label_atom_id 
_atom_site.label_alt_id 
_atom_site.label_comp_id 
_atom_site.label_asym_id 
_atom_site.label_entity_id 
_atom_site.label_seq_id 
_atom_site.pdbx_PDB_ins_code 
_atom_site.Cartn_x 
_atom_site.Cartn_y 
_atom_site.Cartn_z 
_atom_site.occupancy 
_atom_site.B_iso_or_equiv 
_atom_site.pdbx_formal_charge 
_atom_site.auth_seq_id 
_atom_site.auth_comp_id 
_atom_site.auth_asym_id 
_atom_site.auth_atom_id 
_atom_site.pdbx_PDB_model_num 
ATOM   1   N  N   . THR A 1 11 ? -15.712 -8.496  -1.568  1.00 55.16 ? 45  THR A N   1 
ATOM   2   C  CA  . THR A 1 11 ? -14.224 -8.653  -1.619  1.00 51.85 ? 45  THR A CA  1 
ATOM   3   C  C   . THR A 1 11 ? -13.565 -7.419  -2.245  1.00 44.15 ? 45  THR A C   1 
ATOM   4   O  O   . THR A 1 11 ? -14.072 -6.855  -3.217  1.00 43.57 ? 45  THR A O   1 
ATOM   5   C  CB  . THR A 1 11 ? -13.801 -9.927  -2.392  1.00 56.89 ? 45  THR A CB  1 
ATOM   6   O  OG1 . THR A 1 11 ? -12.371 -9.970  -2.520  1.00 61.03 ? 45  THR A OG1 1 
ATOM   7   C  CG2 . THR A 1 11 ? -14.447 -9.982  -3.784  1.00 58.72 ? 45  THR A CG2 1 
ATOM   8   N  N   . TYR A 1 12 ? -12.436 -7.006  -1.680  1.00 36.81 ? 46  TYR A N   1 
ATOM   9   C  CA  . TYR A 1 12 ? -11.770 -5.794  -2.129  1.00 32.28 ? 46  TYR A CA  1 
ATOM   10  C  C   . TYR A 1 12 ? -10.357 -6.096  -2.593  1.00 29.54 ? 46  TYR A C   1 
ATOM   11  O  O   . TYR A 1 12 ? -9.838  -7.193  -2.393  1.00 30.25 ? 46  TYR A O   1 
ATOM   12  C  CB  . TYR A 1 12 ? -11.764 -4.749  -1.016  1.00 30.99 ? 46  TYR A CB  1 
ATOM   13  C  CG  . TYR A 1 12 ? -13.149 -4.445  -0.484  1.00 32.70 ? 46  TYR A CG  1 
ATOM   14  C  CD1 . TYR A 1 12 ? -14.130 -3.903  -1.310  1.00 33.99 ? 46  TYR A CD1 1 
ATOM   15  C  CD2 . TYR A 1 12 ? -13.477 -4.700  0.841   1.00 34.36 ? 46  TYR A CD2 1 
ATOM   16  C  CE1 . TYR A 1 12 ? -15.402 -3.629  -0.833  1.00 36.29 ? 46  TYR A CE1 1 
ATOM   17  C  CE2 . TYR A 1 12 ? -14.745 -4.434  1.331   1.00 35.75 ? 46  TYR A CE2 1 
ATOM   18  C  CZ  . TYR A 1 12 ? -15.702 -3.895  0.491   1.00 37.31 ? 46  TYR A CZ  1 
ATOM   19  O  OH  . TYR A 1 12 ? -16.967 -3.632  0.982   1.00 40.95 ? 46  TYR A OH  1 
ATOM   20  N  N   . GLN A 1 13 ? -9.754  -5.110  -3.238  1.00 27.48 ? 47  GLN A N   1 
ATOM   21  C  CA  . GLN A 1 13 ? -8.384  -5.218  -3.695  1.00 26.07 ? 47  GLN A CA  1 
ATOM   22  C  C   . GLN A 1 13 ? -7.670  -3.906  -3.429  1.00 24.02 ? 47  GLN A C   1 
ATOM   23  O  O   . GLN A 1 13 ? -8.281  -2.836  -3.518  1.00 24.13 ? 47  GLN A O   1 
ATOM   24  C  CB  . GLN A 1 13 ? -8.358  -5.583  -5.184  1.00 26.87 ? 47  GLN A CB  1 
ATOM   25  C  CG  . GLN A 1 13 ? -8.985  -4.541  -6.107  1.00 26.28 ? 47  GLN A CG  1 
ATOM   26  C  CD  . GLN A 1 13 ? -9.366  -5.103  -7.467  1.00 28.00 ? 47  GLN A CD  1 
ATOM   27  O  OE1 . GLN A 1 13 ? -9.552  -6.316  -7.631  1.00 29.56 ? 47  GLN A OE1 1 
ATOM   28  N  NE2 . GLN A 1 13 ? -9.513  -4.222  -8.444  1.00 26.73 ? 47  GLN A NE2 1 
ATOM   29  N  N   . ALA A 1 14 ? -6.386  -3.991  -3.081  1.00 22.69 ? 48  ALA A N   1 
ATOM   30  C  CA  . ALA A 1 14 ? -5.551  -2.814  -2.855  1.00 21.39 ? 48  ALA A CA  1 
ATOM   31  C  C   . ALA A 1 14 ? -4.676  -2.568  -4.071  1.00 20.52 ? 48  ALA A C   1 
ATOM   32  O  O   . ALA A 1 14 ? -4.053  -3.493  -4.588  1.00 21.61 ? 48  ALA A O   1 
ATOM   33  C  CB  . ALA A 1 14 ? -4.682  -3.000  -1.622  1.00 21.29 ? 48  ALA A CB  1 
ATOM   34  N  N   . VAL A 1 15 ? -4.636  -1.320  -4.521  1.00 19.49 ? 49  VAL A N   1 
ATOM   35  C  CA  . VAL A 1 15 ? -3.888  -0.929  -5.704  1.00 19.07 ? 49  VAL A CA  1 
ATOM   36  C  C   . VAL A 1 15 ? -2.698  -0.067  -5.286  1.00 17.85 ? 49  VAL A C   1 
ATOM   37  O  O   . VAL A 1 15 ? -2.865  1.002   -4.692  1.00 16.69 ? 49  VAL A O   1 
ATOM   38  C  CB  . VAL A 1 15 ? -4.798  -0.124  -6.663  1.00 19.97 ? 49  VAL A CB  1 
ATOM   39  C  CG1 . VAL A 1 15 ? -4.038  0.322   -7.907  1.00 20.91 ? 49  VAL A CG1 1 
ATOM   40  C  CG2 . VAL A 1 15 ? -6.039  -0.945  -7.013  1.00 22.31 ? 49  VAL A CG2 1 
ATOM   41  N  N   . LEU A 1 16 ? -1.499  -0.538  -5.613  1.00 17.67 ? 50  LEU A N   1 
ATOM   42  C  CA  . LEU A 1 16 ? -0.260  0.159   -5.308  1.00 17.38 ? 50  LEU A CA  1 
ATOM   43  C  C   . LEU A 1 16 ? 0.253   0.846   -6.563  1.00 17.74 ? 50  LEU A C   1 
ATOM   44  O  O   . LEU A 1 16 ? 0.504   0.194   -7.572  1.00 19.60 ? 50  LEU A O   1 
ATOM   45  C  CB  . LEU A 1 16 ? 0.785   -0.837  -4.794  1.00 17.74 ? 50  LEU A CB  1 
ATOM   46  C  CG  . LEU A 1 16 ? 2.216   -0.324  -4.599  1.00 18.08 ? 50  LEU A CG  1 
ATOM   47  C  CD1 . LEU A 1 16 ? 2.251   0.785   -3.566  1.00 17.99 ? 50  LEU A CD1 1 
ATOM   48  C  CD2 . LEU A 1 16 ? 3.132   -1.466  -4.195  1.00 19.23 ? 50  LEU A CD2 1 
ATOM   49  N  N   . LYS A 1 17 ? 0.399   2.166   -6.483  1.00 17.36 ? 51  LYS A N   1 
ATOM   50  C  CA  . LYS A 1 17 ? 0.824   2.981   -7.602  1.00 19.59 ? 51  LYS A CA  1 
ATOM   51  C  C   . LYS A 1 17 ? 2.044   3.770   -7.164  1.00 19.09 ? 51  LYS A C   1 
ATOM   52  O  O   . LYS A 1 17 ? 2.050   4.343   -6.066  1.00 18.53 ? 51  LYS A O   1 
ATOM   53  C  CB  . LYS A 1 17 ? -0.296  3.942   -7.995  1.00 21.82 ? 51  LYS A CB  1 
ATOM   54  C  CG  . LYS A 1 17 ? 0.053   4.883   -9.132  1.00 24.16 ? 51  LYS A CG  1 
ATOM   55  C  CD  . LYS A 1 17 ? -1.175  5.616   -9.653  1.00 26.47 ? 51  LYS A CD  1 
ATOM   56  C  CE  . LYS A 1 17 ? -1.676  6.659   -8.671  1.00 29.32 ? 51  LYS A CE  1 
ATOM   57  N  NZ  . LYS A 1 17 ? -2.874  7.381   -9.197  1.00 32.71 ? 51  LYS A NZ  1 
ATOM   58  N  N   . VAL A 1 18 ? 3.080   3.767   -8.001  1.00 19.47 ? 52  VAL A N   1 
ATOM   59  C  CA  . VAL A 1 18 ? 4.282   4.561   -7.751  1.00 21.17 ? 52  VAL A CA  1 
ATOM   60  C  C   . VAL A 1 18 ? 4.674   5.264   -9.042  1.00 21.48 ? 52  VAL A C   1 
ATOM   61  O  O   . VAL A 1 18 ? 4.695   4.645   -10.109 1.00 22.19 ? 52  VAL A O   1 
ATOM   62  C  CB  . VAL A 1 18 ? 5.481   3.702   -7.293  1.00 23.28 ? 52  VAL A CB  1 
ATOM   63  C  CG1 . VAL A 1 18 ? 6.665   4.593   -6.911  1.00 26.53 ? 52  VAL A CG1 1 
ATOM   64  C  CG2 . VAL A 1 18 ? 5.086   2.807   -6.138  1.00 23.94 ? 52  VAL A CG2 1 
ATOM   65  N  N   . ASP A 1 19 ? 4.980   6.554   -8.942  1.00 22.71 ? 53  ASP A N   1 
ATOM   66  C  CA  . ASP A 1 19 ? 5.339   7.356   -10.102 1.00 25.47 ? 53  ASP A CA  1 
ATOM   67  C  C   . ASP A 1 19 ? 4.331   7.154   -11.227 1.00 24.53 ? 53  ASP A C   1 
ATOM   68  O  O   . ASP A 1 19 ? 4.705   7.014   -12.401 1.00 24.48 ? 53  ASP A O   1 
ATOM   69  C  CB  . ASP A 1 19 ? 6.756   7.016   -10.584 1.00 29.41 ? 53  ASP A CB  1 
ATOM   70  C  CG  . ASP A 1 19 ? 7.825   7.349   -9.551  1.00 35.01 ? 53  ASP A CG  1 
ATOM   71  O  OD1 . ASP A 1 19 ? 7.650   8.334   -8.802  1.00 36.80 ? 53  ASP A OD1 1 
ATOM   72  O  OD2 . ASP A 1 19 ? 8.850   6.631   -9.501  1.00 40.80 ? 53  ASP A OD2 1 
ATOM   73  N  N   . ASN A 1 20 ? 3.051   7.115   -10.841 1.00 23.63 ? 54  ASN A N   1 
ATOM   74  C  CA  . ASN A 1 20 ? 1.923   7.078   -11.774 1.00 25.05 ? 54  ASN A CA  1 
ATOM   75  C  C   . ASN A 1 20 ? 1.778   5.766   -12.536 1.00 26.02 ? 54  ASN A C   1 
ATOM   76  O  O   . ASN A 1 20 ? 1.063   5.705   -13.535 1.00 28.53 ? 54  ASN A O   1 
ATOM   77  C  CB  . ASN A 1 20 ? 1.994   8.251   -12.751 1.00 26.22 ? 54  ASN A CB  1 
ATOM   78  C  CG  . ASN A 1 20 ? 2.028   9.582   -12.045 1.00 26.87 ? 54  ASN A CG  1 
ATOM   79  O  OD1 . ASN A 1 20 ? 3.075   10.248  -11.978 1.00 27.56 ? 54  ASN A OD1 1 
ATOM   80  N  ND2 . ASN A 1 20 ? 0.888   9.977   -11.492 1.00 26.15 ? 54  ASN A ND2 1 
ATOM   81  N  N   . LYS A 1 21 ? 2.458   4.729   -12.053 1.00 24.63 ? 55  LYS A N   1 
ATOM   82  C  CA  A LYS A 1 21 ? 2.341   3.394   -12.613 0.50 25.32 ? 55  LYS A CA  1 
ATOM   83  C  CA  B LYS A 1 21 ? 2.347   3.391   -12.616 0.50 25.06 ? 55  LYS A CA  1 
ATOM   84  C  C   . LYS A 1 21 ? 1.782   2.467   -11.545 1.00 23.35 ? 55  LYS A C   1 
ATOM   85  O  O   . LYS A 1 21 ? 2.279   2.432   -10.411 1.00 21.29 ? 55  LYS A O   1 
ATOM   86  C  CB  A LYS A 1 21 ? 3.704   2.893   -13.085 0.50 26.91 ? 55  LYS A CB  1 
ATOM   87  C  CB  B LYS A 1 21 ? 3.711   2.872   -13.093 0.50 26.22 ? 55  LYS A CB  1 
ATOM   88  C  CG  A LYS A 1 21 ? 4.332   3.778   -14.143 0.50 29.86 ? 55  LYS A CG  1 
ATOM   89  C  CG  B LYS A 1 21 ? 3.668   1.418   -13.546 0.50 28.23 ? 55  LYS A CG  1 
ATOM   90  C  CD  A LYS A 1 21 ? 5.555   3.129   -14.765 0.50 32.33 ? 55  LYS A CD  1 
ATOM   91  C  CD  B LYS A 1 21 ? 4.919   0.960   -14.273 0.50 30.59 ? 55  LYS A CD  1 
ATOM   92  C  CE  A LYS A 1 21 ? 5.168   2.094   -15.807 0.50 34.51 ? 55  LYS A CE  1 
ATOM   93  C  CE  B LYS A 1 21 ? 4.802   -0.520  -14.612 0.50 32.40 ? 55  LYS A CE  1 
ATOM   94  N  NZ  A LYS A 1 21 ? 6.273   1.853   -16.778 0.50 37.03 ? 55  LYS A NZ  1 
ATOM   95  N  NZ  B LYS A 1 21 ? 5.783   -0.963  -15.635 0.50 35.83 ? 55  LYS A NZ  1 
ATOM   96  N  N   . VAL A 1 22 ? 0.733   1.734   -11.896 1.00 24.13 ? 56  VAL A N   1 
ATOM   97  C  CA  . VAL A 1 22 ? 0.187   0.738   -10.992 1.00 23.85 ? 56  VAL A CA  1 
ATOM   98  C  C   . VAL A 1 22 ? 1.083   -0.487  -11.090 1.00 25.65 ? 56  VAL A C   1 
ATOM   99  O  O   . VAL A 1 22 ? 1.153   -1.124  -12.141 1.00 27.56 ? 56  VAL A O   1 
ATOM   100 C  CB  . VAL A 1 22 ? -1.271  0.378   -11.335 1.00 24.74 ? 56  VAL A CB  1 
ATOM   101 C  CG1 . VAL A 1 22 ? -1.765  -0.722  -10.418 1.00 24.51 ? 56  VAL A CG1 1 
ATOM   102 C  CG2 . VAL A 1 22 ? -2.157  1.615   -11.227 1.00 24.12 ? 56  VAL A CG2 1 
ATOM   103 N  N   . ILE A 1 23 ? 1.786   -0.796  -10.002 1.00 25.63 ? 57  ILE A N   1 
ATOM   104 C  CA  . ILE A 1 23 ? 2.804   -1.850  -10.027 1.00 27.35 ? 57  ILE A CA  1 
ATOM   105 C  C   . ILE A 1 23 ? 2.323   -3.174  -9.435  1.00 26.41 ? 57  ILE A C   1 
ATOM   106 O  O   . ILE A 1 23 ? 2.846   -4.223  -9.791  1.00 27.08 ? 57  ILE A O   1 
ATOM   107 C  CB  . ILE A 1 23 ? 4.124   -1.413  -9.346  1.00 28.04 ? 57  ILE A CB  1 
ATOM   108 C  CG1 . ILE A 1 23 ? 3.938   -1.147  -7.861  1.00 27.93 ? 57  ILE A CG1 1 
ATOM   109 C  CG2 . ILE A 1 23 ? 4.704   -0.170  -10.030 1.00 28.91 ? 57  ILE A CG2 1 
ATOM   110 C  CD1 . ILE A 1 23 ? 5.250   -0.937  -7.132  1.00 29.06 ? 57  ILE A CD1 1 
ATOM   111 N  N   . LYS A 1 24 ? 1.317   -3.128  -8.562  1.00 25.48 ? 58  LYS A N   1 
ATOM   112 C  CA  . LYS A 1 24 ? 0.819   -4.324  -7.886  1.00 26.99 ? 58  LYS A CA  1 
ATOM   113 C  C   . LYS A 1 24 ? -0.657  -4.142  -7.490  1.00 23.71 ? 58  LYS A C   1 
ATOM   114 O  O   . LYS A 1 24 ? -1.062  -3.061  -7.080  1.00 21.12 ? 58  LYS A O   1 
ATOM   115 C  CB  . LYS A 1 24 ? 1.663   -4.581  -6.628  1.00 31.26 ? 58  LYS A CB  1 
ATOM   116 C  CG  . LYS A 1 24 ? 1.724   -6.023  -6.165  1.00 38.84 ? 58  LYS A CG  1 
ATOM   117 C  CD  . LYS A 1 24 ? 2.656   -6.860  -7.023  1.00 44.68 ? 58  LYS A CD  1 
ATOM   118 C  CE  . LYS A 1 24 ? 2.998   -8.180  -6.346  1.00 52.42 ? 58  LYS A CE  1 
ATOM   119 N  NZ  . LYS A 1 24 ? 1.788   -8.953  -5.941  1.00 58.06 ? 58  LYS A NZ  1 
ATOM   120 N  N   . VAL A 1 25 ? -1.449  -5.203  -7.614  1.00 23.60 ? 59  VAL A N   1 
ATOM   121 C  CA  . VAL A 1 25 ? -2.796  -5.235  -7.053  1.00 23.76 ? 59  VAL A CA  1 
ATOM   122 C  C   . VAL A 1 25 ? -2.842  -6.415  -6.083  1.00 24.54 ? 59  VAL A C   1 
ATOM   123 O  O   . VAL A 1 25 ? -2.544  -7.539  -6.478  1.00 26.23 ? 59  VAL A O   1 
ATOM   124 C  CB  . VAL A 1 25 ? -3.878  -5.398  -8.138  1.00 25.37 ? 59  VAL A CB  1 
ATOM   125 C  CG1 . VAL A 1 25 ? -5.266  -5.490  -7.510  1.00 26.23 ? 59  VAL A CG1 1 
ATOM   126 C  CG2 . VAL A 1 25 ? -3.827  -4.239  -9.129  1.00 24.86 ? 59  VAL A CG2 1 
ATOM   127 N  N   . PHE A 1 26 ? -3.184  -6.139  -4.826  1.00 23.43 ? 60  PHE A N   1 
ATOM   128 C  CA  . PHE A 1 26 ? -3.235  -7.159  -3.775  1.00 24.41 ? 60  PHE A CA  1 
ATOM   129 C  C   . PHE A 1 26 ? -4.686  -7.517  -3.478  1.00 26.15 ? 60  PHE A C   1 
ATOM   130 O  O   . PHE A 1 26 ? -5.512  -6.638  -3.219  1.00 25.15 ? 60  PHE A O   1 
ATOM   131 C  CB  . PHE A 1 26 ? -2.599  -6.653  -2.471  1.00 23.26 ? 60  PHE A CB  1 
ATOM   132 C  CG  . PHE A 1 26 ? -1.197  -6.115  -2.618  1.00 23.62 ? 60  PHE A CG  1 
ATOM   133 C  CD1 . PHE A 1 26 ? -0.092  -6.946  -2.461  1.00 25.25 ? 60  PHE A CD1 1 
ATOM   134 C  CD2 . PHE A 1 26 ? -0.978  -4.772  -2.866  1.00 22.32 ? 60  PHE A CD2 1 
ATOM   135 C  CE1 . PHE A 1 26 ? 1.198   -6.453  -2.575  1.00 24.33 ? 60  PHE A CE1 1 
ATOM   136 C  CE2 . PHE A 1 26 ? 0.310   -4.272  -2.979  1.00 21.90 ? 60  PHE A CE2 1 
ATOM   137 C  CZ  . PHE A 1 26 ? 1.398   -5.110  -2.834  1.00 22.64 ? 60  PHE A CZ  1 
ATOM   138 N  N   . ASP A 1 27 ? -4.985  -8.810  -3.489  1.00 28.92 ? 61  ASP A N   1 
ATOM   139 C  CA  A ASP A 1 27 ? -6.312  -9.270  -3.121  0.50 30.47 ? 61  ASP A CA  1 
ATOM   140 C  CA  B ASP A 1 27 ? -6.303  -9.312  -3.117  0.50 30.55 ? 61  ASP A CA  1 
ATOM   141 C  C   . ASP A 1 27 ? -6.431  -9.193  -1.603  1.00 30.23 ? 61  ASP A C   1 
ATOM   142 O  O   . ASP A 1 27 ? -5.525  -9.592  -0.876  1.00 31.44 ? 61  ASP A O   1 
ATOM   143 C  CB  A ASP A 1 27 ? -6.558  -10.683 -3.638  0.50 33.76 ? 61  ASP A CB  1 
ATOM   144 C  CB  B ASP A 1 27 ? -6.445  -10.772 -3.551  0.50 34.00 ? 61  ASP A CB  1 
ATOM   145 C  CG  A ASP A 1 27 ? -6.628  -10.740 -5.155  0.50 34.87 ? 61  ASP A CG  1 
ATOM   146 C  CG  B ASP A 1 27 ? -7.863  -11.300 -3.407  0.50 36.04 ? 61  ASP A CG  1 
ATOM   147 O  OD1 A ASP A 1 27 ? -7.263  -9.843  -5.755  0.50 34.48 ? 61  ASP A OD1 1 
ATOM   148 O  OD1 B ASP A 1 27 ? -8.819  -10.511 -3.555  0.50 35.96 ? 61  ASP A OD1 1 
ATOM   149 O  OD2 A ASP A 1 27 ? -6.045  -11.676 -5.744  0.50 36.64 ? 61  ASP A OD2 1 
ATOM   150 O  OD2 B ASP A 1 27 ? -8.019  -12.517 -3.161  0.50 38.82 ? 61  ASP A OD2 1 
ATOM   151 N  N   . LEU A 1 28 ? -7.533  -8.628  -1.128  1.00 29.60 ? 62  LEU A N   1 
ATOM   152 C  CA  . LEU A 1 28 ? -7.745  -8.470  0.304   1.00 30.66 ? 62  LEU A CA  1 
ATOM   153 C  C   . LEU A 1 28 ? -8.779  -9.493  0.758   1.00 34.08 ? 62  LEU A C   1 
ATOM   154 O  O   . LEU A 1 28 ? -9.975  -9.250  0.674   1.00 34.56 ? 62  LEU A O   1 
ATOM   155 C  CB  . LEU A 1 28 ? -8.192  -7.039  0.623   1.00 28.82 ? 62  LEU A CB  1 
ATOM   156 C  CG  . LEU A 1 28 ? -7.158  -5.939  0.347   1.00 27.00 ? 62  LEU A CG  1 
ATOM   157 C  CD1 . LEU A 1 28 ? -7.712  -4.576  0.751   1.00 26.97 ? 62  LEU A CD1 1 
ATOM   158 C  CD2 . LEU A 1 28 ? -5.840  -6.211  1.058   1.00 26.19 ? 62  LEU A CD2 1 
ATOM   159 N  N   . LYS A 1 29 ? -8.299  -10.651 1.204   1.00 38.09 ? 63  LYS A N   1 
ATOM   160 C  CA  . LYS A 1 29 ? -9.161  -11.758 1.610   1.00 41.91 ? 63  LYS A CA  1 
ATOM   161 C  C   . LYS A 1 29 ? -9.128  -11.924 3.128   1.00 43.77 ? 63  LYS A C   1 
ATOM   162 O  O   . LYS A 1 29 ? -8.054  -12.004 3.718   1.00 42.11 ? 63  LYS A O   1 
ATOM   163 C  CB  . LYS A 1 29 ? -8.703  -13.050 0.931   1.00 45.63 ? 63  LYS A CB  1 
ATOM   164 N  N   . LYS A 1 30 ? -10.303 -11.981 3.752   1.00 48.28 ? 64  LYS A N   1 
ATOM   165 C  CA  . LYS A 1 30 ? -10.418 -12.069 5.214   1.00 52.68 ? 64  LYS A CA  1 
ATOM   166 C  C   . LYS A 1 30 ? -9.622  -13.227 5.823   1.00 55.04 ? 64  LYS A C   1 
ATOM   167 O  O   . LYS A 1 30 ? -8.988  -13.065 6.862   1.00 58.33 ? 64  LYS A O   1 
ATOM   168 C  CB  . LYS A 1 30 ? -11.886 -12.186 5.632   1.00 57.94 ? 64  LYS A CB  1 
ATOM   169 C  CG  . LYS A 1 30 ? -12.080 -12.382 7.128   1.00 64.23 ? 64  LYS A CG  1 
ATOM   170 C  CD  . LYS A 1 30 ? -13.525 -12.182 7.552   1.00 71.17 ? 64  LYS A CD  1 
ATOM   171 C  CE  . LYS A 1 30 ? -13.729 -12.560 9.013   1.00 77.19 ? 64  LYS A CE  1 
ATOM   172 N  NZ  . LYS A 1 30 ? -12.877 -11.759 9.939   1.00 77.33 ? 64  LYS A NZ  1 
ATOM   173 N  N   . ASP A 1 31 ? -9.655  -14.391 5.184   1.00 54.59 ? 65  ASP A N   1 
ATOM   174 C  CA  . ASP A 1 31 ? -8.874  -15.538 5.656   1.00 58.50 ? 65  ASP A CA  1 
ATOM   175 C  C   . ASP A 1 31 ? -7.570  -15.686 4.866   1.00 56.32 ? 65  ASP A C   1 
ATOM   176 O  O   . ASP A 1 31 ? -7.018  -16.783 4.764   1.00 62.23 ? 65  ASP A O   1 
ATOM   177 C  CB  . ASP A 1 31 ? -9.703  -16.822 5.554   1.00 59.67 ? 65  ASP A CB  1 
ATOM   178 N  N   . GLY A 1 32 ? -7.070  -14.574 4.332   1.00 50.67 ? 66  GLY A N   1 
ATOM   179 C  CA  . GLY A 1 32 ? -5.957  -14.604 3.400   1.00 47.73 ? 66  GLY A CA  1 
ATOM   180 C  C   . GLY A 1 32 ? -4.611  -14.562 4.088   1.00 46.06 ? 66  GLY A C   1 
ATOM   181 O  O   . GLY A 1 32 ? -4.535  -14.402 5.310   1.00 45.02 ? 66  GLY A O   1 
ATOM   182 N  N   . PRO A 1 33 ? -3.535  -14.709 3.303   1.00 44.23 ? 67  PRO A N   1 
ATOM   183 C  CA  . PRO A 1 33 ? -2.180  -14.736 3.841   1.00 44.69 ? 67  PRO A CA  1 
ATOM   184 C  C   . PRO A 1 33 ? -1.665  -13.387 4.349   1.00 40.24 ? 67  PRO A C   1 
ATOM   185 O  O   . PRO A 1 33 ? -2.251  -12.330 4.083   1.00 36.40 ? 67  PRO A O   1 
ATOM   186 C  CB  . PRO A 1 33 ? -1.337  -15.219 2.652   1.00 46.26 ? 67  PRO A CB  1 
ATOM   187 C  CG  . PRO A 1 33 ? -2.121  -14.822 1.453   1.00 45.50 ? 67  PRO A CG  1 
ATOM   188 C  CD  . PRO A 1 33 ? -3.556  -15.012 1.861   1.00 44.97 ? 67  PRO A CD  1 
ATOM   189 N  N   . HIS A 1 34 ? -0.564  -13.459 5.089   1.00 39.87 ? 68  HIS A N   1 
ATOM   190 C  CA  . HIS A 1 34 ? 0.075   -12.296 5.683   1.00 37.54 ? 68  HIS A CA  1 
ATOM   191 C  C   . HIS A 1 34 ? 1.516   -12.276 5.178   1.00 36.95 ? 68  HIS A C   1 
ATOM   192 O  O   . HIS A 1 34 ? 2.255   -13.247 5.359   1.00 38.40 ? 68  HIS A O   1 
ATOM   193 C  CB  . HIS A 1 34 ? -0.023  -12.404 7.211   1.00 40.89 ? 68  HIS A CB  1 
ATOM   194 C  CG  . HIS A 1 34 ? 0.832   -11.434 7.964   1.00 42.10 ? 68  HIS A CG  1 
ATOM   195 N  ND1 . HIS A 1 34 ? 1.522   -11.789 9.103   1.00 45.62 ? 68  HIS A ND1 1 
ATOM   196 C  CD2 . HIS A 1 34 ? 1.102   -10.125 7.753   1.00 40.23 ? 68  HIS A CD2 1 
ATOM   197 C  CE1 . HIS A 1 34 ? 2.184   -10.741 9.559   1.00 45.70 ? 68  HIS A CE1 1 
ATOM   198 N  NE2 . HIS A 1 34 ? 1.946   -9.718  8.757   1.00 40.99 ? 68  HIS A NE2 1 
ATOM   199 N  N   . TYR A 1 35 ? 1.896   -11.186 4.511   1.00 33.82 ? 69  TYR A N   1 
ATOM   200 C  CA  . TYR A 1 35 ? 3.201   -11.096 3.852   1.00 33.47 ? 69  TYR A CA  1 
ATOM   201 C  C   . TYR A 1 35 ? 3.609   -9.652  3.655   1.00 31.32 ? 69  TYR A C   1 
ATOM   202 O  O   . TYR A 1 35 ? 2.787   -8.742  3.802   1.00 29.32 ? 69  TYR A O   1 
ATOM   203 C  CB  . TYR A 1 35 ? 3.167   -11.803 2.495   1.00 34.30 ? 69  TYR A CB  1 
ATOM   204 C  CG  . TYR A 1 35 ? 2.085   -11.291 1.565   1.00 32.82 ? 69  TYR A CG  1 
ATOM   205 C  CD1 . TYR A 1 35 ? 0.793   -11.804 1.622   1.00 32.94 ? 69  TYR A CD1 1 
ATOM   206 C  CD2 . TYR A 1 35 ? 2.350   -10.287 0.632   1.00 31.64 ? 69  TYR A CD2 1 
ATOM   207 C  CE1 . TYR A 1 35 ? -0.205  -11.336 0.779   1.00 32.57 ? 69  TYR A CE1 1 
ATOM   208 C  CE2 . TYR A 1 35 ? 1.358   -9.818  -0.219  1.00 30.85 ? 69  TYR A CE2 1 
ATOM   209 C  CZ  . TYR A 1 35 ? 0.086   -10.347 -0.145  1.00 31.74 ? 69  TYR A CZ  1 
ATOM   210 O  OH  . TYR A 1 35 ? -0.907  -9.891  -0.979  1.00 33.17 ? 69  TYR A OH  1 
ATOM   211 N  N   . THR A 1 36 ? 4.881   -9.451  3.314   1.00 31.16 ? 70  THR A N   1 
ATOM   212 C  CA  . THR A 1 36 ? 5.395   -8.125  3.005   1.00 28.59 ? 70  THR A CA  1 
ATOM   213 C  C   . THR A 1 36 ? 5.816   -8.058  1.548   1.00 27.96 ? 70  THR A C   1 
ATOM   214 O  O   . THR A 1 36 ? 6.210   -9.070  0.950   1.00 28.59 ? 70  THR A O   1 
ATOM   215 C  CB  . THR A 1 36 ? 6.591   -7.721  3.905   1.00 29.70 ? 70  THR A CB  1 
ATOM   216 O  OG1 . THR A 1 36 ? 7.644   -8.698  3.813   1.00 30.23 ? 70  THR A OG1 1 
ATOM   217 C  CG2 . THR A 1 36 ? 6.140   -7.608  5.356   1.00 31.05 ? 70  THR A CG2 1 
ATOM   218 N  N   . TYR A 1 37 ? 5.713   -6.858  0.992   1.00 26.52 ? 71  TYR A N   1 
ATOM   219 C  CA  . TYR A 1 37 ? 6.176   -6.556  -0.356  1.00 26.89 ? 71  TYR A CA  1 
ATOM   220 C  C   . TYR A 1 37 ? 6.966   -5.247  -0.303  1.00 25.13 ? 71  TYR A C   1 
ATOM   221 O  O   . TYR A 1 37 ? 6.445   -4.213  0.102   1.00 23.71 ? 71  TYR A O   1 
ATOM   222 C  CB  . TYR A 1 37 ? 4.983   -6.404  -1.309  1.00 26.63 ? 71  TYR A CB  1 
ATOM   223 C  CG  . TYR A 1 37 ? 5.376   -5.916  -2.688  1.00 27.39 ? 71  TYR A CG  1 
ATOM   224 C  CD1 . TYR A 1 37 ? 5.476   -4.557  -2.968  1.00 26.47 ? 71  TYR A CD1 1 
ATOM   225 C  CD2 . TYR A 1 37 ? 5.646   -6.821  -3.707  1.00 31.12 ? 71  TYR A CD2 1 
ATOM   226 C  CE1 . TYR A 1 37 ? 5.845   -4.105  -4.231  1.00 27.75 ? 71  TYR A CE1 1 
ATOM   227 C  CE2 . TYR A 1 37 ? 6.012   -6.384  -4.969  1.00 33.32 ? 71  TYR A CE2 1 
ATOM   228 C  CZ  . TYR A 1 37 ? 6.108   -5.027  -5.228  1.00 31.06 ? 71  TYR A CZ  1 
ATOM   229 O  OH  . TYR A 1 37 ? 6.475   -4.612  -6.487  1.00 32.11 ? 71  TYR A OH  1 
ATOM   230 N  N   . LYS A 1 38 ? 8.225   -5.299  -0.721  1.00 24.85 ? 72  LYS A N   1 
ATOM   231 C  CA  . LYS A 1 38 ? 9.086   -4.131  -0.660  1.00 25.12 ? 72  LYS A CA  1 
ATOM   232 C  C   . LYS A 1 38 ? 9.130   -3.393  -1.996  1.00 24.15 ? 72  LYS A C   1 
ATOM   233 O  O   . LYS A 1 38 ? 9.540   -3.955  -3.016  1.00 25.43 ? 72  LYS A O   1 
ATOM   234 C  CB  . LYS A 1 38 ? 10.500  -4.535  -0.263  1.00 27.62 ? 72  LYS A CB  1 
ATOM   235 C  CG  . LYS A 1 38 ? 11.451  -3.356  -0.129  1.00 29.04 ? 72  LYS A CG  1 
ATOM   236 C  CD  . LYS A 1 38 ? 12.761  -3.755  0.528   1.00 32.30 ? 72  LYS A CD  1 
ATOM   237 C  CE  . LYS A 1 38 ? 13.591  -4.655  -0.372  1.00 34.80 ? 72  LYS A CE  1 
ATOM   238 N  NZ  . LYS A 1 38 ? 14.665  -5.355  0.377   1.00 38.78 ? 72  LYS A NZ  1 
ATOM   239 N  N   . TYR A 1 39 ? 8.715   -2.133  -1.980  1.00 22.80 ? 73  TYR A N   1 
ATOM   240 C  CA  . TYR A 1 39 ? 9.034   -1.216  -3.065  1.00 23.31 ? 73  TYR A CA  1 
ATOM   241 C  C   . TYR A 1 39 ? 10.353  -0.548  -2.715  1.00 23.15 ? 73  TYR A C   1 
ATOM   242 O  O   . TYR A 1 39 ? 10.456  0.099   -1.675  1.00 21.48 ? 73  TYR A O   1 
ATOM   243 C  CB  . TYR A 1 39 ? 7.965   -0.137  -3.250  1.00 22.21 ? 73  TYR A CB  1 
ATOM   244 C  CG  . TYR A 1 39 ? 8.484   1.019   -4.077  1.00 23.34 ? 73  TYR A CG  1 
ATOM   245 C  CD1 . TYR A 1 39 ? 8.693   0.875   -5.443  1.00 24.87 ? 73  TYR A CD1 1 
ATOM   246 C  CD2 . TYR A 1 39 ? 8.825   2.232   -3.483  1.00 23.27 ? 73  TYR A CD2 1 
ATOM   247 C  CE1 . TYR A 1 39 ? 9.202   1.914   -6.204  1.00 27.25 ? 73  TYR A CE1 1 
ATOM   248 C  CE2 . TYR A 1 39 ? 9.330   3.282   -4.238  1.00 25.10 ? 73  TYR A CE2 1 
ATOM   249 C  CZ  . TYR A 1 39 ? 9.524   3.114   -5.598  1.00 25.83 ? 73  TYR A CZ  1 
ATOM   250 O  OH  . TYR A 1 39 ? 10.027  4.145   -6.365  1.00 28.64 ? 73  TYR A OH  1 
ATOM   251 N  N   . GLU A 1 40 ? 11.357  -0.698  -3.569  1.00 24.69 ? 74  GLU A N   1 
ATOM   252 C  CA  . GLU A 1 40 ? 12.617  0.009   -3.376  1.00 26.88 ? 74  GLU A CA  1 
ATOM   253 C  C   . GLU A 1 40 ? 13.139  0.546   -4.711  1.00 28.96 ? 74  GLU A C   1 
ATOM   254 O  O   . GLU A 1 40 ? 13.392  -0.218  -5.639  1.00 29.97 ? 74  GLU A O   1 
ATOM   255 C  CB  . GLU A 1 40 ? 13.662  -0.891  -2.703  1.00 29.00 ? 74  GLU A CB  1 
ATOM   256 C  CG  . GLU A 1 40 ? 14.931  -0.140  -2.311  1.00 32.05 ? 74  GLU A CG  1 
ATOM   257 C  CD  . GLU A 1 40 ? 15.919  -0.976  -1.507  1.00 36.23 ? 74  GLU A CD  1 
ATOM   258 O  OE1 . GLU A 1 40 ? 15.556  -2.065  -1.034  1.00 38.05 ? 74  GLU A OE1 1 
ATOM   259 O  OE2 . GLU A 1 40 ? 17.074  -0.532  -1.346  1.00 40.70 ? 74  GLU A OE2 1 
ATOM   260 N  N   . ALA A 1 41 ? 13.291  1.864   -4.794  1.00 29.43 ? 75  ALA A N   1 
ATOM   261 C  CA  . ALA A 1 41 ? 13.824  2.511   -5.998  1.00 32.36 ? 75  ALA A CA  1 
ATOM   262 C  C   . ALA A 1 41 ? 15.335  2.386   -6.052  1.00 34.20 ? 75  ALA A C   1 
ATOM   263 O  O   . ALA A 1 41 ? 15.981  2.126   -5.038  1.00 33.03 ? 75  ALA A O   1 
ATOM   264 C  CB  . ALA A 1 41 ? 13.423  3.978   -6.031  1.00 32.76 ? 75  ALA A CB  1 
ATOM   265 N  N   . LYS A 1 42 ? 15.896  2.598   -7.244  1.00 37.08 ? 76  LYS A N   1 
ATOM   266 C  CA  . LYS A 1 42 ? 17.339  2.565   -7.441  1.00 40.35 ? 76  LYS A CA  1 
ATOM   267 C  C   . LYS A 1 42 ? 18.053  3.588   -6.552  1.00 41.55 ? 76  LYS A C   1 
ATOM   268 O  O   . LYS A 1 42 ? 19.170  3.337   -6.100  1.00 44.58 ? 76  LYS A O   1 
ATOM   269 C  CB  . LYS A 1 42 ? 17.687  2.827   -8.915  1.00 43.46 ? 76  LYS A CB  1 
ATOM   270 N  N   . ASP A 1 43 ? 17.399  4.724   -6.298  1.00 40.94 ? 77  ASP A N   1 
ATOM   271 C  CA  . ASP A 1 43 ? 17.950  5.774   -5.429  1.00 41.71 ? 77  ASP A CA  1 
ATOM   272 C  C   . ASP A 1 43 ? 17.900  5.448   -3.929  1.00 39.63 ? 77  ASP A C   1 
ATOM   273 O  O   . ASP A 1 43 ? 18.393  6.228   -3.116  1.00 40.18 ? 77  ASP A O   1 
ATOM   274 C  CB  . ASP A 1 43 ? 17.278  7.140   -5.703  1.00 43.90 ? 77  ASP A CB  1 
ATOM   275 C  CG  . ASP A 1 43 ? 15.790  7.171   -5.351  1.00 44.25 ? 77  ASP A CG  1 
ATOM   276 O  OD1 . ASP A 1 43 ? 15.333  6.353   -4.527  1.00 43.45 ? 77  ASP A OD1 1 
ATOM   277 O  OD2 . ASP A 1 43 ? 15.070  8.032   -5.907  1.00 45.83 ? 77  ASP A OD2 1 
ATOM   278 N  N   . GLY A 1 44 ? 17.301  4.319   -3.561  1.00 36.45 ? 78  GLY A N   1 
ATOM   279 C  CA  . GLY A 1 44 ? 17.282  3.883   -2.166  1.00 34.32 ? 78  GLY A CA  1 
ATOM   280 C  C   . GLY A 1 44 ? 15.988  4.184   -1.434  1.00 31.70 ? 78  GLY A C   1 
ATOM   281 O  O   . GLY A 1 44 ? 15.745  3.645   -0.362  1.00 30.74 ? 78  GLY A O   1 
ATOM   282 N  N   . ASP A 1 45 ? 15.152  5.044   -2.005  1.00 29.83 ? 79  ASP A N   1 
ATOM   283 C  CA  . ASP A 1 45 ? 13.844  5.310   -1.419  1.00 27.94 ? 79  ASP A CA  1 
ATOM   284 C  C   . ASP A 1 45 ? 13.057  4.013   -1.382  1.00 25.70 ? 79  ASP A C   1 
ATOM   285 O  O   . ASP A 1 45 ? 13.042  3.276   -2.363  1.00 25.13 ? 79  ASP A O   1 
ATOM   286 C  CB  . ASP A 1 45 ? 13.095  6.363   -2.226  1.00 29.06 ? 79  ASP A CB  1 
ATOM   287 C  CG  . ASP A 1 45 ? 13.669  7.753   -2.035  1.00 30.98 ? 79  ASP A CG  1 
ATOM   288 O  OD1 . ASP A 1 45 ? 14.649  7.919   -1.268  1.00 32.34 ? 79  ASP A OD1 1 
ATOM   289 O  OD2 . ASP A 1 45 ? 13.131  8.688   -2.651  1.00 35.22 ? 79  ASP A OD2 1 
ATOM   290 N  N   . TYR A 1 46 ? 12.445  3.716   -0.235  1.00 24.43 ? 80  TYR A N   1 
ATOM   291 C  CA  . TYR A 1 46 ? 11.685  2.487   -0.098  1.00 23.47 ? 80  TYR A CA  1 
ATOM   292 C  C   . TYR A 1 46 ? 10.478  2.628   0.810   1.00 21.45 ? 80  TYR A C   1 
ATOM   293 O  O   . TYR A 1 46 ? 10.415  3.516   1.667   1.00 20.04 ? 80  TYR A O   1 
ATOM   294 C  CB  . TYR A 1 46 ? 12.578  1.338   0.386   1.00 26.18 ? 80  TYR A CB  1 
ATOM   295 C  CG  . TYR A 1 46 ? 12.801  1.283   1.877   1.00 27.12 ? 80  TYR A CG  1 
ATOM   296 C  CD1 . TYR A 1 46 ? 13.806  2.029   2.466   1.00 30.13 ? 80  TYR A CD1 1 
ATOM   297 C  CD2 . TYR A 1 46 ? 12.021  0.472   2.691   1.00 27.03 ? 80  TYR A CD2 1 
ATOM   298 C  CE1 . TYR A 1 46 ? 14.025  1.983   3.834   1.00 32.83 ? 80  TYR A CE1 1 
ATOM   299 C  CE2 . TYR A 1 46 ? 12.224  0.420   4.062   1.00 29.10 ? 80  TYR A CE2 1 
ATOM   300 C  CZ  . TYR A 1 46 ? 13.226  1.183   4.631   1.00 32.58 ? 80  TYR A CZ  1 
ATOM   301 O  OH  . TYR A 1 46 ? 13.450  1.141   5.995   1.00 36.40 ? 80  TYR A OH  1 
ATOM   302 N  N   . ASN A 1 47 ? 9.513   1.744   0.573   1.00 20.01 ? 81  ASN A N   1 
ATOM   303 C  CA  . ASN A 1 47 ? 8.328   1.596   1.387   1.00 19.13 ? 81  ASN A CA  1 
ATOM   304 C  C   . ASN A 1 47 ? 8.035   0.120   1.444   1.00 19.78 ? 81  ASN A C   1 
ATOM   305 O  O   . ASN A 1 47 ? 7.997   -0.552  0.405   1.00 20.33 ? 81  ASN A O   1 
ATOM   306 C  CB  . ASN A 1 47 ? 7.128   2.293   0.768   1.00 19.17 ? 81  ASN A CB  1 
ATOM   307 C  CG  . ASN A 1 47 ? 7.378   3.752   0.510   1.00 18.49 ? 81  ASN A CG  1 
ATOM   308 O  OD1 . ASN A 1 47 ? 8.070   4.108   -0.433  1.00 19.84 ? 81  ASN A OD1 1 
ATOM   309 N  ND2 . ASN A 1 47 ? 6.807   4.607   1.343   1.00 18.67 ? 81  ASN A ND2 1 
ATOM   310 N  N   . LEU A 1 48 ? 7.847   -0.387  2.652   1.00 20.81 ? 82  LEU A N   1 
ATOM   311 C  CA  . LEU A 1 48 ? 7.552   -1.794  2.849   1.00 22.02 ? 82  LEU A CA  1 
ATOM   312 C  C   . LEU A 1 48 ? 6.061   -1.972  3.086   1.00 22.44 ? 82  LEU A C   1 
ATOM   313 O  O   . LEU A 1 48 ? 5.525   -1.510  4.090   1.00 21.49 ? 82  LEU A O   1 
ATOM   314 C  CB  . LEU A 1 48 ? 8.358   -2.345  4.020   1.00 24.13 ? 82  LEU A CB  1 
ATOM   315 C  CG  . LEU A 1 48 ? 8.229   -3.847  4.249   1.00 26.07 ? 82  LEU A CG  1 
ATOM   316 C  CD1 . LEU A 1 48 ? 8.802   -4.626  3.072   1.00 26.94 ? 82  LEU A CD1 1 
ATOM   317 C  CD2 . LEU A 1 48 ? 8.928   -4.227  5.543   1.00 28.12 ? 82  LEU A CD2 1 
ATOM   318 N  N   . ILE A 1 49 ? 5.400   -2.646  2.147   1.00 22.91 ? 83  ILE A N   1 
ATOM   319 C  CA  . ILE A 1 49 ? 3.970   -2.908  2.235   1.00 23.82 ? 83  ILE A CA  1 
ATOM   320 C  C   . ILE A 1 49 ? 3.759   -4.205  3.025   1.00 24.84 ? 83  ILE A C   1 
ATOM   321 O  O   . ILE A 1 49 ? 4.506   -5.185  2.865   1.00 26.67 ? 83  ILE A O   1 
ATOM   322 C  CB  . ILE A 1 49 ? 3.320   -2.993  0.826   1.00 24.30 ? 83  ILE A CB  1 
ATOM   323 C  CG1 . ILE A 1 49 ? 3.170   -1.598  0.189   1.00 24.79 ? 83  ILE A CG1 1 
ATOM   324 C  CG2 . ILE A 1 49 ? 1.947   -3.635  0.884   1.00 24.35 ? 83  ILE A CG2 1 
ATOM   325 C  CD1 . ILE A 1 49 ? 4.449   -0.838  -0.033  1.00 25.77 ? 83  ILE A CD1 1 
ATOM   326 N  N   . GLU A 1 50 ? 2.753   -4.200  3.895   1.00 23.42 ? 84  GLU A N   1 
ATOM   327 C  CA  . GLU A 1 50 ? 2.367   -5.395  4.633   1.00 24.87 ? 84  GLU A CA  1 
ATOM   328 C  C   . GLU A 1 50 ? 0.892   -5.661  4.397   1.00 24.91 ? 84  GLU A C   1 
ATOM   329 O  O   . GLU A 1 50 ? 0.059   -4.803  4.653   1.00 23.86 ? 84  GLU A O   1 
ATOM   330 C  CB  . GLU A 1 50 ? 2.623   -5.209  6.120   1.00 25.72 ? 84  GLU A CB  1 
ATOM   331 C  CG  . GLU A 1 50 ? 2.426   -6.475  6.944   1.00 28.03 ? 84  GLU A CG  1 
ATOM   332 C  CD  . GLU A 1 50 ? 2.581   -6.233  8.429   1.00 29.93 ? 84  GLU A CD  1 
ATOM   333 O  OE1 . GLU A 1 50 ? 2.838   -5.084  8.829   1.00 29.09 ? 84  GLU A OE1 1 
ATOM   334 O  OE2 . GLU A 1 50 ? 2.439   -7.195  9.209   1.00 32.72 ? 84  GLU A OE2 1 
ATOM   335 N  N   . VAL A 1 51 ? 0.585   -6.852  3.899   1.00 25.56 ? 85  VAL A N   1 
ATOM   336 C  CA  . VAL A 1 51 ? -0.783  -7.300  3.759   1.00 26.52 ? 85  VAL A CA  1 
ATOM   337 C  C   . VAL A 1 51 ? -1.050  -8.328  4.856   1.00 28.73 ? 85  VAL A C   1 
ATOM   338 O  O   . VAL A 1 51 ? -0.269  -9.246  5.053   1.00 30.50 ? 85  VAL A O   1 
ATOM   339 C  CB  . VAL A 1 51 ? -1.040  -7.929  2.380   1.00 28.27 ? 85  VAL A CB  1 
ATOM   340 C  CG1 . VAL A 1 51 ? -2.456  -8.494  2.312   1.00 30.65 ? 85  VAL A CG1 1 
ATOM   341 C  CG2 . VAL A 1 51 ? -0.788  -6.909  1.276   1.00 27.59 ? 85  VAL A CG2 1 
ATOM   342 N  N   . ASP A 1 52 ? -2.141  -8.140  5.583   1.00 29.42 ? 86  ASP A N   1 
ATOM   343 C  CA  . ASP A 1 52 ? -2.541  -9.067  6.638   1.00 31.51 ? 86  ASP A CA  1 
ATOM   344 C  C   . ASP A 1 52 ? -4.005  -9.438  6.425   1.00 32.43 ? 86  ASP A C   1 
ATOM   345 O  O   . ASP A 1 52 ? -4.905  -8.770  6.925   1.00 32.38 ? 86  ASP A O   1 
ATOM   346 C  CB  . ASP A 1 52 ? -2.336  -8.422  8.012   1.00 33.36 ? 86  ASP A CB  1 
ATOM   347 C  CG  . ASP A 1 52 ? -2.740  -9.333  9.162   1.00 38.23 ? 86  ASP A CG  1 
ATOM   348 O  OD1 . ASP A 1 52 ? -2.482  -10.555 9.095   1.00 39.10 ? 86  ASP A OD1 1 
ATOM   349 O  OD2 . ASP A 1 52 ? -3.319  -8.816  10.139  1.00 43.24 ? 86  ASP A OD2 1 
ATOM   350 N  N   . GLY A 1 53 ? -4.235  -10.511 5.675   1.00 33.46 ? 87  GLY A N   1 
ATOM   351 C  CA  . GLY A 1 53 ? -5.589  -10.911 5.314   1.00 34.52 ? 87  GLY A CA  1 
ATOM   352 C  C   . GLY A 1 53 ? -6.303  -9.872  4.460   1.00 33.36 ? 87  GLY A C   1 
ATOM   353 O  O   . GLY A 1 53 ? -6.023  -9.730  3.273   1.00 32.88 ? 87  GLY A O   1 
ATOM   354 N  N   . ASP A 1 54 ? -7.232  -9.146  5.073   1.00 33.10 ? 88  ASP A N   1 
ATOM   355 C  CA  . ASP A 1 54 ? -8.068  -8.194  4.348   1.00 32.04 ? 88  ASP A CA  1 
ATOM   356 C  C   . ASP A 1 54 ? -7.672  -6.744  4.607   1.00 29.01 ? 88  ASP A C   1 
ATOM   357 O  O   . ASP A 1 54 ? -8.416  -5.829  4.271   1.00 27.89 ? 88  ASP A O   1 
ATOM   358 C  CB  . ASP A 1 54 ? -9.539  -8.406  4.700   1.00 35.63 ? 88  ASP A CB  1 
ATOM   359 C  CG  . ASP A 1 54 ? -9.827  -8.215  6.182   1.00 38.23 ? 88  ASP A CG  1 
ATOM   360 O  OD1 . ASP A 1 54 ? -8.915  -7.840  6.951   1.00 37.08 ? 88  ASP A OD1 1 
ATOM   361 O  OD2 . ASP A 1 54 ? -10.977 -8.439  6.580   1.00 45.29 ? 88  ASP A OD2 1 
ATOM   362 N  N   . ARG A 1 55 ? -6.497  -6.531  5.192   1.00 27.73 ? 89  ARG A N   1 
ATOM   363 C  CA  . ARG A 1 55 ? -6.026  -5.180  5.465   1.00 25.00 ? 89  ARG A CA  1 
ATOM   364 C  C   . ARG A 1 55 ? -4.592  -4.998  4.984   1.00 23.19 ? 89  ARG A C   1 
ATOM   365 O  O   . ARG A 1 55 ? -3.840  -5.957  4.823   1.00 23.38 ? 89  ARG A O   1 
ATOM   366 C  CB  . ARG A 1 55 ? -6.168  -4.826  6.950   1.00 26.21 ? 89  ARG A CB  1 
ATOM   367 C  CG  . ARG A 1 55 ? -5.458  -5.760  7.901   1.00 29.51 ? 89  ARG A CG  1 
ATOM   368 C  CD  . ARG A 1 55 ? -5.731  -5.369  9.345   1.00 32.54 ? 89  ARG A CD  1 
ATOM   369 N  NE  . ARG A 1 55 ? -4.845  -6.084  10.260  1.00 34.59 ? 89  ARG A NE  1 
ATOM   370 C  CZ  . ARG A 1 55 ? -4.555  -5.687  11.496  1.00 37.10 ? 89  ARG A CZ  1 
ATOM   371 N  NH1 . ARG A 1 55 ? -5.075  -4.566  11.998  1.00 36.04 ? 89  ARG A NH1 1 
ATOM   372 N  NH2 . ARG A 1 55 ? -3.739  -6.422  12.239  1.00 41.31 ? 89  ARG A NH2 1 
ATOM   373 N  N   . ILE A 1 56 ? -4.234  -3.752  4.744   1.00 22.09 ? 90  ILE A N   1 
ATOM   374 C  CA  . ILE A 1 56 ? -2.951  -3.424  4.165   1.00 20.97 ? 90  ILE A CA  1 
ATOM   375 C  C   . ILE A 1 56 ? -2.396  -2.143  4.779   1.00 20.37 ? 90  ILE A C   1 
ATOM   376 O  O   . ILE A 1 56 ? -3.151  -1.239  5.136   1.00 20.36 ? 90  ILE A O   1 
ATOM   377 C  CB  . ILE A 1 56 ? -3.070  -3.289  2.628   1.00 20.61 ? 90  ILE A CB  1 
ATOM   378 C  CG1 . ILE A 1 56 ? -1.688  -3.139  1.988   1.00 21.12 ? 90  ILE A CG1 1 
ATOM   379 C  CG2 . ILE A 1 56 ? -3.989  -2.140  2.241   1.00 20.08 ? 90  ILE A CG2 1 
ATOM   380 C  CD1 . ILE A 1 56 ? -1.686  -3.346  0.487   1.00 21.72 ? 90  ILE A CD1 1 
ATOM   381 N  N   . ARG A 1 57 ? -1.076  -2.088  4.913   1.00 20.56 ? 91  ARG A N   1 
ATOM   382 C  CA  . ARG A 1 57 ? -0.402  -0.876  5.386   1.00 19.20 ? 91  ARG A CA  1 
ATOM   383 C  C   . ARG A 1 57 ? 0.992   -0.765  4.814   1.00 19.52 ? 91  ARG A C   1 
ATOM   384 O  O   . ARG A 1 57 ? 1.503   -1.704  4.203   1.00 19.95 ? 91  ARG A O   1 
ATOM   385 C  CB  . ARG A 1 57 ? -0.318  -0.877  6.916   1.00 20.22 ? 91  ARG A CB  1 
ATOM   386 C  CG  . ARG A 1 57 ? 0.607   -1.938  7.509   1.00 22.01 ? 91  ARG A CG  1 
ATOM   387 C  CD  . ARG A 1 57 ? 0.836   -1.723  9.000   1.00 23.79 ? 91  ARG A CD  1 
ATOM   388 N  NE  . ARG A 1 57 ? 1.640   -2.789  9.589   1.00 25.84 ? 91  ARG A NE  1 
ATOM   389 C  CZ  . ARG A 1 57 ? 1.896   -2.909  10.892  1.00 29.10 ? 91  ARG A CZ  1 
ATOM   390 N  NH1 . ARG A 1 57 ? 1.434   -2.012  11.757  1.00 29.31 ? 91  ARG A NH1 1 
ATOM   391 N  NH2 . ARG A 1 57 ? 2.619   -3.936  11.335  1.00 30.70 ? 91  ARG A NH2 1 
ATOM   392 N  N   . VAL A 1 58 ? 1.594   0.404   5.012   1.00 18.86 ? 92  VAL A N   1 
ATOM   393 C  CA  . VAL A 1 58 ? 3.033   0.561   4.869   1.00 19.73 ? 92  VAL A CA  1 
ATOM   394 C  C   . VAL A 1 58 ? 3.620   0.354   6.261   1.00 21.16 ? 92  VAL A C   1 
ATOM   395 O  O   . VAL A 1 58 ? 3.332   1.116   7.184   1.00 21.75 ? 92  VAL A O   1 
ATOM   396 C  CB  . VAL A 1 58 ? 3.414   1.941   4.306   1.00 19.05 ? 92  VAL A CB  1 
ATOM   397 C  CG1 . VAL A 1 58 ? 4.931   2.084   4.243   1.00 19.42 ? 92  VAL A CG1 1 
ATOM   398 C  CG2 . VAL A 1 58 ? 2.795   2.140   2.925   1.00 19.88 ? 92  VAL A CG2 1 
ATOM   399 N  N   . LYS A 1 59 ? 4.397   -0.713  6.412   1.00 23.21 ? 93  LYS A N   1 
ATOM   400 C  CA  . LYS A 1 59 ? 4.979   -1.099  7.699   1.00 24.50 ? 93  LYS A CA  1 
ATOM   401 C  C   . LYS A 1 59 ? 6.202   -0.260  8.062   1.00 23.85 ? 93  LYS A C   1 
ATOM   402 O  O   . LYS A 1 59 ? 6.466   0.009   9.235   1.00 24.14 ? 93  LYS A O   1 
ATOM   403 C  CB  . LYS A 1 59 ? 5.385   -2.576  7.657   1.00 26.49 ? 93  LYS A CB  1 
ATOM   404 C  CG  . LYS A 1 59 ? 5.932   -3.103  8.970   1.00 29.77 ? 93  LYS A CG  1 
ATOM   405 C  CD  . LYS A 1 59 ? 6.153   -4.600  8.911   1.00 31.34 ? 93  LYS A CD  1 
ATOM   406 C  CE  . LYS A 1 59 ? 6.815   -5.096  10.180  1.00 34.80 ? 93  LYS A CE  1 
ATOM   407 N  NZ  . LYS A 1 59 ? 7.017   -6.565  10.115  1.00 36.12 ? 93  LYS A NZ  1 
ATOM   408 N  N   . GLU A 1 60 ? 6.954   0.133   7.043   1.00 22.34 ? 94  GLU A N   1 
ATOM   409 C  CA  . GLU A 1 60 ? 8.256   0.729   7.226   1.00 23.93 ? 94  GLU A CA  1 
ATOM   410 C  C   . GLU A 1 60 ? 8.579   1.536   5.976   1.00 22.54 ? 94  GLU A C   1 
ATOM   411 O  O   . GLU A 1 60 ? 8.152   1.170   4.876   1.00 21.48 ? 94  GLU A O   1 
ATOM   412 C  CB  . GLU A 1 60 ? 9.292   -0.387  7.449   1.00 27.26 ? 94  GLU A CB  1 
ATOM   413 C  CG  . GLU A 1 60 ? 10.710  0.077   7.730   1.00 30.19 ? 94  GLU A CG  1 
ATOM   414 C  CD  . GLU A 1 60 ? 11.693  -1.081  7.844   1.00 32.38 ? 94  GLU A CD  1 
ATOM   415 O  OE1 . GLU A 1 60 ? 11.339  -2.116  8.449   1.00 33.39 ? 94  GLU A OE1 1 
ATOM   416 O  OE2 . GLU A 1 60 ? 12.831  -0.947  7.340   1.00 33.84 ? 94  GLU A OE2 1 
ATOM   417 N  N   . ALA A 1 61 ? 9.320   2.629   6.142   1.00 22.79 ? 95  ALA A N   1 
ATOM   418 C  CA  . ALA A 1 61 ? 9.750   3.468   5.018   1.00 22.56 ? 95  ALA A CA  1 
ATOM   419 C  C   . ALA A 1 61 ? 10.907  4.373   5.428   1.00 23.04 ? 95  ALA A C   1 
ATOM   420 O  O   . ALA A 1 61 ? 11.200  4.487   6.616   1.00 23.52 ? 95  ALA A O   1 
ATOM   421 C  CB  . ALA A 1 61 ? 8.586   4.308   4.516   1.00 21.97 ? 95  ALA A CB  1 
ATOM   422 N  N   . ASN A 1 62 ? 11.560  5.011   4.455   1.00 23.10 ? 96  ASN A N   1 
ATOM   423 C  CA  . ASN A 1 62 ? 12.656  5.960   4.744   1.00 24.02 ? 96  ASN A CA  1 
ATOM   424 C  C   . ASN A 1 62 ? 12.435  7.353   4.163   1.00 23.69 ? 96  ASN A C   1 
ATOM   425 O  O   . ASN A 1 62 ? 13.386  8.087   3.911   1.00 24.55 ? 96  ASN A O   1 
ATOM   426 C  CB  . ASN A 1 62 ? 14.005  5.418   4.279   1.00 25.57 ? 96  ASN A CB  1 
ATOM   427 C  CG  . ASN A 1 62 ? 14.079  5.235   2.776   1.00 25.50 ? 96  ASN A CG  1 
ATOM   428 O  OD1 . ASN A 1 62 ? 13.089  5.398   2.055   1.00 22.99 ? 96  ASN A OD1 1 
ATOM   429 N  ND2 . ASN A 1 62 ? 15.260  4.881   2.295   1.00 26.75 ? 96  ASN A ND2 1 
ATOM   430 N  N   . CYS A 1 63 ? 11.170  7.712   3.963   1.00 22.92 ? 97  CYS A N   1 
ATOM   431 C  CA  . CYS A 1 63 ? 10.817  9.084   3.646   1.00 22.57 ? 97  CYS A CA  1 
ATOM   432 C  C   . CYS A 1 63 ? 11.039  9.955   4.882   1.00 23.28 ? 97  CYS A C   1 
ATOM   433 O  O   . CYS A 1 63 ? 11.225  9.451   5.984   1.00 22.79 ? 97  CYS A O   1 
ATOM   434 C  CB  . CYS A 1 63 ? 9.368   9.172   3.201   1.00 21.10 ? 97  CYS A CB  1 
ATOM   435 S  SG  . CYS A 1 63 ? 8.220   8.502   4.416   1.00 21.23 ? 97  CYS A SG  1 
ATOM   436 N  N   . ALA A 1 64 ? 11.011  11.268  4.688   1.00 22.98 ? 98  ALA A N   1 
ATOM   437 C  CA  . ALA A 1 64 ? 11.374  12.203  5.756   1.00 24.28 ? 98  ALA A CA  1 
ATOM   438 C  C   . ALA A 1 64 ? 10.336  12.358  6.870   1.00 23.83 ? 98  ALA A C   1 
ATOM   439 O  O   . ALA A 1 64 ? 10.687  12.776  7.966   1.00 26.02 ? 98  ALA A O   1 
ATOM   440 C  CB  . ALA A 1 64 ? 11.698  13.562  5.161   1.00 25.40 ? 98  ALA A CB  1 
ATOM   441 N  N   . ASP A 1 65 ? 9.066   12.044  6.605   1.00 22.34 ? 99  ASP A N   1 
ATOM   442 C  CA  . ASP A 1 65 ? 8.006   12.267  7.604   1.00 22.49 ? 99  ASP A CA  1 
ATOM   443 C  C   . ASP A 1 65 ? 7.270   11.012  8.069   1.00 21.47 ? 99  ASP A C   1 
ATOM   444 O  O   . ASP A 1 65 ? 6.489   11.070  9.022   1.00 22.16 ? 99  ASP A O   1 
ATOM   445 C  CB  . ASP A 1 65 ? 7.004   13.307  7.099   1.00 23.26 ? 99  ASP A CB  1 
ATOM   446 C  CG  . ASP A 1 65 ? 6.353   12.920  5.773   1.00 22.44 ? 99  ASP A CG  1 
ATOM   447 O  OD1 . ASP A 1 65 ? 6.326   11.721  5.423   1.00 22.04 ? 99  ASP A OD1 1 
ATOM   448 O  OD2 . ASP A 1 65 ? 5.859   13.836  5.073   1.00 23.28 ? 99  ASP A OD2 1 
ATOM   449 N  N   . LEU A 1 66 ? 7.505   9.885   7.398   1.00 20.68 ? 100 LEU A N   1 
ATOM   450 C  CA  . LEU A 1 66 ? 6.846   8.602   7.722   1.00 20.04 ? 100 LEU A CA  1 
ATOM   451 C  C   . LEU A 1 66 ? 5.321   8.703   7.825   1.00 19.35 ? 100 LEU A C   1 
ATOM   452 O  O   . LEU A 1 66 ? 4.681   7.923   8.525   1.00 19.13 ? 100 LEU A O   1 
ATOM   453 C  CB  . LEU A 1 66 ? 7.446   7.992   8.985   1.00 21.24 ? 100 LEU A CB  1 
ATOM   454 C  CG  . LEU A 1 66 ? 8.953   7.726   8.999   1.00 22.06 ? 100 LEU A CG  1 
ATOM   455 C  CD1 . LEU A 1 66 ? 9.384   7.104   10.320  1.00 23.56 ? 100 LEU A CD1 1 
ATOM   456 C  CD2 . LEU A 1 66 ? 9.353   6.838   7.825   1.00 21.72 ? 100 LEU A CD2 1 
ATOM   457 N  N   . VAL A 1 67 ? 4.728   9.638   7.087   1.00 19.40 ? 101 VAL A N   1 
ATOM   458 C  CA  . VAL A 1 67 ? 3.277   9.876   7.194   1.00 19.47 ? 101 VAL A CA  1 
ATOM   459 C  C   . VAL A 1 67 ? 2.479   8.616   6.812   1.00 18.82 ? 101 VAL A C   1 
ATOM   460 O  O   . VAL A 1 67 ? 1.506   8.244   7.491   1.00 20.03 ? 101 VAL A O   1 
ATOM   461 C  CB  . VAL A 1 67 ? 2.866   11.111  6.356   1.00 20.26 ? 101 VAL A CB  1 
ATOM   462 C  CG1 . VAL A 1 67 ? 1.382   11.102  6.009   1.00 21.16 ? 101 VAL A CG1 1 
ATOM   463 C  CG2 . VAL A 1 67 ? 3.202   12.379  7.124   1.00 22.20 ? 101 VAL A CG2 1 
ATOM   464 N  N   . ASP A 1 68 ? 2.917   7.944   5.754   1.00 18.48 ? 102 ASP A N   1 
ATOM   465 C  CA  . ASP A 1 68 ? 2.274   6.703   5.295   1.00 18.52 ? 102 ASP A CA  1 
ATOM   466 C  C   . ASP A 1 68 ? 2.388   5.587   6.327   1.00 19.08 ? 102 ASP A C   1 
ATOM   467 O  O   . ASP A 1 68 ? 1.426   4.866   6.570   1.00 19.97 ? 102 ASP A O   1 
ATOM   468 C  CB  . ASP A 1 68 ? 2.794   6.256   3.919   1.00 18.45 ? 102 ASP A CB  1 
ATOM   469 C  CG  . ASP A 1 68 ? 4.303   6.235   3.831   1.00 19.16 ? 102 ASP A CG  1 
ATOM   470 O  OD1 . ASP A 1 68 ? 4.939   7.240   4.214   1.00 19.46 ? 102 ASP A OD1 1 
ATOM   471 O  OD2 . ASP A 1 68 ? 4.854   5.220   3.367   1.00 20.03 ? 102 ASP A OD2 1 
ATOM   472 N  N   . VAL A 1 69 ? 3.553   5.458   6.956   1.00 20.00 ? 103 VAL A N   1 
ATOM   473 C  CA  . VAL A 1 69 ? 3.723   4.515   8.068   1.00 20.55 ? 103 VAL A CA  1 
ATOM   474 C  C   . VAL A 1 69 ? 2.779   4.853   9.234   1.00 21.38 ? 103 VAL A C   1 
ATOM   475 O  O   . VAL A 1 69 ? 2.132   3.965   9.815   1.00 20.55 ? 103 VAL A O   1 
ATOM   476 C  CB  . VAL A 1 69 ? 5.197   4.484   8.548   1.00 22.07 ? 103 VAL A CB  1 
ATOM   477 C  CG1 . VAL A 1 69 ? 5.362   3.626   9.791   1.00 23.17 ? 103 VAL A CG1 1 
ATOM   478 C  CG2 . VAL A 1 69 ? 6.102   3.961   7.452   1.00 21.82 ? 103 VAL A CG2 1 
ATOM   479 N  N   . ARG A 1 70 ? 2.695   6.136   9.575   1.00 20.92 ? 104 ARG A N   1 
ATOM   480 C  CA  . ARG A 1 70 ? 1.915   6.561   10.736  1.00 21.94 ? 104 ARG A CA  1 
ATOM   481 C  C   . ARG A 1 70 ? 0.403   6.412   10.510  1.00 22.74 ? 104 ARG A C   1 
ATOM   482 O  O   . ARG A 1 70 ? -0.346  6.243   11.467  1.00 23.79 ? 104 ARG A O   1 
ATOM   483 C  CB  . ARG A 1 70 ? 2.276   7.996   11.114  1.00 22.08 ? 104 ARG A CB  1 
ATOM   484 C  CG  . ARG A 1 70 ? 3.703   8.124   11.644  1.00 22.43 ? 104 ARG A CG  1 
ATOM   485 C  CD  . ARG A 1 70 ? 4.281   9.491   11.343  1.00 23.30 ? 104 ARG A CD  1 
ATOM   486 N  NE  . ARG A 1 70 ? 3.490   10.540  11.975  1.00 23.97 ? 104 ARG A NE  1 
ATOM   487 C  CZ  . ARG A 1 70 ? 3.564   11.829  11.668  1.00 25.44 ? 104 ARG A CZ  1 
ATOM   488 N  NH1 . ARG A 1 70 ? 4.396   12.259  10.722  1.00 25.02 ? 104 ARG A NH1 1 
ATOM   489 N  NH2 . ARG A 1 70 ? 2.790   12.694  12.305  1.00 26.74 ? 104 ARG A NH2 1 
ATOM   490 N  N   . ARG A 1 71 ? -0.019  6.459   9.247   1.00 22.72 ? 105 ARG A N   1 
ATOM   491 C  CA  . ARG A 1 71 ? -1.417  6.238   8.846   1.00 24.06 ? 105 ARG A CA  1 
ATOM   492 C  C   . ARG A 1 71 ? -1.935  4.843   9.225   1.00 24.28 ? 105 ARG A C   1 
ATOM   493 O  O   . ARG A 1 71 ? -3.099  4.695   9.586   1.00 24.61 ? 105 ARG A O   1 
ATOM   494 C  CB  . ARG A 1 71 ? -1.549  6.486   7.332   1.00 26.56 ? 105 ARG A CB  1 
ATOM   495 C  CG  . ARG A 1 71 ? -2.898  6.131   6.709   1.00 30.60 ? 105 ARG A CG  1 
ATOM   496 C  CD  . ARG A 1 71 ? -3.894  7.265   6.850   1.00 32.48 ? 105 ARG A CD  1 
ATOM   497 N  NE  . ARG A 1 71 ? -5.098  7.001   6.062   1.00 36.07 ? 105 ARG A NE  1 
ATOM   498 C  CZ  . ARG A 1 71 ? -6.116  6.242   6.458   1.00 40.75 ? 105 ARG A CZ  1 
ATOM   499 N  NH1 . ARG A 1 71 ? -6.101  5.638   7.651   1.00 44.79 ? 105 ARG A NH1 1 
ATOM   500 N  NH2 . ARG A 1 71 ? -7.165  6.087   5.655   1.00 40.28 ? 105 ARG A NH2 1 
ATOM   501 N  N   . GLY A 1 72 ? -1.077  3.827   9.152   1.00 23.19 ? 106 GLY A N   1 
ATOM   502 C  CA  . GLY A 1 72 ? -1.460  2.473   9.523   1.00 24.90 ? 106 GLY A CA  1 
ATOM   503 C  C   . GLY A 1 72 ? -2.385  1.804   8.518   1.00 22.83 ? 106 GLY A C   1 
ATOM   504 O  O   . GLY A 1 72 ? -2.373  2.140   7.338   1.00 22.16 ? 106 GLY A O   1 
ATOM   505 N  N   . TRP A 1 73 ? -3.213  0.885   9.016   1.00 24.06 ? 107 TRP A N   1 
ATOM   506 C  CA  . TRP A 1 73 ? -3.979  -0.029  8.173   1.00 23.49 ? 107 TRP A CA  1 
ATOM   507 C  C   . TRP A 1 73 ? -5.174  0.625   7.494   1.00 22.81 ? 107 TRP A C   1 
ATOM   508 O  O   . TRP A 1 73 ? -5.823  1.489   8.073   1.00 24.17 ? 107 TRP A O   1 
ATOM   509 C  CB  . TRP A 1 73 ? -4.525  -1.190  9.011   1.00 25.28 ? 107 TRP A CB  1 
ATOM   510 C  CG  . TRP A 1 73 ? -3.514  -2.027  9.742   1.00 26.10 ? 107 TRP A CG  1 
ATOM   511 C  CD1 . TRP A 1 73 ? -3.195  -1.947  11.062  1.00 29.72 ? 107 TRP A CD1 1 
ATOM   512 C  CD2 . TRP A 1 73 ? -2.734  -3.102  9.205   1.00 26.18 ? 107 TRP A CD2 1 
ATOM   513 N  NE1 . TRP A 1 73 ? -2.256  -2.904  11.386  1.00 30.01 ? 107 TRP A NE1 1 
ATOM   514 C  CE2 . TRP A 1 73 ? -1.959  -3.628  10.262  1.00 27.88 ? 107 TRP A CE2 1 
ATOM   515 C  CE3 . TRP A 1 73 ? -2.609  -3.668  7.929   1.00 25.13 ? 107 TRP A CE3 1 
ATOM   516 C  CZ2 . TRP A 1 73 ? -1.068  -4.692  10.084  1.00 28.36 ? 107 TRP A CZ2 1 
ATOM   517 C  CZ3 . TRP A 1 73 ? -1.727  -4.727  7.750   1.00 25.98 ? 107 TRP A CZ3 1 
ATOM   518 C  CH2 . TRP A 1 73 ? -0.965  -5.225  8.824   1.00 28.17 ? 107 TRP A CH2 1 
ATOM   519 N  N   . ILE A 1 74 ? -5.470  0.191   6.271   1.00 22.29 ? 108 ILE A N   1 
ATOM   520 C  CA  . ILE A 1 74 ? -6.765  0.468   5.641   1.00 21.84 ? 108 ILE A CA  1 
ATOM   521 C  C   . ILE A 1 74 ? -7.300  -0.843  5.080   1.00 21.95 ? 108 ILE A C   1 
ATOM   522 O  O   . ILE A 1 74 ? -6.547  -1.796  4.873   1.00 21.52 ? 108 ILE A O   1 
ATOM   523 C  CB  . ILE A 1 74 ? -6.721  1.532   4.510   1.00 21.16 ? 108 ILE A CB  1 
ATOM   524 C  CG1 . ILE A 1 74 ? -5.867  1.086   3.312   1.00 21.04 ? 108 ILE A CG1 1 
ATOM   525 C  CG2 . ILE A 1 74 ? -6.239  2.881   5.042   1.00 20.85 ? 108 ILE A CG2 1 
ATOM   526 C  CD1 . ILE A 1 74 ? -5.921  2.070   2.158   1.00 20.73 ? 108 ILE A CD1 1 
ATOM   527 N  N   . SER A 1 75 ? -8.603  -0.872  4.826   1.00 21.94 ? 109 SER A N   1 
ATOM   528 C  CA  . SER A 1 75 ? -9.255  -2.074  4.326   1.00 22.09 ? 109 SER A CA  1 
ATOM   529 C  C   . SER A 1 75 ? -10.509 -1.837  3.479   1.00 22.58 ? 109 SER A C   1 
ATOM   530 O  O   . SER A 1 75 ? -10.987 -2.774  2.852   1.00 24.08 ? 109 SER A O   1 
ATOM   531 C  CB  . SER A 1 75 ? -9.610  -2.982  5.512   1.00 23.11 ? 109 SER A CB  1 
ATOM   532 O  OG  . SER A 1 75 ? -10.627 -2.405  6.329   1.00 23.57 ? 109 SER A OG  1 
ATOM   533 N  N   . LYS A 1 76 ? -11.043 -0.611  3.466   1.00 22.23 ? 110 LYS A N   1 
ATOM   534 C  CA  . LYS A 1 76 ? -12.328 -0.322  2.815   1.00 22.86 ? 110 LYS A CA  1 
ATOM   535 C  C   . LYS A 1 76 ? -12.149 0.673   1.676   1.00 22.21 ? 110 LYS A C   1 
ATOM   536 O  O   . LYS A 1 76 ? -11.281 1.543   1.759   1.00 20.80 ? 110 LYS A O   1 
ATOM   537 C  CB  . LYS A 1 76 ? -13.337 0.248   3.816   1.00 23.65 ? 110 LYS A CB  1 
ATOM   538 C  CG  . LYS A 1 76 ? -13.569 -0.612  5.052   1.00 24.67 ? 110 LYS A CG  1 
ATOM   539 C  CD  . LYS A 1 76 ? -14.146 -1.966  4.708   1.00 25.42 ? 110 LYS A CD  1 
ATOM   540 C  CE  . LYS A 1 76 ? -14.379 -2.779  5.966   1.00 26.76 ? 110 LYS A CE  1 
ATOM   541 N  NZ  . LYS A 1 76 ? -15.025 -4.082  5.668   1.00 28.26 ? 110 LYS A NZ  1 
ATOM   542 N  N   . PRO A 1 77 ? -12.974 0.551   0.616   1.00 24.00 ? 111 PRO A N   1 
ATOM   543 C  CA  . PRO A 1 77 ? -12.807 1.420   -0.560  1.00 24.09 ? 111 PRO A CA  1 
ATOM   544 C  C   . PRO A 1 77 ? -12.898 2.921   -0.302  1.00 24.48 ? 111 PRO A C   1 
ATOM   545 O  O   . PRO A 1 77 ? -12.180 3.699   -0.938  1.00 25.59 ? 111 PRO A O   1 
ATOM   546 C  CB  . PRO A 1 77 ? -13.923 0.975   -1.502  1.00 25.88 ? 111 PRO A CB  1 
ATOM   547 C  CG  . PRO A 1 77 ? -14.235 -0.419  -1.098  1.00 27.64 ? 111 PRO A CG  1 
ATOM   548 C  CD  . PRO A 1 77 ? -13.975 -0.508  0.379   1.00 26.63 ? 111 PRO A CD  1 
ATOM   549 N  N   . GLY A 1 78 ? -13.755 3.333   0.616   1.00 25.40 ? 112 GLY A N   1 
ATOM   550 C  CA  . GLY A 1 78 ? -13.951 4.761   0.873   1.00 26.11 ? 112 GLY A CA  1 
ATOM   551 C  C   . GLY A 1 78 ? -12.842 5.444   1.654   1.00 24.61 ? 112 GLY A C   1 
ATOM   552 O  O   . GLY A 1 78 ? -12.827 6.675   1.762   1.00 24.55 ? 112 GLY A O   1 
ATOM   553 N  N   . GLU A 1 79 ? -11.924 4.669   2.233   1.00 23.40 ? 113 GLU A N   1 
ATOM   554 C  CA  . GLU A 1 79 ? -10.913 5.242   3.124   1.00 23.08 ? 113 GLU A CA  1 
ATOM   555 C  C   . GLU A 1 79 ? -9.929  6.092   2.345   1.00 22.12 ? 113 GLU A C   1 
ATOM   556 O  O   . GLU A 1 79 ? -9.570  5.753   1.225   1.00 22.26 ? 113 GLU A O   1 
ATOM   557 C  CB  . GLU A 1 79 ? -10.149 4.153   3.862   1.00 22.34 ? 113 GLU A CB  1 
ATOM   558 C  CG  . GLU A 1 79 ? -11.042 3.335   4.766   1.00 24.41 ? 113 GLU A CG  1 
ATOM   559 C  CD  . GLU A 1 79 ? -10.273 2.496   5.756   1.00 24.94 ? 113 GLU A CD  1 
ATOM   560 O  OE1 . GLU A 1 79 ? -9.747  3.074   6.733   1.00 25.30 ? 113 GLU A OE1 1 
ATOM   561 O  OE2 . GLU A 1 79 ? -10.245 1.254   5.582   1.00 24.32 ? 113 GLU A OE2 1 
ATOM   562 N  N   . THR A 1 80 ? -9.504  7.196   2.951   1.00 23.60 ? 114 THR A N   1 
ATOM   563 C  CA  . THR A 1 80 ? -8.443  8.030   2.381   1.00 24.27 ? 114 THR A CA  1 
ATOM   564 C  C   . THR A 1 80 ? -7.260  7.133   2.016   1.00 23.53 ? 114 THR A C   1 
ATOM   565 O  O   . THR A 1 80 ? -6.813  6.338   2.848   1.00 22.88 ? 114 THR A O   1 
ATOM   566 C  CB  . THR A 1 80 ? -7.980  9.115   3.376   1.00 26.08 ? 114 THR A CB  1 
ATOM   567 O  OG1 . THR A 1 80 ? -9.106  9.895   3.801   1.00 30.10 ? 114 THR A OG1 1 
ATOM   568 C  CG2 . THR A 1 80 ? -6.958  10.039  2.726   1.00 27.61 ? 114 THR A CG2 1 
ATOM   569 N  N   . PRO A 1 81 ? -6.766  7.229   0.766   1.00 22.99 ? 115 PRO A N   1 
ATOM   570 C  CA  . PRO A 1 81 ? -5.633  6.391   0.341   1.00 22.26 ? 115 PRO A CA  1 
ATOM   571 C  C   . PRO A 1 81 ? -4.406  6.579   1.223   1.00 20.98 ? 115 PRO A C   1 
ATOM   572 O  O   . PRO A 1 81 ? -4.208  7.674   1.750   1.00 21.91 ? 115 PRO A O   1 
ATOM   573 C  CB  . PRO A 1 81 ? -5.332  6.900   -1.074  1.00 23.53 ? 115 PRO A CB  1 
ATOM   574 C  CG  . PRO A 1 81 ? -6.619  7.469   -1.547  1.00 25.24 ? 115 PRO A CG  1 
ATOM   575 C  CD  . PRO A 1 81 ? -7.288  8.051   -0.342  1.00 25.48 ? 115 PRO A CD  1 
ATOM   576 N  N   . ILE A 1 82 ? -3.611  5.526   1.402   1.00 19.31 ? 116 ILE A N   1 
ATOM   577 C  CA  . ILE A 1 82 ? -2.284  5.671   1.994   1.00 18.92 ? 116 ILE A CA  1 
ATOM   578 C  C   . ILE A 1 82 ? -1.430  6.387   0.966   1.00 19.33 ? 116 ILE A C   1 
ATOM   579 O  O   . ILE A 1 82 ? -1.381  5.988   -0.194  1.00 19.33 ? 116 ILE A O   1 
ATOM   580 C  CB  . ILE A 1 82 ? -1.627  4.326   2.331   1.00 19.64 ? 116 ILE A CB  1 
ATOM   581 C  CG1 . ILE A 1 82 ? -2.434  3.602   3.413   1.00 20.59 ? 116 ILE A CG1 1 
ATOM   582 C  CG2 . ILE A 1 82 ? -0.201  4.536   2.799   1.00 19.00 ? 116 ILE A CG2 1 
ATOM   583 C  CD1 . ILE A 1 82 ? -2.165  2.108   3.506   1.00 21.02 ? 116 ILE A CD1 1 
ATOM   584 N  N   . ALA A 1 83 ? -0.787  7.458   1.395   1.00 18.06 ? 117 ALA A N   1 
ATOM   585 C  CA  . ALA A 1 83 ? 0.032   8.242   0.497   1.00 18.02 ? 117 ALA A CA  1 
ATOM   586 C  C   . ALA A 1 83 ? 1.412   8.505   1.091   1.00 18.64 ? 117 ALA A C   1 
ATOM   587 O  O   . ALA A 1 83 ? 1.534   8.990   2.227   1.00 19.44 ? 117 ALA A O   1 
ATOM   588 C  CB  . ALA A 1 83 ? -0.667  9.548   0.166   1.00 19.81 ? 117 ALA A CB  1 
ATOM   589 N  N   . CYS A 1 84 ? 2.441   8.180   0.310   1.00 17.53 ? 118 CYS A N   1 
ATOM   590 C  CA  . CYS A 1 84 ? 3.792   8.642   0.573   1.00 17.39 ? 118 CYS A CA  1 
ATOM   591 C  C   . CYS A 1 84 ? 4.138   9.650   -0.495  1.00 17.25 ? 118 CYS A C   1 
ATOM   592 O  O   . CYS A 1 84 ? 4.648   9.307   -1.567  1.00 16.67 ? 118 CYS A O   1 
ATOM   593 C  CB  . CYS A 1 84 ? 4.782   7.485   0.569   1.00 18.01 ? 118 CYS A CB  1 
ATOM   594 S  SG  . CYS A 1 84 ? 6.460   8.003   0.981   1.00 18.86 ? 118 CYS A SG  1 
ATOM   595 N  N   . LEU A 1 85 ? 3.839   10.908  -0.219  1.00 18.27 ? 119 LEU A N   1 
ATOM   596 C  CA  . LEU A 1 85 ? 4.057   11.941  -1.212  1.00 18.96 ? 119 LEU A CA  1 
ATOM   597 C  C   . LEU A 1 85 ? 5.538   12.113  -1.627  1.00 19.64 ? 119 LEU A C   1 
ATOM   598 O  O   . LEU A 1 85 ? 5.810   12.280  -2.813  1.00 20.22 ? 119 LEU A O   1 
ATOM   599 C  CB  . LEU A 1 85 ? 3.432   13.266  -0.769  1.00 21.07 ? 119 LEU A CB  1 
ATOM   600 C  CG  . LEU A 1 85 ? 1.917   13.234  -0.531  1.00 21.07 ? 119 LEU A CG  1 
ATOM   601 C  CD1 . LEU A 1 85 ? 1.442   14.599  -0.051  1.00 23.42 ? 119 LEU A CD1 1 
ATOM   602 C  CD2 . LEU A 1 85 ? 1.168   12.786  -1.778  1.00 21.11 ? 119 LEU A CD2 1 
ATOM   603 N  N   . PRO A 1 86 ? 6.493   12.027  -0.674  1.00 19.88 ? 120 PRO A N   1 
ATOM   604 C  CA  . PRO A 1 86 ? 7.910   12.122  -1.059  1.00 20.63 ? 120 PRO A CA  1 
ATOM   605 C  C   . PRO A 1 86 ? 8.364   11.045  -2.056  1.00 20.37 ? 120 PRO A C   1 
ATOM   606 O  O   . PRO A 1 86 ? 9.239   11.316  -2.875  1.00 21.51 ? 120 PRO A O   1 
ATOM   607 C  CB  . PRO A 1 86 ? 8.651   11.973  0.280   1.00 21.05 ? 120 PRO A CB  1 
ATOM   608 C  CG  . PRO A 1 86 ? 7.661   12.400  1.303   1.00 21.07 ? 120 PRO A CG  1 
ATOM   609 C  CD  . PRO A 1 86 ? 6.345   11.909  0.787   1.00 19.91 ? 120 PRO A CD  1 
ATOM   610 N  N   . HIS A 1 87 ? 7.768   9.854   -1.994  1.00 18.55 ? 121 HIS A N   1 
ATOM   611 C  CA  . HIS A 1 87 ? 8.113   8.772   -2.924  1.00 18.70 ? 121 HIS A CA  1 
ATOM   612 C  C   . HIS A 1 87 ? 7.114   8.633   -4.079  1.00 18.73 ? 121 HIS A C   1 
ATOM   613 O  O   . HIS A 1 87 ? 7.246   7.739   -4.918  1.00 18.98 ? 121 HIS A O   1 
ATOM   614 C  CB  . HIS A 1 87 ? 8.230   7.449   -2.173  1.00 19.13 ? 121 HIS A CB  1 
ATOM   615 C  CG  . HIS A 1 87 ? 9.343   7.420   -1.171  1.00 19.72 ? 121 HIS A CG  1 
ATOM   616 N  ND1 . HIS A 1 87 ? 9.530   6.364   -0.308  1.00 19.94 ? 121 HIS A ND1 1 
ATOM   617 C  CD2 . HIS A 1 87 ? 10.313  8.320   -0.882  1.00 20.63 ? 121 HIS A CD2 1 
ATOM   618 C  CE1 . HIS A 1 87 ? 10.572  6.611   0.467   1.00 20.89 ? 121 HIS A CE1 1 
ATOM   619 N  NE2 . HIS A 1 87 ? 11.068  7.790   0.136   1.00 21.62 ? 121 HIS A NE2 1 
ATOM   620 N  N   . ASN A 1 88 ? 6.124   9.524   -4.122  1.00 19.39 ? 122 ASN A N   1 
ATOM   621 C  CA  . ASN A 1 88 ? 5.069   9.494   -5.136  1.00 20.00 ? 122 ASN A CA  1 
ATOM   622 C  C   . ASN A 1 88 ? 4.370   8.125   -5.203  1.00 18.94 ? 122 ASN A C   1 
ATOM   623 O  O   . ASN A 1 88 ? 4.148   7.570   -6.287  1.00 18.56 ? 122 ASN A O   1 
ATOM   624 C  CB  . ASN A 1 88 ? 5.638   9.880   -6.500  1.00 22.52 ? 122 ASN A CB  1 
ATOM   625 C  CG  . ASN A 1 88 ? 4.592   10.470  -7.423  1.00 25.43 ? 122 ASN A CG  1 
ATOM   626 O  OD1 . ASN A 1 88 ? 3.496   10.830  -6.990  1.00 26.50 ? 122 ASN A OD1 1 
ATOM   627 N  ND2 . ASN A 1 88 ? 4.931   10.595  -8.699  1.00 26.31 ? 122 ASN A ND2 1 
ATOM   628 N  N   . LEU A 1 89 ? 4.045   7.603   -4.026  1.00 17.92 ? 123 LEU A N   1 
ATOM   629 C  CA  . LEU A 1 89 ? 3.491   6.267   -3.859  1.00 18.00 ? 123 LEU A CA  1 
ATOM   630 C  C   . LEU A 1 89 ? 2.130   6.335   -3.165  1.00 18.17 ? 123 LEU A C   1 
ATOM   631 O  O   . LEU A 1 89 ? 1.963   7.081   -2.194  1.00 18.15 ? 123 LEU A O   1 
ATOM   632 C  CB  . LEU A 1 89 ? 4.452   5.410   -3.046  1.00 18.79 ? 123 LEU A CB  1 
ATOM   633 C  CG  . LEU A 1 89 ? 3.999   3.998   -2.626  1.00 18.98 ? 123 LEU A CG  1 
ATOM   634 C  CD1 . LEU A 1 89 ? 5.207   3.076   -2.536  1.00 21.65 ? 123 LEU A CD1 1 
ATOM   635 C  CD2 . LEU A 1 89 ? 3.217   3.953   -1.316  1.00 19.59 ? 123 LEU A CD2 1 
ATOM   636 N  N   . PHE A 1 90 ? 1.172   5.542   -3.653  1.00 17.47 ? 124 PHE A N   1 
ATOM   637 C  CA  . PHE A 1 90 ? -0.204  5.565   -3.164  1.00 17.19 ? 124 PHE A CA  1 
ATOM   638 C  C   . PHE A 1 90 ? -0.757  4.148   -3.086  1.00 16.80 ? 124 PHE A C   1 
ATOM   639 O  O   . PHE A 1 90 ? -0.462  3.315   -3.942  1.00 16.63 ? 124 PHE A O   1 
ATOM   640 C  CB  . PHE A 1 90 ? -1.096  6.407   -4.089  1.00 19.11 ? 124 PHE A CB  1 
ATOM   641 C  CG  . PHE A 1 90 ? -0.652  7.831   -4.206  1.00 20.03 ? 124 PHE A CG  1 
ATOM   642 C  CD1 . PHE A 1 90 ? 0.302   8.194   -5.139  1.00 20.56 ? 124 PHE A CD1 1 
ATOM   643 C  CD2 . PHE A 1 90 ? -1.156  8.801   -3.348  1.00 21.17 ? 124 PHE A CD2 1 
ATOM   644 C  CE1 . PHE A 1 90 ? 0.743   9.498   -5.221  1.00 21.94 ? 124 PHE A CE1 1 
ATOM   645 C  CE2 . PHE A 1 90 ? -0.718  10.109  -3.430  1.00 22.64 ? 124 PHE A CE2 1 
ATOM   646 C  CZ  . PHE A 1 90 ? 0.228   10.458  -4.376  1.00 22.25 ? 124 PHE A CZ  1 
ATOM   647 N  N   . ILE A 1 91 ? -1.529  3.878   -2.044  1.00 17.02 ? 125 ILE A N   1 
ATOM   648 C  CA  . ILE A 1 91 ? -2.268  2.632   -1.937  1.00 18.03 ? 125 ILE A CA  1 
ATOM   649 C  C   . ILE A 1 91 ? -3.732  2.965   -1.708  1.00 18.75 ? 125 ILE A C   1 
ATOM   650 O  O   . ILE A 1 91 ? -4.071  3.641   -0.735  1.00 20.03 ? 125 ILE A O   1 
ATOM   651 C  CB  . ILE A 1 91 ? -1.791  1.761   -0.768  1.00 18.84 ? 125 ILE A CB  1 
ATOM   652 C  CG1 . ILE A 1 91 ? -0.306  1.409   -0.915  1.00 19.66 ? 125 ILE A CG1 1 
ATOM   653 C  CG2 . ILE A 1 91 ? -2.653  0.507   -0.670  1.00 20.31 ? 125 ILE A CG2 1 
ATOM   654 C  CD1 . ILE A 1 91 ? 0.293   0.812   0.341   1.00 20.85 ? 125 ILE A CD1 1 
ATOM   655 N  N   . THR A 1 92 ? -4.584  2.505   -2.622  1.00 19.17 ? 126 THR A N   1 
ATOM   656 C  CA  A THR A 1 92 ? -6.027  2.683   -2.469  0.50 20.80 ? 126 THR A CA  1 
ATOM   657 C  CA  B THR A 1 92 ? -6.028  2.694   -2.552  0.50 20.85 ? 126 THR A CA  1 
ATOM   658 C  C   . THR A 1 92 ? -6.708  1.325   -2.486  1.00 21.43 ? 126 THR A C   1 
ATOM   659 O  O   . THR A 1 92 ? -6.216  0.365   -3.078  1.00 22.94 ? 126 THR A O   1 
ATOM   660 C  CB  A THR A 1 92 ? -6.633  3.614   -3.548  0.50 22.87 ? 126 THR A CB  1 
ATOM   661 C  CB  B THR A 1 92 ? -6.517  3.420   -3.816  0.50 22.74 ? 126 THR A CB  1 
ATOM   662 O  OG1 A THR A 1 92 ? -7.947  4.029   -3.152  0.50 23.33 ? 126 THR A OG1 1 
ATOM   663 O  OG1 B THR A 1 92 ? -6.070  2.705   -4.974  0.50 24.74 ? 126 THR A OG1 1 
ATOM   664 C  CG2 A THR A 1 92 ? -6.721  2.931   -4.902  0.50 24.15 ? 126 THR A CG2 1 
ATOM   665 C  CG2 B THR A 1 92 ? -5.957  4.835   -3.892  0.50 21.80 ? 126 THR A CG2 1 
ATOM   666 N  N   . VAL A 1 93 ? -7.831  1.234   -1.785  1.00 21.07 ? 127 VAL A N   1 
ATOM   667 C  CA  . VAL A 1 93 ? -8.637  0.023   -1.781  1.00 21.50 ? 127 VAL A CA  1 
ATOM   668 C  C   . VAL A 1 93 ? -9.837  0.263   -2.699  1.00 21.69 ? 127 VAL A C   1 
ATOM   669 O  O   . VAL A 1 93 ? -10.375 1.379   -2.758  1.00 21.34 ? 127 VAL A O   1 
ATOM   670 C  CB  . VAL A 1 93 ? -9.100  -0.340  -0.348  1.00 22.11 ? 127 VAL A CB  1 
ATOM   671 C  CG1 . VAL A 1 93 ? -10.130 -1.460  -0.368  1.00 23.41 ? 127 VAL A CG1 1 
ATOM   672 C  CG2 . VAL A 1 93 ? -7.904  -0.727  0.504   1.00 22.06 ? 127 VAL A CG2 1 
ATOM   673 N  N   . GLU A 1 94 ? -10.233 -0.770  -3.437  1.00 23.01 ? 128 GLU A N   1 
ATOM   674 C  CA  . GLU A 1 94 ? -11.363 -0.666  -4.364  1.00 24.98 ? 128 GLU A CA  1 
ATOM   675 C  C   . GLU A 1 94 ? -12.078 -2.007  -4.492  1.00 26.68 ? 128 GLU A C   1 
ATOM   676 O  O   . GLU A 1 94 ? -11.518 -3.040  -4.144  1.00 25.52 ? 128 GLU A O   1 
ATOM   677 C  CB  . GLU A 1 94 ? -10.887 -0.166  -5.735  1.00 25.43 ? 128 GLU A CB  1 
ATOM   678 C  CG  . GLU A 1 94 ? -9.965  -1.129  -6.472  1.00 25.94 ? 128 GLU A CG  1 
ATOM   679 C  CD  . GLU A 1 94 ? -9.397  -0.560  -7.770  1.00 27.30 ? 128 GLU A CD  1 
ATOM   680 O  OE1 . GLU A 1 94 ? -9.361  0.682   -7.957  1.00 26.26 ? 128 GLU A OE1 1 
ATOM   681 O  OE2 . GLU A 1 94 ? -8.974  -1.378  -8.616  1.00 27.28 ? 128 GLU A OE2 1 
ATOM   682 N  N   . ALA A 1 95 ? -13.315 -1.988  -4.987  1.00 30.15 ? 129 ALA A N   1 
ATOM   683 C  CA  . ALA A 1 95 ? -14.068 -3.222  -5.189  1.00 35.13 ? 129 ALA A CA  1 
ATOM   684 C  C   . ALA A 1 95 ? -13.490 -4.009  -6.360  1.00 41.02 ? 129 ALA A C   1 
ATOM   685 O  O   . ALA A 1 95 ? -12.846 -3.443  -7.243  1.00 40.80 ? 129 ALA A O   1 
ATOM   686 C  CB  . ALA A 1 95 ? -15.541 -2.922  -5.425  1.00 36.18 ? 129 ALA A CB  1 
ATOM   687 N  N   . SER A 1 96 ? -13.735 -5.316  -6.366  1.00 49.73 ? 130 SER A N   1 
ATOM   688 C  CA  . SER A 1 96 ? -13.280 -6.187  -7.456  1.00 58.56 ? 130 SER A CA  1 
ATOM   689 C  C   . SER A 1 96 ? -14.005 -5.914  -8.791  1.00 65.50 ? 130 SER A C   1 
ATOM   690 O  O   . SER A 1 96 ? -13.787 -6.623  -9.771  1.00 68.21 ? 130 SER A O   1 
ATOM   691 C  CB  . SER A 1 96 ? -13.422 -7.656  -7.043  1.00 62.34 ? 130 SER A CB  1 
ATOM   692 O  OG  . SER A 1 96 ? -12.619 -7.923  -5.901  1.00 61.22 ? 130 SER A OG  1 
ATOM   693 N  N   . ASP A 1 97 ? -14.873 -4.897  -8.799  1.00 74.37 ? 131 ASP A N   1 
ATOM   694 C  CA  . ASP A 1 97 ? -15.435 -4.289  -10.014 1.00 78.82 ? 131 ASP A CA  1 
ATOM   695 C  C   . ASP A 1 97 ? -16.374 -5.220  -10.764 1.00 79.49 ? 131 ASP A C   1 
ATOM   696 O  O   . ASP A 1 97 ? -17.576 -4.965  -10.836 1.00 83.66 ? 131 ASP A O   1 
ATOM   697 C  CB  . ASP A 1 97 ? -14.325 -3.768  -10.945 1.00 80.80 ? 131 ASP A CB  1 
ATOM   698 C  CG  . ASP A 1 97 ? -13.520 -2.621  -10.329 1.00 85.75 ? 131 ASP A CG  1 
ATOM   699 O  OD1 . ASP A 1 97 ? -13.989 -1.996  -9.352  1.00 96.09 ? 131 ASP A OD1 1 
ATOM   700 O  OD2 . ASP A 1 97 ? -12.415 -2.330  -10.833 1.00 87.17 ? 131 ASP A OD2 1 
HETATM 701 O  O1  . PG4 B 2 .  ? -4.834  5.037   -7.490  1.00 60.04 ? 200 PG4 A O1  1 
HETATM 702 C  C1  . PG4 B 2 .  ? -5.001  4.058   -8.523  1.00 53.14 ? 200 PG4 A C1  1 
HETATM 703 C  C2  . PG4 B 2 .  ? -5.498  4.738   -9.793  1.00 58.53 ? 200 PG4 A C2  1 
HETATM 704 O  O2  . PG4 B 2 .  ? -4.413  4.957   -10.698 1.00 60.60 ? 200 PG4 A O2  1 
HETATM 705 C  C3  . PG4 B 2 .  ? -4.817  5.530   -11.945 1.00 66.37 ? 200 PG4 A C3  1 
HETATM 706 C  C4  . PG4 B 2 .  ? -5.140  4.419   -12.941 1.00 68.98 ? 200 PG4 A C4  1 
HETATM 707 O  O3  . PG4 B 2 .  ? -6.451  4.566   -13.507 1.00 71.24 ? 200 PG4 A O3  1 
HETATM 708 C  C5  . PG4 B 2 .  ? -7.535  4.262   -12.628 1.00 62.43 ? 200 PG4 A C5  1 
HETATM 709 ZN ZN  . ZN  C 3 .  ? 6.297   8.362   3.226   1.00 19.53 ? 201 ZN  A ZN  1 
HETATM 710 O  O   . HOH D 4 .  ? 5.400   10.077  3.635   1.00 20.09 ? 301 HOH A O   1 
HETATM 711 O  O   . HOH D 4 .  ? 3.076   11.447  2.546   1.00 18.76 ? 302 HOH A O   1 
HETATM 712 O  O   . HOH D 4 .  ? 11.547  12.229  1.973   1.00 27.90 ? 303 HOH A O   1 
HETATM 713 O  O   . HOH D 4 .  ? 1.964   7.715   -8.216  1.00 20.62 ? 304 HOH A O   1 
HETATM 714 O  O   . HOH D 4 .  ? -1.533  8.619   -11.626 1.00 33.34 ? 305 HOH A O   1 
HETATM 715 O  O   . HOH D 4 .  ? 2.201   1.287   9.674   1.00 26.81 ? 306 HOH A O   1 
HETATM 716 O  O   . HOH D 4 .  ? -10.813 -5.402  2.955   1.00 25.85 ? 307 HOH A O   1 
HETATM 717 O  O   . HOH D 4 .  ? -12.765 -5.705  4.833   1.00 29.90 ? 308 HOH A O   1 
HETATM 718 O  O   . HOH D 4 .  ? 13.059  5.250   8.955   1.00 47.76 ? 309 HOH A O   1 
HETATM 719 O  O   . HOH D 4 .  ? 6.695   -11.814 2.523   1.00 37.93 ? 310 HOH A O   1 
HETATM 720 O  O   . HOH D 4 .  ? 0.125   2.573   6.177   1.00 19.81 ? 311 HOH A O   1 
HETATM 721 O  O   . HOH D 4 .  ? 13.353  -7.876  -0.286  1.00 29.14 ? 312 HOH A O   1 
HETATM 722 O  O   . HOH D 4 .  ? 9.661   3.114   9.117   1.00 26.78 ? 313 HOH A O   1 
HETATM 723 O  O   . HOH D 4 .  ? -3.452  3.882   -5.659  1.00 25.95 ? 314 HOH A O   1 
HETATM 724 O  O   . HOH D 4 .  ? 3.674   13.833  3.363   1.00 24.46 ? 315 HOH A O   1 
HETATM 725 O  O   . HOH D 4 .  ? -14.342 0.578   -5.573  1.00 35.40 ? 316 HOH A O   1 
HETATM 726 O  O   . HOH D 4 .  ? -7.441  -8.873  -8.534  1.00 50.60 ? 317 HOH A O   1 
HETATM 727 O  O   . HOH D 4 .  ? 18.115  -2.505  0.470   1.00 29.99 ? 318 HOH A O   1 
HETATM 728 O  O   . HOH D 4 .  ? -5.321  3.317   10.107  1.00 37.83 ? 319 HOH A O   1 
HETATM 729 O  O   . HOH D 4 .  ? -0.212  0.514   11.910  1.00 39.64 ? 320 HOH A O   1 
HETATM 730 O  O   . HOH D 4 .  ? -3.396  -11.251 -0.468  1.00 36.33 ? 321 HOH A O   1 
HETATM 731 O  O   . HOH D 4 .  ? -9.204  3.268   -0.096  1.00 29.62 ? 322 HOH A O   1 
HETATM 732 O  O   . HOH D 4 .  ? 9.758   9.431   -7.159  1.00 47.30 ? 323 HOH A O   1 
HETATM 733 O  O   . HOH D 4 .  ? -4.257  -11.705 2.298   1.00 29.35 ? 324 HOH A O   1 
HETATM 734 O  O   . HOH D 4 .  ? 11.428  7.886   -4.372  1.00 35.67 ? 325 HOH A O   1 
HETATM 735 O  O   . HOH D 4 .  ? 12.659  8.786   8.240   1.00 28.12 ? 326 HOH A O   1 
HETATM 736 O  O   . HOH D 4 .  ? 13.357  8.963   1.177   1.00 26.10 ? 327 HOH A O   1 
HETATM 737 O  O   . HOH D 4 .  ? -9.893  5.756   7.265   1.00 31.28 ? 328 HOH A O   1 
HETATM 738 O  O   . HOH D 4 .  ? -0.491  -7.312  -9.350  1.00 30.05 ? 329 HOH A O   1 
HETATM 739 O  O   . HOH D 4 .  ? -6.290  -8.912  9.615   1.00 53.19 ? 330 HOH A O   1 
HETATM 740 O  O   . HOH D 4 .  ? 1.926   6.049   -16.248 1.00 34.54 ? 331 HOH A O   1 
HETATM 741 O  O   . HOH D 4 .  ? -1.690  -3.616  14.006  1.00 39.22 ? 332 HOH A O   1 
HETATM 742 O  O   . HOH D 4 .  ? -0.584  8.489   4.072   1.00 24.21 ? 333 HOH A O   1 
HETATM 743 O  O   . HOH D 4 .  ? 3.648   12.618  -10.338 1.00 30.71 ? 334 HOH A O   1 
HETATM 744 O  O   . HOH D 4 .  ? 4.853   16.132  6.313   1.00 40.75 ? 335 HOH A O   1 
HETATM 745 O  O   . HOH D 4 .  ? -13.311 -8.549  5.160   1.00 48.77 ? 336 HOH A O   1 
HETATM 746 O  O   . HOH D 4 .  ? 0.682   10.237  -8.805  1.00 34.56 ? 337 HOH A O   1 
HETATM 747 O  O   . HOH D 4 .  ? -13.153 6.444   -2.319  1.00 44.33 ? 338 HOH A O   1 
HETATM 748 O  O   . HOH D 4 .  ? -11.292 3.546   -4.459  1.00 41.34 ? 339 HOH A O   1 
HETATM 749 O  O   . HOH D 4 .  ? 3.864   12.985  -4.586  1.00 32.47 ? 340 HOH A O   1 
HETATM 750 O  O   . HOH D 4 .  ? -12.615 -11.934 2.544   1.00 41.70 ? 341 HOH A O   1 
HETATM 751 O  O   . HOH D 4 .  ? 9.203   -7.983  -1.549  1.00 29.48 ? 342 HOH A O   1 
HETATM 752 O  O   . HOH D 4 .  ? 9.662   6.400   -5.373  1.00 37.53 ? 343 HOH A O   1 
HETATM 753 O  O   . HOH D 4 .  ? 5.471   -10.253 8.033   1.00 56.96 ? 344 HOH A O   1 
HETATM 754 O  O   . HOH D 4 .  ? 12.373  -4.506  -3.554  1.00 42.46 ? 345 HOH A O   1 
HETATM 755 O  O   . HOH D 4 .  ? -3.026  -10.773 -4.162  1.00 35.01 ? 346 HOH A O   1 
HETATM 756 O  O   . HOH D 4 .  ? 6.884   2.793   -11.071 1.00 31.51 ? 347 HOH A O   1 
HETATM 757 O  O   . HOH D 4 .  ? -9.455  -5.855  8.938   1.00 44.50 ? 348 HOH A O   1 
HETATM 758 O  O   . HOH D 4 .  ? -7.149  -2.745  11.014  1.00 43.53 ? 349 HOH A O   1 
HETATM 759 O  O   . HOH D 4 .  ? 0.429   -16.348 5.908   1.00 50.09 ? 350 HOH A O   1 
HETATM 760 O  O   . HOH D 4 .  ? 5.996   10.166  -12.337 1.00 35.39 ? 351 HOH A O   1 
HETATM 761 O  O   . HOH D 4 .  ? -3.641  1.264   12.011  1.00 39.19 ? 352 HOH A O   1 
HETATM 762 O  O   . HOH D 4 .  ? 4.261   4.936   -17.079 1.00 48.79 ? 353 HOH A O   1 
HETATM 763 O  O   . HOH D 4 .  ? 8.118   8.679   -13.756 1.00 38.89 ? 354 HOH A O   1 
HETATM 764 O  O   . HOH D 4 .  ? 6.678   6.188   -14.222 1.00 35.41 ? 355 HOH A O   1 
HETATM 765 O  O   . HOH D 4 .  ? -11.669 -7.512  1.322   1.00 31.60 ? 356 HOH A O   1 
HETATM 766 O  O   . HOH D 4 .  ? 17.037  1.408   0.526   1.00 33.18 ? 357 HOH A O   1 
HETATM 767 O  O   . HOH D 4 .  ? 16.351  -6.839  -0.713  1.00 37.91 ? 358 HOH A O   1 
HETATM 768 O  O   . HOH D 4 .  ? -13.880 3.034   -4.750  1.00 49.41 ? 359 HOH A O   1 
HETATM 769 O  O   . HOH D 4 .  ? -15.300 4.409   -2.670  1.00 43.99 ? 360 HOH A O   1 
HETATM 770 O  O   . HOH D 4 .  ? -10.421 6.261   -1.518  1.00 38.69 ? 361 HOH A O   1 
HETATM 771 O  O   . HOH D 4 .  ? 4.574   -7.193  11.102  1.00 45.36 ? 362 HOH A O   1 
HETATM 772 O  O   . HOH D 4 .  ? 7.655   -9.694  10.038  1.00 58.83 ? 363 HOH A O   1 
HETATM 773 O  O   . HOH D 4 .  ? -7.771  -10.934 8.072   1.00 47.96 ? 364 HOH A O   1 
HETATM 774 O  O   . HOH D 4 .  ? -4.995  -8.740  -9.244  1.00 41.21 ? 365 HOH A O   1 
HETATM 775 O  O   . HOH D 4 .  ? 0.175   12.238  2.848   1.00 35.97 ? 366 HOH A O   1 
HETATM 776 O  O   . HOH D 4 .  ? -17.283 -4.606  3.773   1.00 42.45 ? 367 HOH A O   1 
HETATM 777 O  O   . HOH D 4 .  ? -1.649  4.610   -13.814 1.00 44.47 ? 368 HOH A O   1 
HETATM 778 O  O   . HOH D 4 .  ? -2.398  5.805   -16.260 1.00 40.61 ? 369 HOH A O   1 
HETATM 779 O  O   . HOH D 4 .  ? -15.225 0.577   -8.467  1.00 58.35 ? 370 HOH A O   1 
HETATM 780 O  O   . HOH D 4 .  ? 15.427  5.963   -8.253  1.00 51.60 ? 371 HOH A O   1 
HETATM 781 O  O   . HOH D 4 .  ? 9.725   -2.389  10.563  1.00 37.39 ? 372 HOH A O   1 
HETATM 782 O  O   . HOH D 4 .  ? 12.708  11.419  -0.105  1.00 45.15 ? 373 HOH A O   1 
HETATM 783 O  O   . HOH D 4 .  ? 12.102  4.353   11.323  1.00 47.78 ? 374 HOH A O   1 
HETATM 784 O  O   . HOH D 4 .  ? 0.425   3.307   12.424  1.00 38.02 ? 375 HOH A O   1 
HETATM 785 O  O   . HOH D 4 .  ? 3.031   5.294   -19.758 1.00 43.59 ? 376 HOH A O   1 
HETATM 786 O  O   . HOH D 4 .  ? 10.870  -2.711  -5.685  1.00 39.90 ? 377 HOH A O   1 
HETATM 787 O  O   . HOH D 4 .  ? 8.797   12.110  -6.462  1.00 53.70 ? 378 HOH A O   1 
HETATM 788 O  O   . HOH D 4 .  ? -1.783  13.408  1.327   1.00 46.78 ? 379 HOH A O   1 
# 
loop_
_atom_site_anisotrop.id 
_atom_site_anisotrop.type_symbol 
_atom_site_anisotrop.pdbx_label_atom_id 
_atom_site_anisotrop.pdbx_label_alt_id 
_atom_site_anisotrop.pdbx_label_comp_id 
_atom_site_anisotrop.pdbx_label_asym_id 
_atom_site_anisotrop.pdbx_label_seq_id 
_atom_site_anisotrop.pdbx_PDB_ins_code 
_atom_site_anisotrop.U[1][1] 
_atom_site_anisotrop.U[2][2] 
_atom_site_anisotrop.U[3][3] 
_atom_site_anisotrop.U[1][2] 
_atom_site_anisotrop.U[1][3] 
_atom_site_anisotrop.U[2][3] 
_atom_site_anisotrop.pdbx_auth_seq_id 
_atom_site_anisotrop.pdbx_auth_comp_id 
_atom_site_anisotrop.pdbx_auth_asym_id 
_atom_site_anisotrop.pdbx_auth_atom_id 
1   N N   . THR A 11 ? 0.6467 0.6763 0.7726 -0.2152 0.0926  -0.0163 45  THR A N   
2   C CA  . THR A 11 ? 0.6298 0.6111 0.7289 -0.1982 0.0929  -0.0110 45  THR A CA  
3   C C   . THR A 11 ? 0.5282 0.5254 0.6236 -0.1739 0.0811  -0.0106 45  THR A C   
4   O O   . THR A 11 ? 0.5065 0.5369 0.6119 -0.1738 0.0694  -0.0188 45  THR A O   
5   C CB  . THR A 11 ? 0.7124 0.6514 0.7976 -0.2117 0.0943  -0.0215 45  THR A CB  
6   O OG1 . THR A 11 ? 0.7843 0.6853 0.8489 -0.1921 0.0942  -0.0177 45  THR A OG1 
7   C CG2 . THR A 11 ? 0.7242 0.6897 0.8168 -0.2249 0.0833  -0.0404 45  THR A CG2 
8   N N   . TYR A 12 ? 0.4478 0.4223 0.5285 -0.1544 0.0834  -0.0001 46  TYR A N   
9   C CA  . TYR A 12 ? 0.3875 0.3744 0.4646 -0.1332 0.0740  0.0019  46  TYR A CA  
10  C C   . TYR A 12 ? 0.3715 0.3230 0.4279 -0.1228 0.0734  0.0018  46  TYR A C   
11  O O   . TYR A 12 ? 0.3959 0.3113 0.4420 -0.1278 0.0806  0.0015  46  TYR A O   
12  C CB  . TYR A 12 ? 0.3642 0.3662 0.4468 -0.1191 0.0768  0.0126  46  TYR A CB  
13  C CG  . TYR A 12 ? 0.3655 0.4053 0.4713 -0.1275 0.0800  0.0113  46  TYR A CG  
14  C CD1 . TYR A 12 ? 0.3617 0.4412 0.4883 -0.1295 0.0705  0.0038  46  TYR A CD1 
15  C CD2 . TYR A 12 ? 0.3864 0.4256 0.4934 -0.1332 0.0927  0.0179  46  TYR A CD2 
16  C CE1 . TYR A 12 ? 0.3689 0.4881 0.5217 -0.1356 0.0738  0.0017  46  TYR A CE1 
17  C CE2 . TYR A 12 ? 0.3834 0.4613 0.5135 -0.1413 0.0980  0.0151  46  TYR A CE2 
18  C CZ  . TYR A 12 ? 0.3811 0.4999 0.5363 -0.1417 0.0888  0.0064  46  TYR A CZ  
19  O OH  . TYR A 12 ? 0.4035 0.5658 0.5864 -0.1482 0.0944  0.0030  46  TYR A OH  
20  N N   . GLN A 13 ? 0.3432 0.3055 0.3951 -0.1081 0.0650  0.0021  47  GLN A N   
21  C CA  . GLN A 13 ? 0.3391 0.2766 0.3746 -0.0973 0.0651  0.0017  47  GLN A CA  
22  C C   . GLN A 13 ? 0.3104 0.2581 0.3439 -0.0794 0.0609  0.0110  47  GLN A C   
23  O O   . GLN A 13 ? 0.2995 0.2743 0.3427 -0.0756 0.0543  0.0136  47  GLN A O   
24  C CB  . GLN A 13 ? 0.3512 0.2906 0.3790 -0.1047 0.0598  -0.0121 47  GLN A CB  
25  C CG  . GLN A 13 ? 0.3299 0.3064 0.3620 -0.1044 0.0474  -0.0138 47  GLN A CG  
26  C CD  . GLN A 13 ? 0.3516 0.3362 0.3760 -0.1187 0.0417  -0.0288 47  GLN A CD  
27  O OE1 . GLN A 13 ? 0.3786 0.3447 0.3998 -0.1332 0.0475  -0.0408 47  GLN A OE1 
28  N NE2 . GLN A 13 ? 0.3281 0.3394 0.3481 -0.1156 0.0300  -0.0280 47  GLN A NE2 
29  N N   . ALA A 14 ? 0.3042 0.2301 0.3275 -0.0684 0.0646  0.0160  48  ALA A N   
30  C CA  . ALA A 14 ? 0.2864 0.2193 0.3070 -0.0540 0.0611  0.0233  48  ALA A CA  
31  C C   . ALA A 14 ? 0.2784 0.2112 0.2900 -0.0498 0.0575  0.0185  48  ALA A C   
32  O O   . ALA A 14 ? 0.3002 0.2161 0.3046 -0.0512 0.0617  0.0117  48  ALA A O   
33  C CB  . ALA A 14 ? 0.2920 0.2083 0.3085 -0.0459 0.0666  0.0323  48  ALA A CB  
34  N N   . VAL A 15 ? 0.2594 0.2098 0.2710 -0.0447 0.0505  0.0222  49  VAL A N   
35  C CA  . VAL A 15 ? 0.2565 0.2105 0.2575 -0.0428 0.0473  0.0198  49  VAL A CA  
36  C C   . VAL A 15 ? 0.2428 0.1939 0.2415 -0.0325 0.0483  0.0278  49  VAL A C   
37  O O   . VAL A 15 ? 0.2241 0.1815 0.2283 -0.0277 0.0447  0.0354  49  VAL A O   
38  C CB  . VAL A 15 ? 0.2605 0.2367 0.2614 -0.0469 0.0371  0.0207  49  VAL A CB  
39  C CG1 . VAL A 15 ? 0.2761 0.2569 0.2614 -0.0470 0.0340  0.0207  49  VAL A CG1 
40  C CG2 . VAL A 15 ? 0.2852 0.2708 0.2914 -0.0591 0.0346  0.0121  49  VAL A CG2 
41  N N   . LEU A 16 ? 0.2456 0.1879 0.2376 -0.0294 0.0536  0.0245  50  LEU A N   
42  C CA  . LEU A 16 ? 0.2415 0.1852 0.2334 -0.0218 0.0549  0.0304  50  LEU A CA  
43  C C   . LEU A 16 ? 0.2456 0.2005 0.2280 -0.0246 0.0533  0.0299  50  LEU A C   
44  O O   . LEU A 16 ? 0.2716 0.2275 0.2454 -0.0284 0.0570  0.0212  50  LEU A O   
45  C CB  . LEU A 16 ? 0.2490 0.1808 0.2439 -0.0152 0.0620  0.0281  50  LEU A CB  
46  C CG  . LEU A 16 ? 0.2501 0.1890 0.2479 -0.0080 0.0637  0.0320  50  LEU A CG  
47  C CD1 . LEU A 16 ? 0.2456 0.1902 0.2474 -0.0065 0.0586  0.0412  50  LEU A CD1 
48  C CD2 . LEU A 16 ? 0.2655 0.1951 0.2698 0.0008  0.0696  0.0296  50  LEU A CD2 
49  N N   . LYS A 17 ? 0.2386 0.1999 0.2210 -0.0236 0.0484  0.0391  51  LYS A N   
50  C CA  . LYS A 17 ? 0.2675 0.2377 0.2390 -0.0278 0.0464  0.0429  51  LYS A CA  
51  C C   . LYS A 17 ? 0.2598 0.2308 0.2347 -0.0255 0.0492  0.0487  51  LYS A C   
52  O O   . LYS A 17 ? 0.2514 0.2175 0.2352 -0.0217 0.0470  0.0531  51  LYS A O   
53  C CB  . LYS A 17 ? 0.2949 0.2697 0.2644 -0.0300 0.0364  0.0508  51  LYS A CB  
54  C CG  . LYS A 17 ? 0.3272 0.3079 0.2825 -0.0348 0.0328  0.0593  51  LYS A CG  
55  C CD  . LYS A 17 ? 0.3555 0.3413 0.3089 -0.0351 0.0209  0.0682  51  LYS A CD  
56  C CE  . LYS A 17 ? 0.3892 0.3663 0.3583 -0.0270 0.0160  0.0762  51  LYS A CE  
57  N NZ  . LYS A 17 ? 0.4292 0.4127 0.4009 -0.0238 0.0039  0.0856  51  LYS A NZ  
58  N N   . VAL A 18 ? 0.2641 0.2436 0.2317 -0.0290 0.0549  0.0469  52  VAL A N   
59  C CA  . VAL A 18 ? 0.2824 0.2677 0.2541 -0.0302 0.0578  0.0521  52  VAL A CA  
60  C C   . VAL A 18 ? 0.2883 0.2823 0.2452 -0.0398 0.0595  0.0571  52  VAL A C   
61  O O   . VAL A 18 ? 0.2987 0.3010 0.2435 -0.0434 0.0639  0.0509  52  VAL A O   
62  C CB  . VAL A 18 ? 0.3027 0.2958 0.2858 -0.0243 0.0659  0.0448  52  VAL A CB  
63  C CG1 . VAL A 18 ? 0.3375 0.3417 0.3286 -0.0273 0.0674  0.0499  52  VAL A CG1 
64  C CG2 . VAL A 18 ? 0.3113 0.2935 0.3045 -0.0153 0.0645  0.0417  52  VAL A CG2 
65  N N   . ASP A 19 ? 0.3050 0.2964 0.2614 -0.0450 0.0564  0.0682  53  ASP A N   
66  C CA  . ASP A 19 ? 0.3437 0.3401 0.2838 -0.0559 0.0578  0.0770  53  ASP A CA  
67  C C   . ASP A 19 ? 0.3375 0.3351 0.2591 -0.0586 0.0526  0.0795  53  ASP A C   
68  O O   . ASP A 19 ? 0.3388 0.3489 0.2423 -0.0669 0.0576  0.0793  53  ASP A O   
69  C CB  . ASP A 19 ? 0.3869 0.4033 0.3273 -0.0616 0.0701  0.0713  53  ASP A CB  
70  C CG  . ASP A 19 ? 0.4494 0.4712 0.4095 -0.0610 0.0733  0.0705  53  ASP A CG  
71  O OD1 . ASP A 19 ? 0.4749 0.4828 0.4401 -0.0629 0.0667  0.0781  53  ASP A OD1 
72  O OD2 . ASP A 19 ? 0.5125 0.5536 0.4837 -0.0584 0.0822  0.0612  53  ASP A OD2 
73  N N   . ASN A 20 ? 0.3279 0.3159 0.2540 -0.0520 0.0428  0.0807  54  ASN A N   
74  C CA  . ASN A 20 ? 0.3494 0.3411 0.2614 -0.0540 0.0339  0.0848  54  ASN A CA  
75  C C   . ASN A 20 ? 0.3608 0.3655 0.2622 -0.0574 0.0383  0.0701  54  ASN A C   
76  O O   . ASN A 20 ? 0.3951 0.4087 0.2798 -0.0629 0.0315  0.0720  54  ASN A O   
77  C CB  . ASN A 20 ? 0.3705 0.3614 0.2643 -0.0618 0.0286  0.1025  54  ASN A CB  
78  C CG  . ASN A 20 ? 0.3815 0.3532 0.2860 -0.0587 0.0240  0.1163  54  ASN A CG  
79  O OD1 . ASN A 20 ? 0.3925 0.3589 0.2955 -0.0656 0.0303  0.1217  54  ASN A OD1 
80  N ND2 . ASN A 20 ? 0.3715 0.3334 0.2886 -0.0489 0.0138  0.1202  54  ASN A ND2 
81  N N   . LYS A 21 ? 0.3398 0.3450 0.2508 -0.0541 0.0488  0.0554  55  LYS A N   
82  C CA  A LYS A 21 ? 0.3490 0.3596 0.2533 -0.0560 0.0547  0.0383  55  LYS A CA  
83  C CA  B LYS A 21 ? 0.3457 0.3563 0.2500 -0.0560 0.0547  0.0383  55  LYS A CA  
84  C C   . LYS A 21 ? 0.3220 0.3204 0.2447 -0.0483 0.0544  0.0297  55  LYS A C   
85  O O   . LYS A 21 ? 0.2931 0.2832 0.2325 -0.0404 0.0576  0.0311  55  LYS A O   
86  C CB  A LYS A 21 ? 0.3675 0.3873 0.2677 -0.0576 0.0693  0.0282  55  LYS A CB  
87  C CB  B LYS A 21 ? 0.3586 0.3786 0.2589 -0.0576 0.0694  0.0279  55  LYS A CB  
88  C CG  A LYS A 21 ? 0.4066 0.4408 0.2871 -0.0680 0.0722  0.0371  55  LYS A CG  
89  C CG  B LYS A 21 ? 0.3856 0.4051 0.2817 -0.0573 0.0775  0.0069  55  LYS A CG  
90  C CD  A LYS A 21 ? 0.4343 0.4836 0.3104 -0.0704 0.0887  0.0230  55  LYS A CD  
91  C CD  B LYS A 21 ? 0.4132 0.4458 0.3033 -0.0585 0.0931  -0.0055 55  LYS A CD  
92  C CE  A LYS A 21 ? 0.4662 0.5218 0.3231 -0.0752 0.0934  0.0051  55  LYS A CE  
93  C CE  B LYS A 21 ? 0.4389 0.4645 0.3276 -0.0563 0.1015  -0.0287 55  LYS A CE  
94  N NZ  A LYS A 21 ? 0.4959 0.5715 0.3396 -0.0813 0.1097  -0.0058 55  LYS A NZ  
95  N NZ  B LYS A 21 ? 0.4809 0.5221 0.3582 -0.0591 0.1172  -0.0446 55  LYS A NZ  
96  N N   . VAL A 22 ? 0.3334 0.3317 0.2517 -0.0521 0.0502  0.0214  56  VAL A N   
97  C CA  . VAL A 22 ? 0.3291 0.3147 0.2623 -0.0482 0.0516  0.0131  56  VAL A CA  
98  C C   . VAL A 22 ? 0.3546 0.3316 0.2882 -0.0458 0.0644  -0.0022 56  VAL A C   
99  O O   . VAL A 22 ? 0.3823 0.3632 0.3016 -0.0524 0.0691  -0.0157 56  VAL A O   
100 C CB  . VAL A 22 ? 0.3394 0.3299 0.2705 -0.0556 0.0429  0.0090  56  VAL A CB  
101 C CG1 . VAL A 22 ? 0.3366 0.3124 0.2821 -0.0544 0.0467  0.0006  56  VAL A CG1 
102 C CG2 . VAL A 22 ? 0.3266 0.3277 0.2622 -0.0542 0.0298  0.0247  56  VAL A CG2 
103 N N   . ILE A 23 ? 0.3526 0.3185 0.3023 -0.0356 0.0699  -0.0004 57  ILE A N   
104 C CA  . ILE A 23 ? 0.3754 0.3336 0.3300 -0.0289 0.0818  -0.0124 57  ILE A CA  
105 C C   . ILE A 23 ? 0.3687 0.3034 0.3313 -0.0261 0.0847  -0.0206 57  ILE A C   
106 O O   . ILE A 23 ? 0.3806 0.3042 0.3440 -0.0225 0.0942  -0.0345 57  ILE A O   
107 C CB  . ILE A 23 ? 0.3775 0.3422 0.3453 -0.0186 0.0859  -0.0049 57  ILE A CB  
108 C CG1 . ILE A 23 ? 0.3744 0.3305 0.3560 -0.0121 0.0797  0.0074  57  ILE A CG1 
109 C CG2 . ILE A 23 ? 0.3845 0.3701 0.3438 -0.0245 0.0853  0.0023  57  ILE A CG2 
110 C CD1 . ILE A 23 ? 0.3814 0.3456 0.3771 -0.0024 0.0826  0.0126  57  ILE A CD1 
111 N N   . LYS A 24 ? 0.3575 0.2841 0.3262 -0.0282 0.0777  -0.0127 58  LYS A N   
112 C CA  . LYS A 24 ? 0.3822 0.2851 0.3581 -0.0279 0.0808  -0.0170 58  LYS A CA  
113 C C   . LYS A 24 ? 0.3396 0.2442 0.3170 -0.0380 0.0730  -0.0123 58  LYS A C   
114 O O   . LYS A 24 ? 0.3007 0.2203 0.2811 -0.0376 0.0659  -0.0009 58  LYS A O   
115 C CB  . LYS A 24 ? 0.4359 0.3268 0.4249 -0.0142 0.0836  -0.0072 58  LYS A CB  
116 C CG  . LYS A 24 ? 0.5399 0.4010 0.5347 -0.0098 0.0902  -0.0119 58  LYS A CG  
117 C CD  . LYS A 24 ? 0.6166 0.4686 0.6120 -0.0030 0.0999  -0.0273 58  LYS A CD  
118 C CE  . LYS A 24 ? 0.7226 0.5411 0.7281 0.0074  0.1059  -0.0274 58  LYS A CE  
119 N NZ  . LYS A 24 ? 0.8040 0.5959 0.8059 -0.0045 0.1051  -0.0271 58  LYS A NZ  
120 N N   . VAL A 25 ? 0.3433 0.2329 0.3202 -0.0473 0.0753  -0.0221 59  VAL A N   
121 C CA  . VAL A 25 ? 0.3425 0.2346 0.3257 -0.0571 0.0704  -0.0179 59  VAL A CA  
122 C C   . VAL A 25 ? 0.3602 0.2224 0.3499 -0.0571 0.0776  -0.0168 59  VAL A C   
123 O O   . VAL A 25 ? 0.3906 0.2287 0.3772 -0.0591 0.0846  -0.0283 59  VAL A O   
124 C CB  . VAL A 25 ? 0.3602 0.2663 0.3373 -0.0732 0.0651  -0.0300 59  VAL A CB  
125 C CG1 . VAL A 25 ? 0.3647 0.2782 0.3536 -0.0837 0.0610  -0.0264 59  VAL A CG1 
126 C CG2 . VAL A 25 ? 0.3475 0.2818 0.3152 -0.0727 0.0567  -0.0277 59  VAL A CG2 
127 N N   . PHE A 26 ? 0.3434 0.2058 0.3409 -0.0547 0.0765  -0.0028 60  PHE A N   
128 C CA  . PHE A 26 ? 0.3639 0.1986 0.3647 -0.0552 0.0828  0.0034  60  PHE A CA  
129 C C   . PHE A 26 ? 0.3837 0.2206 0.3890 -0.0726 0.0830  0.0026  60  PHE A C   
130 O O   . PHE A 26 ? 0.3599 0.2244 0.3711 -0.0766 0.0781  0.0069  60  PHE A O   
131 C CB  . PHE A 26 ? 0.3482 0.1841 0.3513 -0.0425 0.0821  0.0205  60  PHE A CB  
132 C CG  . PHE A 26 ? 0.3510 0.1931 0.3534 -0.0266 0.0806  0.0229  60  PHE A CG  
133 C CD1 . PHE A 26 ? 0.3780 0.1993 0.3821 -0.0148 0.0850  0.0242  60  PHE A CD1 
134 C CD2 . PHE A 26 ? 0.3255 0.1945 0.3277 -0.0234 0.0750  0.0247  60  PHE A CD2 
135 C CE1 . PHE A 26 ? 0.3611 0.1946 0.3687 -0.0010 0.0839  0.0259  60  PHE A CE1 
136 C CE2 . PHE A 26 ? 0.3174 0.1941 0.3204 -0.0119 0.0743  0.0269  60  PHE A CE2 
137 C CZ  . PHE A 26 ? 0.3305 0.1927 0.3371 -0.0011 0.0788  0.0270  60  PHE A CZ  
138 N N   . ASP A 27 ? 0.4287 0.2365 0.4333 -0.0830 0.0894  -0.0033 61  ASP A N   
139 C CA  A ASP A 27 ? 0.4461 0.2551 0.4565 -0.1024 0.0914  -0.0037 61  ASP A CA  
140 C CA  B ASP A 27 ? 0.4475 0.2552 0.4578 -0.1025 0.0917  -0.0038 61  ASP A CA  
141 C C   . ASP A 27 ? 0.4436 0.2487 0.4561 -0.0996 0.0949  0.0152  61  ASP A C   
142 O O   . ASP A 27 ? 0.4692 0.2493 0.4759 -0.0879 0.0983  0.0265  61  ASP A O   
143 C CB  A ASP A 27 ? 0.4999 0.2750 0.5078 -0.1169 0.0977  -0.0168 61  ASP A CB  
144 C CB  B ASP A 27 ? 0.5047 0.2750 0.5120 -0.1155 0.0986  -0.0157 61  ASP A CB  
145 C CG  A ASP A 27 ? 0.5124 0.2970 0.5155 -0.1237 0.0943  -0.0385 61  ASP A CG  
146 C CG  B ASP A 27 ? 0.5268 0.3012 0.5412 -0.1407 0.1007  -0.0196 61  ASP A CG  
147 O OD1 A ASP A 27 ? 0.4934 0.3178 0.4989 -0.1287 0.0855  -0.0425 61  ASP A OD1 
148 O OD1 B ASP A 27 ? 0.5092 0.3248 0.5324 -0.1489 0.0946  -0.0212 61  ASP A OD1 
149 O OD2 A ASP A 27 ? 0.5477 0.3003 0.5442 -0.1235 0.1002  -0.0516 61  ASP A OD2 
150 O OD2 B ASP A 27 ? 0.5755 0.3112 0.5882 -0.1523 0.1087  -0.0213 61  ASP A OD2 
151 N N   . LEU A 28 ? 0.4235 0.2571 0.4439 -0.1093 0.0939  0.0188  62  LEU A N   
152 C CA  . LEU A 28 ? 0.4364 0.2720 0.4564 -0.1087 0.0986  0.0347  62  LEU A CA  
153 C C   . LEU A 28 ? 0.4829 0.3061 0.5060 -0.1306 0.1069  0.0363  62  LEU A C   
154 O O   . LEU A 28 ? 0.4750 0.3275 0.5106 -0.1452 0.1074  0.0306  62  LEU A O   
155 C CB  . LEU A 28 ? 0.3967 0.2740 0.4244 -0.1025 0.0940  0.0367  62  LEU A CB  
156 C CG  . LEU A 28 ? 0.3719 0.2585 0.3955 -0.0830 0.0866  0.0376  62  LEU A CG  
157 C CD1 . LEU A 28 ? 0.3572 0.2780 0.3894 -0.0780 0.0834  0.0390  62  LEU A CD1 
158 C CD2 . LEU A 28 ? 0.3737 0.2359 0.3853 -0.0698 0.0883  0.0484  62  LEU A CD2 
159 N N   . LYS A 29 ? 0.5514 0.3309 0.5649 -0.1329 0.1133  0.0444  63  LYS A N   
160 C CA  . LYS A 29 ? 0.6066 0.3647 0.6207 -0.1557 0.1224  0.0475  63  LYS A CA  
161 C C   . LYS A 29 ? 0.6370 0.3851 0.6408 -0.1560 0.1291  0.0701  63  LYS A C   
162 O O   . LYS A 29 ? 0.6272 0.3539 0.6187 -0.1387 0.1276  0.0840  63  LYS A O   
163 C CB  . LYS A 29 ? 0.6720 0.3803 0.6813 -0.1600 0.1255  0.0399  63  LYS A CB  
164 N N   . LYS A 30 ? 0.6861 0.4531 0.6950 -0.1763 0.1365  0.0739  64  LYS A N   
165 C CA  . LYS A 30 ? 0.7468 0.5114 0.7432 -0.1800 0.1444  0.0949  64  LYS A CA  
166 C C   . LYS A 30 ? 0.8018 0.5101 0.7794 -0.1777 0.1479  0.1142  64  LYS A C   
167 O O   . LYS A 30 ? 0.8505 0.5538 0.8118 -0.1661 0.1475  0.1332  64  LYS A O   
168 C CB  . LYS A 30 ? 0.8009 0.5926 0.8078 -0.2068 0.1548  0.0935  64  LYS A CB  
169 C CG  . LYS A 30 ? 0.8869 0.6760 0.8774 -0.2148 0.1654  0.1151  64  LYS A CG  
170 C CD  . LYS A 30 ? 0.9559 0.7874 0.9606 -0.2384 0.1767  0.1109  64  LYS A CD  
171 C CE  . LYS A 30 ? 1.0413 0.8663 1.0253 -0.2506 0.1898  0.1332  64  LYS A CE  
172 N NZ  . LYS A 30 ? 1.0472 0.8805 1.0105 -0.2285 0.1863  0.1448  64  LYS A NZ  
173 N N   . ASP A 31 ? 0.8096 0.4754 0.7892 -0.1885 0.1508  0.1093  65  ASP A N   
174 C CA  . ASP A 31 ? 0.8841 0.4900 0.8486 -0.1834 0.1535  0.1276  65  ASP A CA  
175 C C   . ASP A 31 ? 0.8645 0.4447 0.8304 -0.1574 0.1453  0.1203  65  ASP A C   
176 O O   . ASP A 31 ? 0.9588 0.4851 0.9206 -0.1533 0.1475  0.1259  65  ASP A O   
177 C CB  . ASP A 31 ? 0.9118 0.4781 0.8773 -0.2122 0.1640  0.1277  65  ASP A CB  
178 N N   . GLY A 32 ? 0.7780 0.3963 0.7506 -0.1396 0.1365  0.1081  66  GLY A N   
179 C CA  . GLY A 32 ? 0.7438 0.3486 0.7209 -0.1183 0.1304  0.0963  66  GLY A CA  
180 C C   . GLY A 32 ? 0.7296 0.3214 0.6990 -0.0918 0.1250  0.1147  66  GLY A C   
181 O O   . GLY A 32 ? 0.7186 0.3153 0.6764 -0.0897 0.1243  0.1367  66  GLY A O   
182 N N   . PRO A 33 ? 0.7084 0.2874 0.6845 -0.0717 0.1213  0.1049  67  PRO A N   
183 C CA  . PRO A 33 ? 0.7179 0.2878 0.6920 -0.0450 0.1152  0.1205  67  PRO A CA  
184 C C   . PRO A 33 ? 0.6459 0.2649 0.6181 -0.0328 0.1066  0.1263  67  PRO A C   
185 O O   . PRO A 33 ? 0.5834 0.2420 0.5575 -0.0415 0.1053  0.1150  67  PRO A O   
186 C CB  . PRO A 33 ? 0.7404 0.2903 0.7268 -0.0302 0.1162  0.1019  67  PRO A CB  
187 C CG  . PRO A 33 ? 0.7222 0.2930 0.7133 -0.0467 0.1189  0.0749  67  PRO A CG  
188 C CD  . PRO A 33 ? 0.7175 0.2876 0.7032 -0.0746 0.1236  0.0781  67  PRO A CD  
189 N N   . HIS A 34 ? 0.6437 0.2582 0.6128 -0.0126 0.1001  0.1441  68  HIS A N   
190 C CA  . HIS A 34 ? 0.6011 0.2576 0.5673 -0.0013 0.0913  0.1505  68  HIS A CA  
191 C C   . HIS A 34 ? 0.5879 0.2478 0.5679 0.0236  0.0852  0.1467  68  HIS A C   
192 O O   . HIS A 34 ? 0.6153 0.2441 0.5996 0.0388  0.0840  0.1579  68  HIS A O   
193 C CB  . HIS A 34 ? 0.6502 0.3054 0.5979 -0.0039 0.0885  0.1772  68  HIS A CB  
194 C CG  . HIS A 34 ? 0.6550 0.3467 0.5977 0.0090  0.0781  0.1856  68  HIS A CG  
195 N ND1 . HIS A 34 ? 0.7057 0.3917 0.6360 0.0194  0.0705  0.2106  68  HIS A ND1 
196 C CD2 . HIS A 34 ? 0.6157 0.3494 0.5632 0.0117  0.0734  0.1725  68  HIS A CD2 
197 C CE1 . HIS A 34 ? 0.6943 0.4200 0.6221 0.0271  0.0614  0.2105  68  HIS A CE1 
198 N NE2 . HIS A 34 ? 0.6219 0.3748 0.5605 0.0221  0.0636  0.1873  68  HIS A NE2 
199 N N   . TYR A 35 ? 0.5332 0.2304 0.5215 0.0277  0.0820  0.1310  69  TYR A N   
200 C CA  . TYR A 35 ? 0.5202 0.2270 0.5242 0.0480  0.0786  0.1235  69  TYR A CA  
201 C C   . TYR A 35 ? 0.4764 0.2300 0.4833 0.0490  0.0731  0.1154  69  TYR A C   
202 O O   . TYR A 35 ? 0.4472 0.2211 0.4458 0.0344  0.0728  0.1117  69  TYR A O   
203 C CB  . TYR A 35 ? 0.5350 0.2187 0.5494 0.0484  0.0872  0.1029  69  TYR A CB  
204 C CG  . TYR A 35 ? 0.5137 0.2094 0.5239 0.0280  0.0920  0.0833  69  TYR A CG  
205 C CD1 . TYR A 35 ? 0.5246 0.1999 0.5269 0.0079  0.0972  0.0819  69  TYR A CD1 
206 C CD2 . TYR A 35 ? 0.4859 0.2153 0.5007 0.0282  0.0906  0.0676  69  TYR A CD2 
207 C CE1 . TYR A 35 ? 0.5149 0.2064 0.5158 -0.0099 0.0995  0.0649  69  TYR A CE1 
208 C CE2 . TYR A 35 ? 0.4734 0.2148 0.4839 0.0110  0.0928  0.0525  69  TYR A CE2 
209 C CZ  . TYR A 35 ? 0.4923 0.2165 0.4970 -0.0071 0.0965  0.0508  69  TYR A CZ  
210 O OH  . TYR A 35 ? 0.5053 0.2464 0.5083 -0.0234 0.0967  0.0366  69  TYR A OH  
211 N N   . THR A 36 ? 0.4640 0.2344 0.4852 0.0661  0.0694  0.1123  70  THR A N   
212 C CA  . THR A 36 ? 0.4162 0.2278 0.4421 0.0659  0.0652  0.1040  70  THR A CA  
213 C C   . THR A 36 ? 0.4022 0.2201 0.4401 0.0690  0.0715  0.0842  70  THR A C   
214 O O   . THR A 36 ? 0.4142 0.2104 0.4618 0.0790  0.0775  0.0778  70  THR A O   
215 C CB  . THR A 36 ? 0.4197 0.2572 0.4515 0.0795  0.0550  0.1172  70  THR A CB  
216 O OG1 . THR A 36 ? 0.4243 0.2512 0.4728 0.1003  0.0541  0.1223  70  THR A OG1 
217 C CG2 . THR A 36 ? 0.4428 0.2802 0.4567 0.0736  0.0483  0.1357  70  THR A CG2 
218 N N   . TYR A 37 ? 0.3750 0.2211 0.4111 0.0598  0.0707  0.0745  71  TYR A N   
219 C CA  . TYR A 37 ? 0.3727 0.2324 0.4162 0.0604  0.0762  0.0577  71  TYR A CA  
220 C C   . TYR A 37 ? 0.3363 0.2336 0.3846 0.0604  0.0710  0.0588  71  TYR A C   
221 O O   . TYR A 37 ? 0.3174 0.2269 0.3565 0.0497  0.0660  0.0623  71  TYR A O   
222 C CB  . TYR A 37 ? 0.3758 0.2279 0.4080 0.0439  0.0808  0.0449  71  TYR A CB  
223 C CG  . TYR A 37 ? 0.3790 0.2490 0.4125 0.0414  0.0854  0.0296  71  TYR A CG  
224 C CD1 . TYR A 37 ? 0.3591 0.2573 0.3893 0.0344  0.0814  0.0300  71  TYR A CD1 
225 C CD2 . TYR A 37 ? 0.4296 0.2865 0.4661 0.0451  0.0943  0.0146  71  TYR A CD2 
226 C CE1 . TYR A 37 ? 0.3707 0.2849 0.3988 0.0306  0.0859  0.0187  71  TYR A CE1 
227 C CE2 . TYR A 37 ? 0.4521 0.3278 0.4860 0.0414  0.0995  0.0006  71  TYR A CE2 
228 C CZ  . TYR A 37 ? 0.4154 0.3204 0.4443 0.0336  0.0951  0.0042  71  TYR A CZ  
229 O OH  . TYR A 37 ? 0.4246 0.3475 0.4479 0.0285  0.1006  -0.0072 71  TYR A OH  
230 N N   . LYS A 38 ? 0.3215 0.2368 0.3855 0.0722  0.0728  0.0547  72  LYS A N   
231 C CA  . LYS A 38 ? 0.3107 0.2621 0.3816 0.0705  0.0685  0.0558  72  LYS A CA  
232 C C   . LYS A 38 ? 0.2943 0.2605 0.3628 0.0604  0.0752  0.0425  72  LYS A C   
233 O O   . LYS A 38 ? 0.3084 0.2748 0.3829 0.0652  0.0844  0.0309  72  LYS A O   
234 C CB  . LYS A 38 ? 0.3285 0.2994 0.4213 0.0880  0.0661  0.0605  72  LYS A CB  
235 C CG  . LYS A 38 ? 0.3299 0.3413 0.4322 0.0840  0.0612  0.0613  72  LYS A CG  
236 C CD  . LYS A 38 ? 0.3551 0.3912 0.4810 0.1011  0.0553  0.0685  72  LYS A CD  
237 C CE  . LYS A 38 ? 0.3774 0.4189 0.5259 0.1177  0.0653  0.0588  72  LYS A CE  
238 N NZ  . LYS A 38 ? 0.4140 0.4718 0.5877 0.1399  0.0583  0.0686  72  LYS A NZ  
239 N N   . TYR A 39 ? 0.2770 0.2542 0.3351 0.0466  0.0710  0.0446  73  TYR A N   
240 C CA  . TYR A 39 ? 0.2778 0.2736 0.3339 0.0372  0.0752  0.0375  73  TYR A CA  
241 C C   . TYR A 39 ? 0.2605 0.2873 0.3317 0.0394  0.0728  0.0408  73  TYR A C   
242 O O   . TYR A 39 ? 0.2367 0.2706 0.3086 0.0367  0.0642  0.0490  73  TYR A O   
243 C CB  . TYR A 39 ? 0.2715 0.2614 0.3111 0.0224  0.0713  0.0396  73  TYR A CB  
244 C CG  . TYR A 39 ? 0.2800 0.2892 0.3176 0.0124  0.0730  0.0382  73  TYR A CG  
245 C CD1 . TYR A 39 ? 0.2988 0.3145 0.3314 0.0087  0.0813  0.0302  73  TYR A CD1 
246 C CD2 . TYR A 39 ? 0.2749 0.2951 0.3142 0.0057  0.0673  0.0448  73  TYR A CD2 
247 C CE1 . TYR A 39 ? 0.3247 0.3576 0.3531 -0.0020 0.0839  0.0314  73  TYR A CE1 
248 C CE2 . TYR A 39 ? 0.2941 0.3282 0.3314 -0.0053 0.0696  0.0451  73  TYR A CE2 
249 C CZ  . TYR A 39 ? 0.3030 0.3437 0.3346 -0.0091 0.0780  0.0398  73  TYR A CZ  
250 O OH  . TYR A 39 ? 0.3359 0.3896 0.3625 -0.0217 0.0811  0.0426  73  TYR A OH  
251 N N   . GLU A 40 ? 0.2689 0.3166 0.3526 0.0428  0.0810  0.0333  74  GLU A N   
252 C CA  . GLU A 40 ? 0.2792 0.3622 0.3798 0.0415  0.0798  0.0351  74  GLU A CA  
253 C C   . GLU A 40 ? 0.2991 0.4020 0.3993 0.0314  0.0907  0.0269  74  GLU A C   
254 O O   . GLU A 40 ? 0.3098 0.4155 0.4134 0.0376  0.1018  0.0165  74  GLU A O   
255 C CB  . GLU A 40 ? 0.2920 0.3917 0.4181 0.0605  0.0779  0.0371  74  GLU A CB  
256 C CG  . GLU A 40 ? 0.3098 0.4516 0.4561 0.0580  0.0739  0.0398  74  GLU A CG  
257 C CD  . GLU A 40 ? 0.3468 0.5096 0.5201 0.0783  0.0683  0.0445  74  GLU A CD  
258 O OE1 . GLU A 40 ? 0.3781 0.5165 0.5512 0.0944  0.0654  0.0492  74  GLU A OE1 
259 O OE2 . GLU A 40 ? 0.3818 0.5866 0.5778 0.0780  0.0660  0.0445  74  GLU A OE2 
260 N N   . ALA A 41 ? 0.3028 0.4180 0.3974 0.0148  0.0882  0.0314  75  ALA A N   
261 C CA  . ALA A 41 ? 0.3344 0.4691 0.4259 0.0019  0.0983  0.0272  75  ALA A CA  
262 C C   . ALA A 41 ? 0.3346 0.5109 0.4539 0.0061  0.1049  0.0227  75  ALA A C   
263 O O   . ALA A 41 ? 0.3072 0.4994 0.4481 0.0164  0.0980  0.0255  75  ALA A O   
264 C CB  . ALA A 41 ? 0.3470 0.4745 0.4229 -0.0176 0.0931  0.0357  75  ALA A CB  
265 N N   . LYS A 42 ? 0.3642 0.5616 0.4828 -0.0025 0.1183  0.0162  76  LYS A N   
266 C CA  . LYS A 42 ? 0.3807 0.6244 0.5278 -0.0009 0.1273  0.0106  76  LYS A CA  
267 C C   . LYS A 42 ? 0.3831 0.6501 0.5456 -0.0122 0.1181  0.0190  76  LYS A C   
268 O O   . LYS A 42 ? 0.3981 0.7035 0.5921 -0.0044 0.1181  0.0165  76  LYS A O   
269 C CB  . LYS A 42 ? 0.4176 0.6791 0.5545 -0.0139 0.1446  0.0033  76  LYS A CB  
270 N N   . ASP A 43 ? 0.3896 0.6343 0.5314 -0.0302 0.1100  0.0282  77  ASP A N   
271 C CA  . ASP A 43 ? 0.3909 0.6507 0.5431 -0.0441 0.1008  0.0340  77  ASP A CA  
272 C C   . ASP A 43 ? 0.3617 0.6192 0.5247 -0.0316 0.0853  0.0368  77  ASP A C   
273 O O   . ASP A 43 ? 0.3607 0.6334 0.5324 -0.0427 0.0767  0.0393  77  ASP A O   
274 C CB  . ASP A 43 ? 0.4366 0.6682 0.5629 -0.0670 0.0986  0.0419  77  ASP A CB  
275 C CG  . ASP A 43 ? 0.4654 0.6493 0.5665 -0.0617 0.0895  0.0465  77  ASP A CG  
276 O OD1 . ASP A 43 ? 0.4579 0.6310 0.5619 -0.0449 0.0822  0.0450  77  ASP A OD1 
277 O OD2 . ASP A 43 ? 0.5014 0.6594 0.5804 -0.0746 0.0898  0.0526  77  ASP A OD2 
278 N N   . GLY A 44 ? 0.3289 0.5669 0.4892 -0.0106 0.0818  0.0366  78  GLY A N   
279 C CA  . GLY A 44 ? 0.2997 0.5367 0.4676 0.0019  0.0677  0.0414  78  GLY A CA  
280 C C   . GLY A 44 ? 0.2890 0.4849 0.4303 -0.0013 0.0586  0.0468  78  GLY A C   
281 O O   . GLY A 44 ? 0.2792 0.4683 0.4202 0.0098  0.0489  0.0514  78  GLY A O   
282 N N   . ASP A 45 ? 0.2811 0.4514 0.4007 -0.0162 0.0618  0.0470  79  ASP A N   
283 C CA  . ASP A 45 ? 0.2767 0.4103 0.3742 -0.0175 0.0551  0.0506  79  ASP A CA  
284 C C   . ASP A 45 ? 0.2571 0.3703 0.3491 -0.0004 0.0561  0.0511  79  ASP A C   
285 O O   . ASP A 45 ? 0.2501 0.3613 0.3434 0.0059  0.0649  0.0469  79  ASP A O   
286 C CB  . ASP A 45 ? 0.3046 0.4157 0.3836 -0.0327 0.0588  0.0516  79  ASP A CB  
287 C CG  . ASP A 45 ? 0.3255 0.4447 0.4067 -0.0515 0.0565  0.0524  79  ASP A CG  
288 O OD1 . ASP A 45 ? 0.3285 0.4746 0.4256 -0.0549 0.0518  0.0504  79  ASP A OD1 
289 O OD2 . ASP A 45 ? 0.3909 0.4892 0.4579 -0.0635 0.0587  0.0555  79  ASP A OD2 
290 N N   . TYR A 46 ? 0.2482 0.3465 0.3331 0.0055  0.0477  0.0553  80  TYR A N   
291 C CA  . TYR A 46 ? 0.2453 0.3218 0.3246 0.0192  0.0488  0.0572  80  TYR A CA  
292 C C   . TYR A 46 ? 0.2337 0.2858 0.2954 0.0167  0.0432  0.0613  80  TYR A C   
293 O O   . TYR A 46 ? 0.2165 0.2720 0.2726 0.0087  0.0368  0.0624  80  TYR A O   
294 C CB  . TYR A 46 ? 0.2684 0.3603 0.3659 0.0364  0.0466  0.0604  80  TYR A CB  
295 C CG  . TYR A 46 ? 0.2776 0.3774 0.3753 0.0405  0.0345  0.0691  80  TYR A CG  
296 C CD1 . TYR A 46 ? 0.3010 0.4337 0.4098 0.0348  0.0268  0.0698  80  TYR A CD1 
297 C CD2 . TYR A 46 ? 0.2884 0.3645 0.3741 0.0484  0.0307  0.0768  80  TYR A CD2 
298 C CE1 . TYR A 46 ? 0.3325 0.4760 0.4386 0.0373  0.0145  0.0772  80  TYR A CE1 
299 C CE2 . TYR A 46 ? 0.3130 0.3980 0.3945 0.0511  0.0194  0.0861  80  TYR A CE2 
300 C CZ  . TYR A 46 ? 0.3425 0.4620 0.4332 0.0458  0.0108  0.0860  80  TYR A CZ  
301 O OH  . TYR A 46 ? 0.3891 0.5209 0.4728 0.0473  -0.0017 0.0948  80  TYR A OH  
302 N N   . ASN A 47 ? 0.2261 0.2543 0.2797 0.0225  0.0468  0.0616  81  ASN A N   
303 C CA  . ASN A 47 ? 0.2264 0.2339 0.2662 0.0213  0.0440  0.0653  81  ASN A CA  
304 C C   . ASN A 47 ? 0.2398 0.2310 0.2804 0.0321  0.0468  0.0685  81  ASN A C   
305 O O   . ASN A 47 ? 0.2482 0.2314 0.2928 0.0355  0.0535  0.0630  81  ASN A O   
306 C CB  . ASN A 47 ? 0.2356 0.2281 0.2643 0.0117  0.0468  0.0612  81  ASN A CB  
307 C CG  . ASN A 47 ? 0.2244 0.2254 0.2524 0.0013  0.0450  0.0587  81  ASN A CG  
308 O OD1 . ASN A 47 ? 0.2364 0.2476 0.2696 -0.0023 0.0480  0.0567  81  ASN A OD1 
309 N ND2 . ASN A 47 ? 0.2311 0.2263 0.2520 -0.0039 0.0412  0.0586  81  ASN A ND2 
310 N N   . LEU A 48 ? 0.2567 0.2418 0.2920 0.0365  0.0419  0.0773  82  LEU A N   
311 C CA  . LEU A 48 ? 0.2792 0.2433 0.3139 0.0457  0.0443  0.0832  82  LEU A CA  
312 C C   . LEU A 48 ? 0.2970 0.2387 0.3169 0.0370  0.0474  0.0839  82  LEU A C   
313 O O   . LEU A 48 ? 0.2881 0.2317 0.2967 0.0310  0.0443  0.0886  82  LEU A O   
314 C CB  . LEU A 48 ? 0.3023 0.2743 0.3403 0.0565  0.0363  0.0962  82  LEU A CB  
315 C CG  . LEU A 48 ? 0.3353 0.2812 0.3740 0.0683  0.0381  0.1055  82  LEU A CG  
316 C CD1 . LEU A 48 ? 0.3428 0.2817 0.3991 0.0793  0.0452  0.0972  82  LEU A CD1 
317 C CD2 . LEU A 48 ? 0.3583 0.3136 0.3963 0.0781  0.0275  0.1223  82  LEU A CD2 
318 N N   . ILE A 49 ? 0.3089 0.2320 0.3292 0.0353  0.0543  0.0776  83  ILE A N   
319 C CA  . ILE A 49 ? 0.3296 0.2353 0.3399 0.0257  0.0579  0.0769  83  ILE A CA  
320 C C   . ILE A 49 ? 0.3515 0.2344 0.3577 0.0296  0.0592  0.0875  83  ILE A C   
321 O O   . ILE A 49 ? 0.3763 0.2467 0.3900 0.0408  0.0602  0.0906  83  ILE A O   
322 C CB  . ILE A 49 ? 0.3372 0.2367 0.3491 0.0193  0.0632  0.0645  83  ILE A CB  
323 C CG1 . ILE A 49 ? 0.3374 0.2559 0.3486 0.0128  0.0608  0.0584  83  ILE A CG1 
324 C CG2 . ILE A 49 ? 0.3456 0.2278 0.3517 0.0100  0.0669  0.0636  83  ILE A CG2 
325 C CD1 . ILE A 49 ? 0.3416 0.2787 0.3588 0.0172  0.0585  0.0580  83  ILE A CD1 
326 N N   . GLU A 50 ? 0.3391 0.2165 0.3341 0.0208  0.0601  0.0935  84  GLU A N   
327 C CA  . GLU A 50 ? 0.3679 0.2210 0.3557 0.0202  0.0627  0.1055  84  GLU A CA  
328 C C   . GLU A 50 ? 0.3737 0.2152 0.3575 0.0052  0.0697  0.1003  84  GLU A C   
329 O O   . GLU A 50 ? 0.3558 0.2143 0.3364 -0.0040 0.0705  0.0964  84  GLU A O   
330 C CB  . GLU A 50 ? 0.3800 0.2418 0.3554 0.0218  0.0573  0.1206  84  GLU A CB  
331 C CG  . GLU A 50 ? 0.4213 0.2567 0.3868 0.0224  0.0588  0.1379  84  GLU A CG  
332 C CD  . GLU A 50 ? 0.4472 0.2948 0.3949 0.0215  0.0534  0.1535  84  GLU A CD  
333 O OE1 . GLU A 50 ? 0.4284 0.3046 0.3722 0.0198  0.0487  0.1482  84  GLU A OE1 
334 O OE2 . GLU A 50 ? 0.4935 0.3205 0.4290 0.0212  0.0538  0.1713  84  GLU A OE2 
335 N N   . VAL A 51 ? 0.3904 0.2042 0.3766 0.0030  0.0751  0.0992  85  VAL A N   
336 C CA  . VAL A 51 ? 0.4071 0.2097 0.3908 -0.0134 0.0817  0.0954  85  VAL A CA  
337 C C   . VAL A 51 ? 0.4467 0.2244 0.4202 -0.0176 0.0852  0.1125  85  VAL A C   
338 O O   . VAL A 51 ? 0.4780 0.2299 0.4507 -0.0072 0.0842  0.1225  85  VAL A O   
339 C CB  . VAL A 51 ? 0.4314 0.2191 0.4232 -0.0178 0.0856  0.0800  85  VAL A CB  
340 C CG1 . VAL A 51 ? 0.4653 0.2429 0.4562 -0.0371 0.0917  0.0762  85  VAL A CG1 
341 C CG2 . VAL A 51 ? 0.4124 0.2256 0.4103 -0.0150 0.0820  0.0656  85  VAL A CG2 
342 N N   . ASP A 52 ? 0.4552 0.2415 0.4212 -0.0322 0.0895  0.1168  86  ASP A N   
343 C CA  . ASP A 52 ? 0.4933 0.2575 0.4464 -0.0404 0.0945  0.1344  86  ASP A CA  
344 C C   . ASP A 52 ? 0.5047 0.2662 0.4610 -0.0623 0.1038  0.1278  86  ASP A C   
345 O O   . ASP A 52 ? 0.4956 0.2840 0.4503 -0.0730 0.1076  0.1258  86  ASP A O   
346 C CB  . ASP A 52 ? 0.5151 0.2999 0.4525 -0.0384 0.0915  0.1482  86  ASP A CB  
347 C CG  . ASP A 52 ? 0.5897 0.3540 0.5088 -0.0483 0.0968  0.1692  86  ASP A CG  
348 O OD1 . ASP A 52 ? 0.6141 0.3398 0.5314 -0.0466 0.0979  0.1809  86  ASP A OD1 
349 O OD2 . ASP A 52 ? 0.6503 0.4364 0.5560 -0.0579 0.1005  0.1742  86  ASP A OD2 
350 N N   . GLY A 53 ? 0.5263 0.2564 0.4885 -0.0690 0.1080  0.1229  87  GLY A N   
351 C CA  . GLY A 53 ? 0.5378 0.2674 0.5063 -0.0919 0.1159  0.1140  87  GLY A CA  
352 C C   . GLY A 53 ? 0.5051 0.2745 0.4876 -0.0965 0.1134  0.0943  87  GLY A C   
353 O O   . GLY A 53 ? 0.4956 0.2668 0.4867 -0.0914 0.1089  0.0793  87  GLY A O   
354 N N   . ASP A 54 ? 0.4902 0.2924 0.4750 -0.1056 0.1166  0.0948  88  ASP A N   
355 C CA  . ASP A 54 ? 0.4586 0.2990 0.4597 -0.1096 0.1141  0.0784  88  ASP A CA  
356 C C   . ASP A 54 ? 0.4100 0.2805 0.4117 -0.0940 0.1083  0.0769  88  ASP A C   
357 O O   . ASP A 54 ? 0.3806 0.2833 0.3957 -0.0951 0.1066  0.0669  88  ASP A O   
358 C CB  . ASP A 54 ? 0.4945 0.3542 0.5050 -0.1312 0.1228  0.0764  88  ASP A CB  
359 C CG  . ASP A 54 ? 0.5275 0.3977 0.5273 -0.1351 0.1311  0.0901  88  ASP A CG  
360 O OD1 . ASP A 54 ? 0.5200 0.3847 0.5041 -0.1211 0.1285  0.1006  88  ASP A OD1 
361 O OD2 . ASP A 54 ? 0.6088 0.4959 0.6160 -0.1534 0.1404  0.0897  88  ASP A OD2 
362 N N   . ARG A 55 ? 0.4016 0.2616 0.3903 -0.0794 0.1046  0.0866  89  ARG A N   
363 C CA  . ARG A 55 ? 0.3592 0.2434 0.3473 -0.0666 0.0991  0.0841  89  ARG A CA  
364 C C   . ARG A 55 ? 0.3408 0.2142 0.3258 -0.0507 0.0908  0.0848  89  ARG A C   
365 O O   . ARG A 55 ? 0.3535 0.2006 0.3340 -0.0464 0.0901  0.0907  89  ARG A O   
366 C CB  . ARG A 55 ? 0.3749 0.2706 0.3502 -0.0684 0.1040  0.0936  89  ARG A CB  
367 C CG  . ARG A 55 ? 0.4316 0.3024 0.3872 -0.0677 0.1050  0.1117  89  ARG A CG  
368 C CD  . ARG A 55 ? 0.4700 0.3572 0.4091 -0.0724 0.1103  0.1199  89  ARG A CD  
369 N NE  . ARG A 55 ? 0.5099 0.3769 0.4273 -0.0686 0.1074  0.1397  89  ARG A NE  
370 C CZ  . ARG A 55 ? 0.5441 0.4242 0.4410 -0.0680 0.1070  0.1485  89  ARG A CZ  
371 N NH1 . ARG A 55 ? 0.5208 0.4321 0.4161 -0.0711 0.1114  0.1368  89  ARG A NH1 
372 N NH2 . ARG A 55 ? 0.6099 0.4721 0.4875 -0.0639 0.1021  0.1689  89  ARG A NH2 
373 N N   . ILE A 56 ? 0.3189 0.2123 0.3078 -0.0420 0.0852  0.0783  90  ILE A N   
374 C CA  . ILE A 56 ? 0.3058 0.1959 0.2949 -0.0295 0.0783  0.0770  90  ILE A CA  
375 C C   . ILE A 56 ? 0.2932 0.2016 0.2790 -0.0225 0.0739  0.0771  90  ILE A C   
376 O O   . ILE A 56 ? 0.2869 0.2117 0.2749 -0.0258 0.0754  0.0721  90  ILE A O   
377 C CB  . ILE A 56 ? 0.2971 0.1894 0.2964 -0.0299 0.0757  0.0651  90  ILE A CB  
378 C CG1 . ILE A 56 ? 0.3048 0.1935 0.3039 -0.0187 0.0712  0.0639  90  ILE A CG1 
379 C CG2 . ILE A 56 ? 0.2797 0.1956 0.2875 -0.0330 0.0735  0.0574  90  ILE A CG2 
380 C CD1 . ILE A 56 ? 0.3117 0.1982 0.3152 -0.0204 0.0706  0.0532  90  ILE A CD1 
381 N N   . ARG A 57 ? 0.2979 0.2034 0.2798 -0.0131 0.0687  0.0817  91  ARG A N   
382 C CA  . ARG A 57 ? 0.2759 0.1980 0.2554 -0.0086 0.0636  0.0799  91  ARG A CA  
383 C C   . ARG A 57 ? 0.2779 0.2014 0.2621 0.0001  0.0578  0.0801  91  ARG A C   
384 O O   . ARG A 57 ? 0.2857 0.1976 0.2745 0.0050  0.0582  0.0822  91  ARG A O   
385 C CB  . ARG A 57 ? 0.2922 0.2190 0.2569 -0.0101 0.0639  0.0881  91  ARG A CB  
386 C CG  . ARG A 57 ? 0.3210 0.2372 0.2776 -0.0043 0.0603  0.1026  91  ARG A CG  
387 C CD  . ARG A 57 ? 0.3462 0.2730 0.2846 -0.0061 0.0578  0.1110  91  ARG A CD  
388 N NE  . ARG A 57 ? 0.3783 0.2948 0.3083 0.0005  0.0528  0.1283  91  ARG A NE  
389 C CZ  . ARG A 57 ? 0.4238 0.3476 0.3343 -0.0008 0.0490  0.1407  91  ARG A CZ  
390 N NH1 . ARG A 57 ? 0.4252 0.3672 0.3212 -0.0095 0.0512  0.1345  91  ARG A NH1 
391 N NH2 . ARG A 57 ? 0.4497 0.3621 0.3544 0.0074  0.0429  0.1593  91  ARG A NH2 
392 N N   . VAL A 58 ? 0.2646 0.2029 0.2491 0.0014  0.0533  0.0764  92  VAL A N   
393 C CA  . VAL A 58 ? 0.2714 0.2180 0.2601 0.0077  0.0477  0.0781  92  VAL A CA  
394 C C   . VAL A 58 ? 0.2904 0.2441 0.2693 0.0101  0.0430  0.0871  92  VAL A C   
395 O O   . VAL A 58 ? 0.2983 0.2607 0.2671 0.0046  0.0420  0.0849  92  VAL A O   
396 C CB  . VAL A 58 ? 0.2570 0.2153 0.2513 0.0047  0.0452  0.0699  92  VAL A CB  
397 C CG1 . VAL A 58 ? 0.2550 0.2269 0.2556 0.0089  0.0403  0.0715  92  VAL A CG1 
398 C CG2 . VAL A 58 ? 0.2676 0.2197 0.2679 0.0025  0.0485  0.0640  92  VAL A CG2 
399 N N   . LYS A 59 ? 0.3170 0.2665 0.2982 0.0187  0.0402  0.0971  93  LYS A N   
400 C CA  . LYS A 59 ? 0.3344 0.2909 0.3054 0.0225  0.0335  0.1097  93  LYS A CA  
401 C C   . LYS A 59 ? 0.3159 0.2991 0.2909 0.0242  0.0243  0.1077  93  LYS A C   
402 O O   . LYS A 59 ? 0.3194 0.3163 0.2813 0.0215  0.0179  0.1127  93  LYS A O   
403 C CB  . LYS A 59 ? 0.3637 0.3035 0.3390 0.0337  0.0329  0.1227  93  LYS A CB  
404 C CG  . LYS A 59 ? 0.4076 0.3523 0.3709 0.0392  0.0245  0.1402  93  LYS A CG  
405 C CD  . LYS A 59 ? 0.4345 0.3541 0.4021 0.0511  0.0247  0.1549  93  LYS A CD  
406 C CE  . LYS A 59 ? 0.4799 0.4061 0.4361 0.0588  0.0137  0.1758  93  LYS A CE  
407 N NZ  . LYS A 59 ? 0.5049 0.4008 0.4665 0.0722  0.0139  0.1919  93  LYS A NZ  
408 N N   . GLU A 60 ? 0.2879 0.2804 0.2803 0.0271  0.0241  0.1000  94  GLU A N   
409 C CA  . GLU A 60 ? 0.2958 0.3157 0.2977 0.0284  0.0158  0.0988  94  GLU A CA  
410 C C   . GLU A 60 ? 0.2716 0.2973 0.2876 0.0239  0.0202  0.0870  94  GLU A C   
411 O O   . GLU A 60 ? 0.2613 0.2722 0.2827 0.0260  0.0278  0.0834  94  GLU A O   
412 C CB  . GLU A 60 ? 0.3312 0.3599 0.3445 0.0436  0.0095  0.1112  94  GLU A CB  
413 C CG  . GLU A 60 ? 0.3518 0.4163 0.3790 0.0463  -0.0007 0.1114  94  GLU A CG  
414 C CD  . GLU A 60 ? 0.3705 0.4449 0.4146 0.0652  -0.0068 0.1240  94  GLU A CD  
415 O OE1 . GLU A 60 ? 0.3929 0.4482 0.4273 0.0743  -0.0090 0.1384  94  GLU A OE1 
416 O OE2 . GLU A 60 ? 0.3719 0.4735 0.4400 0.0712  -0.0093 0.1203  94  GLU A OE2 
417 N N   . ALA A 61 ? 0.2663 0.3132 0.2863 0.0162  0.0153  0.0810  95  ALA A N   
418 C CA  . ALA A 61 ? 0.2573 0.3106 0.2891 0.0096  0.0193  0.0723  95  ALA A CA  
419 C C   . ALA A 61 ? 0.2511 0.3331 0.2911 0.0014  0.0122  0.0687  95  ALA A C   
420 O O   . ALA A 61 ? 0.2549 0.3504 0.2881 -0.0005 0.0037  0.0707  95  ALA A O   
421 C CB  . ALA A 61 ? 0.2603 0.2920 0.2821 0.0005  0.0254  0.0654  95  ALA A CB  
422 N N   . ASN A 62 ? 0.2440 0.3365 0.2969 -0.0052 0.0159  0.0632  96  ASN A N   
423 C CA  . ASN A 62 ? 0.2433 0.3635 0.3057 -0.0172 0.0103  0.0585  96  ASN A CA  
424 C C   . ASN A 62 ? 0.2447 0.3522 0.3030 -0.0344 0.0150  0.0506  96  ASN A C   
425 O O   . ASN A 62 ? 0.2453 0.3723 0.3149 -0.0463 0.0143  0.0469  96  ASN A O   
426 C CB  . ASN A 62 ? 0.2431 0.3975 0.3308 -0.0106 0.0096  0.0609  96  ASN A CB  
427 C CG  . ASN A 62 ? 0.2405 0.3905 0.3376 -0.0090 0.0216  0.0588  96  ASN A CG  
428 O OD1 . ASN A 62 ? 0.2230 0.3437 0.3066 -0.0115 0.0287  0.0574  96  ASN A OD1 
429 N ND2 . ASN A 62 ? 0.2375 0.4203 0.3583 -0.0044 0.0236  0.0582  96  ASN A ND2 
430 N N   . CYS A 63 ? 0.2509 0.3258 0.2940 -0.0356 0.0196  0.0490  97  CYS A N   
431 C CA  . CYS A 63 ? 0.2545 0.3112 0.2916 -0.0495 0.0222  0.0431  97  CYS A CA  
432 C C   . CYS A 63 ? 0.2644 0.3248 0.2951 -0.0605 0.0157  0.0347  97  CYS A C   
433 O O   . CYS A 63 ? 0.2546 0.3304 0.2807 -0.0566 0.0092  0.0344  97  CYS A O   
434 C CB  . CYS A 63 ? 0.2504 0.2749 0.2761 -0.0446 0.0272  0.0440  97  CYS A CB  
435 S SG  . CYS A 63 ? 0.2597 0.2743 0.2725 -0.0348 0.0255  0.0431  97  CYS A SG  
436 N N   . ALA A 64 ? 0.2667 0.3112 0.2951 -0.0748 0.0175  0.0279  98  ALA A N   
437 C CA  . ALA A 64 ? 0.2839 0.3314 0.3071 -0.0888 0.0121  0.0164  98  ALA A CA  
438 C C   . ALA A 64 ? 0.2898 0.3200 0.2953 -0.0849 0.0115  0.0082  98  ALA A C   
439 O O   . ALA A 64 ? 0.3168 0.3573 0.3146 -0.0942 0.0061  -0.0021 98  ALA A O   
440 C CB  . ALA A 64 ? 0.3025 0.3329 0.3295 -0.1064 0.0153  0.0114  98  ALA A CB  
441 N N   . ASP A 65 ? 0.2808 0.2880 0.2799 -0.0728 0.0173  0.0116  99  ASP A N   
442 C CA  . ASP A 65 ? 0.2923 0.2852 0.2767 -0.0696 0.0194  0.0025  99  ASP A CA  
443 C C   . ASP A 65 ? 0.2796 0.2796 0.2564 -0.0562 0.0205  0.0097  99  ASP A C   
444 O O   . ASP A 65 ? 0.2943 0.2896 0.2579 -0.0548 0.0231  0.0026  99  ASP A O   
445 C CB  . ASP A 65 ? 0.3134 0.2717 0.2986 -0.0693 0.0261  -0.0034 99  ASP A CB  
446 C CG  . ASP A 65 ? 0.3041 0.2504 0.2978 -0.0590 0.0298  0.0091  99  ASP A CG  
447 O OD1 . ASP A 65 ? 0.2937 0.2541 0.2893 -0.0505 0.0296  0.0190  99  ASP A OD1 
448 O OD2 . ASP A 65 ? 0.3220 0.2430 0.3195 -0.0598 0.0326  0.0089  99  ASP A OD2 
449 N N   . LEU A 66 ? 0.2637 0.2735 0.2484 -0.0471 0.0200  0.0229  100 LEU A N   
450 C CA  . LEU A 66 ? 0.2569 0.2687 0.2356 -0.0356 0.0216  0.0315  100 LEU A CA  
451 C C   . LEU A 66 ? 0.2569 0.2490 0.2290 -0.0317 0.0292  0.0278  100 LEU A C   
452 O O   . LEU A 66 ? 0.2565 0.2510 0.2190 -0.0273 0.0314  0.0312  100 LEU A O   
453 C CB  . LEU A 66 ? 0.2685 0.3020 0.2365 -0.0357 0.0144  0.0347  100 LEU A CB  
454 C CG  . LEU A 66 ? 0.2663 0.3272 0.2447 -0.0369 0.0050  0.0399  100 LEU A CG  
455 C CD1 . LEU A 66 ? 0.2822 0.3649 0.2479 -0.0353 -0.0040 0.0455  100 LEU A CD1 
456 C CD2 . LEU A 66 ? 0.2553 0.3183 0.2516 -0.0265 0.0072  0.0502  100 LEU A CD2 
457 N N   . VAL A 67 ? 0.2615 0.2355 0.2401 -0.0328 0.0332  0.0222  101 VAL A N   
458 C CA  . VAL A 67 ? 0.2674 0.2275 0.2448 -0.0278 0.0399  0.0172  101 VAL A CA  
459 C C   . VAL A 67 ? 0.2578 0.2199 0.2375 -0.0198 0.0431  0.0269  101 VAL A C   
460 O O   . VAL A 67 ? 0.2742 0.2379 0.2486 -0.0175 0.0483  0.0248  101 VAL A O   
461 C CB  . VAL A 67 ? 0.2810 0.2205 0.2680 -0.0281 0.0416  0.0124  101 VAL A CB  
462 C CG1 . VAL A 67 ? 0.2932 0.2237 0.2871 -0.0189 0.0468  0.0122  101 VAL A CG1 
463 C CG2 . VAL A 67 ? 0.3103 0.2408 0.2924 -0.0363 0.0416  -0.0017 101 VAL A CG2 
464 N N   . ASP A 68 ? 0.2507 0.2138 0.2377 -0.0172 0.0410  0.0361  102 ASP A N   
465 C CA  . ASP A 68 ? 0.2506 0.2131 0.2398 -0.0116 0.0437  0.0435  102 ASP A CA  
466 C C   . ASP A 68 ? 0.2585 0.2282 0.2380 -0.0103 0.0441  0.0491  102 ASP A C   
467 O O   . ASP A 68 ? 0.2718 0.2382 0.2486 -0.0091 0.0488  0.0516  102 ASP A O   
468 C CB  . ASP A 68 ? 0.2474 0.2089 0.2447 -0.0098 0.0424  0.0491  102 ASP A CB  
469 C CG  . ASP A 68 ? 0.2520 0.2244 0.2517 -0.0113 0.0385  0.0514  102 ASP A CG  
470 O OD1 . ASP A 68 ? 0.2544 0.2310 0.2537 -0.0173 0.0356  0.0470  102 ASP A OD1 
471 O OD2 . ASP A 68 ? 0.2599 0.2373 0.2637 -0.0068 0.0387  0.0565  102 ASP A OD2 
472 N N   . VAL A 69 ? 0.2682 0.2489 0.2428 -0.0112 0.0386  0.0521  103 VAL A N   
473 C CA  . VAL A 69 ? 0.2768 0.2645 0.2393 -0.0096 0.0368  0.0600  103 VAL A CA  
474 C C   . VAL A 69 ? 0.2920 0.2806 0.2394 -0.0146 0.0414  0.0547  103 VAL A C   
475 O O   . VAL A 69 ? 0.2854 0.2721 0.2232 -0.0144 0.0456  0.0619  103 VAL A O   
476 C CB  . VAL A 69 ? 0.2905 0.2955 0.2522 -0.0091 0.0274  0.0641  103 VAL A CB  
477 C CG1 . VAL A 69 ? 0.3068 0.3200 0.2533 -0.0072 0.0234  0.0746  103 VAL A CG1 
478 C CG2 . VAL A 69 ? 0.2807 0.2887 0.2595 -0.0026 0.0252  0.0692  103 VAL A CG2 
479 N N   . ARG A 70 ? 0.2863 0.2770 0.2314 -0.0199 0.0422  0.0414  104 ARG A N   
480 C CA  . ARG A 70 ? 0.3031 0.2974 0.2332 -0.0245 0.0480  0.0325  104 ARG A CA  
481 C C   . ARG A 70 ? 0.3135 0.3007 0.2496 -0.0222 0.0586  0.0297  104 ARG A C   
482 O O   . ARG A 70 ? 0.3286 0.3226 0.2526 -0.0254 0.0658  0.0268  104 ARG A O   
483 C CB  . ARG A 70 ? 0.3056 0.3004 0.2331 -0.0305 0.0467  0.0160  104 ARG A CB  
484 C CG  . ARG A 70 ? 0.3077 0.3173 0.2270 -0.0365 0.0359  0.0170  104 ARG A CG  
485 C CD  . ARG A 70 ? 0.3183 0.3220 0.2450 -0.0434 0.0333  0.0031  104 ARG A CD  
486 N NE  . ARG A 70 ? 0.3326 0.3264 0.2517 -0.0476 0.0409  -0.0155 104 ARG A NE  
487 C CZ  . ARG A 70 ? 0.3540 0.3318 0.2806 -0.0520 0.0423  -0.0294 104 ARG A CZ  
488 N NH1 . ARG A 70 ? 0.3463 0.3173 0.2868 -0.0553 0.0367  -0.0256 104 ARG A NH1 
489 N NH2 . ARG A 70 ? 0.3761 0.3430 0.2965 -0.0534 0.0504  -0.0475 104 ARG A NH2 
490 N N   . ARG A 71 ? 0.3104 0.2879 0.2650 -0.0174 0.0593  0.0307  105 ARG A N   
491 C CA  . ARG A 71 ? 0.3244 0.3000 0.2897 -0.0151 0.0671  0.0292  105 ARG A CA  
492 C C   . ARG A 71 ? 0.3283 0.3073 0.2867 -0.0178 0.0717  0.0397  105 ARG A C   
493 O O   . ARG A 71 ? 0.3296 0.3151 0.2901 -0.0201 0.0805  0.0364  105 ARG A O   
494 C CB  . ARG A 71 ? 0.3527 0.3198 0.3364 -0.0104 0.0635  0.0307  105 ARG A CB  
495 C CG  . ARG A 71 ? 0.3986 0.3680 0.3958 -0.0083 0.0681  0.0308  105 ARG A CG  
496 C CD  . ARG A 71 ? 0.4174 0.3903 0.4262 -0.0040 0.0725  0.0195  105 ARG A CD  
497 N NE  . ARG A 71 ? 0.4546 0.4349 0.4809 -0.0009 0.0739  0.0206  105 ARG A NE  
498 C CZ  . ARG A 71 ? 0.5076 0.5020 0.5385 -0.0044 0.0813  0.0203  105 ARG A CZ  
499 N NH1 . ARG A 71 ? 0.5619 0.5617 0.5781 -0.0111 0.0888  0.0206  105 ARG A NH1 
500 N NH2 . ARG A 71 ? 0.4918 0.4968 0.5418 -0.0026 0.0807  0.0203  105 ARG A NH2 
501 N N   . GLY A 72 ? 0.3181 0.2928 0.2700 -0.0174 0.0664  0.0524  106 GLY A N   
502 C CA  . GLY A 72 ? 0.3435 0.3146 0.2878 -0.0204 0.0702  0.0643  106 GLY A CA  
503 C C   . GLY A 72 ? 0.3149 0.2784 0.2741 -0.0213 0.0746  0.0654  106 GLY A C   
504 O O   . GLY A 72 ? 0.3026 0.2630 0.2764 -0.0178 0.0713  0.0606  106 GLY A O   
505 N N   . TRP A 73 ? 0.3327 0.2949 0.2864 -0.0282 0.0821  0.0716  107 TRP A N   
506 C CA  . TRP A 73 ? 0.3244 0.2782 0.2899 -0.0325 0.0856  0.0738  107 TRP A CA  
507 C C   . TRP A 73 ? 0.3049 0.2721 0.2895 -0.0341 0.0892  0.0618  107 TRP A C   
508 O O   . TRP A 73 ? 0.3158 0.2991 0.3033 -0.0342 0.0941  0.0537  107 TRP A O   
509 C CB  . TRP A 73 ? 0.3531 0.3006 0.3066 -0.0423 0.0934  0.0850  107 TRP A CB  
510 C CG  . TRP A 73 ? 0.3748 0.3073 0.3093 -0.0402 0.0895  0.1010  107 TRP A CG  
511 C CD1 . TRP A 73 ? 0.4256 0.3649 0.3384 -0.0421 0.0898  0.1092  107 TRP A CD1 
512 C CD2 . TRP A 73 ? 0.3834 0.2922 0.3190 -0.0350 0.0843  0.1114  107 TRP A CD2 
513 N NE1 . TRP A 73 ? 0.4389 0.3613 0.3399 -0.0376 0.0834  0.1266  107 TRP A NE1 
514 C CE2 . TRP A 73 ? 0.4135 0.3158 0.3300 -0.0323 0.0807  0.1277  107 TRP A CE2 
515 C CE3 . TRP A 73 ? 0.3704 0.2635 0.3210 -0.0321 0.0827  0.1076  107 TRP A CE3 
516 C CZ2 . TRP A 73 ? 0.4275 0.3069 0.3432 -0.0240 0.0751  0.1413  107 TRP A CZ2 
517 C CZ3 . TRP A 73 ? 0.3897 0.2592 0.3382 -0.0252 0.0791  0.1181  107 TRP A CZ3 
518 C CH2 . TRP A 73 ? 0.4250 0.2871 0.3580 -0.0199 0.0753  0.1353  107 TRP A CH2 
519 N N   . ILE A 74 ? 0.2956 0.2575 0.2935 -0.0350 0.0865  0.0603  108 ILE A N   
520 C CA  . ILE A 74 ? 0.2784 0.2562 0.2950 -0.0386 0.0888  0.0521  108 ILE A CA  
521 C C   . ILE A 74 ? 0.2811 0.2511 0.3018 -0.0492 0.0913  0.0550  108 ILE A C   
522 O O   . ILE A 74 ? 0.2864 0.2339 0.2972 -0.0503 0.0897  0.0615  108 ILE A O   
523 C CB  . ILE A 74 ? 0.2633 0.2474 0.2933 -0.0299 0.0805  0.0451  108 ILE A CB  
524 C CG1 . ILE A 74 ? 0.2678 0.2369 0.2946 -0.0282 0.0730  0.0477  108 ILE A CG1 
525 C CG2 . ILE A 74 ? 0.2592 0.2463 0.2865 -0.0210 0.0788  0.0410  108 ILE A CG2 
526 C CD1 . ILE A 74 ? 0.2583 0.2343 0.2948 -0.0223 0.0651  0.0435  108 ILE A CD1 
527 N N   . SER A 75 ? 0.2692 0.2582 0.3062 -0.0569 0.0951  0.0490  109 SER A N   
528 C CA  . SER A 75 ? 0.2708 0.2549 0.3133 -0.0708 0.0978  0.0493  109 SER A CA  
529 C C   . SER A 75 ? 0.2601 0.2714 0.3263 -0.0763 0.0956  0.0398  109 SER A C   
530 O O   . SER A 75 ? 0.2784 0.2866 0.3497 -0.0891 0.0957  0.0374  109 SER A O   
531 C CB  . SER A 75 ? 0.2894 0.2669 0.3216 -0.0833 0.1093  0.0576  109 SER A CB  
532 O OG  . SER A 75 ? 0.2821 0.2895 0.3236 -0.0873 0.1181  0.0537  109 SER A OG  
533 N N   . LYS A 76 ? 0.2418 0.2794 0.3234 -0.0668 0.0932  0.0340  110 LYS A N   
534 C CA  . LYS A 76 ? 0.2300 0.3003 0.3382 -0.0699 0.0904  0.0265  110 LYS A CA  
535 C C   . LYS A 76 ? 0.2170 0.2936 0.3330 -0.0564 0.0766  0.0242  110 LYS A C   
536 O O   . LYS A 76 ? 0.2068 0.2700 0.3132 -0.0431 0.0730  0.0266  110 LYS A O   
537 C CB  . LYS A 76 ? 0.2243 0.3251 0.3492 -0.0689 0.1004  0.0222  110 LYS A CB  
538 C CG  . LYS A 76 ? 0.2417 0.3397 0.3559 -0.0834 0.1156  0.0261  110 LYS A CG  
539 C CD  . LYS A 76 ? 0.2506 0.3468 0.3683 -0.1046 0.1188  0.0279  110 LYS A CD  
540 C CE  . LYS A 76 ? 0.2735 0.3644 0.3784 -0.1201 0.1345  0.0349  110 LYS A CE  
541 N NZ  . LYS A 76 ? 0.2923 0.3790 0.4023 -0.1434 0.1391  0.0365  110 LYS A NZ  
542 N N   . PRO A 77 ? 0.2270 0.3250 0.3598 -0.0611 0.0685  0.0201  111 PRO A N   
543 C CA  . PRO A 77 ? 0.2251 0.3284 0.3616 -0.0497 0.0541  0.0209  111 PRO A CA  
544 C C   . PRO A 77 ? 0.2230 0.3356 0.3712 -0.0307 0.0509  0.0225  111 PRO A C   
545 O O   . PRO A 77 ? 0.2449 0.3435 0.3840 -0.0202 0.0421  0.0271  111 PRO A O   
546 C CB  . PRO A 77 ? 0.2317 0.3650 0.3865 -0.0601 0.0464  0.0161  111 PRO A CB  
547 C CG  . PRO A 77 ? 0.2566 0.3851 0.4083 -0.0807 0.0562  0.0121  111 PRO A CG  
548 C CD  . PRO A 77 ? 0.2504 0.3658 0.3956 -0.0800 0.0712  0.0154  111 PRO A CD  
549 N N   . GLY A 78 ? 0.2209 0.3553 0.3887 -0.0266 0.0591  0.0180  112 GLY A N   
550 C CA  . GLY A 78 ? 0.2226 0.3643 0.4050 -0.0073 0.0574  0.0168  112 GLY A CA  
551 C C   . GLY A 78 ? 0.2205 0.3316 0.3828 0.0010  0.0626  0.0175  112 GLY A C   
552 O O   . GLY A 78 ? 0.2179 0.3259 0.3887 0.0164  0.0604  0.0160  112 GLY A O   
553 N N   . GLU A 79 ? 0.2212 0.3097 0.3581 -0.0091 0.0692  0.0196  113 GLU A N   
554 C CA  . GLU A 79 ? 0.2307 0.2969 0.3493 -0.0036 0.0739  0.0192  113 GLU A CA  
555 C C   . GLU A 79 ? 0.2284 0.2734 0.3384 0.0052  0.0633  0.0239  113 GLU A C   
556 O O   . GLU A 79 ? 0.2340 0.2730 0.3387 0.0024  0.0543  0.0299  113 GLU A O   
557 C CB  . GLU A 79 ? 0.2345 0.2850 0.3292 -0.0155 0.0809  0.0230  113 GLU A CB  
558 C CG  . GLU A 79 ? 0.2536 0.3212 0.3523 -0.0266 0.0933  0.0208  113 GLU A CG  
559 C CD  . GLU A 79 ? 0.2751 0.3248 0.3478 -0.0354 0.1003  0.0270  113 GLU A CD  
560 O OE1 . GLU A 79 ? 0.2855 0.3305 0.3449 -0.0310 0.1044  0.0251  113 GLU A OE1 
561 O OE2 . GLU A 79 ? 0.2725 0.3132 0.3383 -0.0472 0.1016  0.0335  113 GLU A OE2 
562 N N   . THR A 80 ? 0.2518 0.2855 0.3592 0.0144  0.0653  0.0200  114 THR A N   
563 C CA  . THR A 80 ? 0.2716 0.2819 0.3686 0.0195  0.0572  0.0247  114 THR A CA  
564 C C   . THR A 80 ? 0.2739 0.2705 0.3495 0.0099  0.0546  0.0315  114 THR A C   
565 O O   . THR A 80 ? 0.2708 0.2648 0.3337 0.0030  0.0610  0.0308  114 THR A O   
566 C CB  . THR A 80 ? 0.3005 0.2972 0.3930 0.0253  0.0623  0.0171  114 THR A CB  
567 O OG1 . THR A 80 ? 0.3400 0.3493 0.4542 0.0360  0.0672  0.0080  114 THR A OG1 
568 C CG2 . THR A 80 ? 0.3306 0.3032 0.4150 0.0283  0.0542  0.0222  114 THR A CG2 
569 N N   . PRO A 81 ? 0.2708 0.2600 0.3424 0.0098  0.0454  0.0385  115 PRO A N   
570 C CA  . PRO A 81 ? 0.2709 0.2495 0.3252 0.0024  0.0445  0.0428  115 PRO A CA  
571 C C   . PRO A 81 ? 0.2634 0.2292 0.3046 0.0015  0.0481  0.0421  115 PRO A C   
572 O O   . PRO A 81 ? 0.2768 0.2365 0.3191 0.0056  0.0484  0.0391  115 PRO A O   
573 C CB  . PRO A 81 ? 0.2890 0.2638 0.3409 0.0038  0.0355  0.0491  115 PRO A CB  
574 C CG  . PRO A 81 ? 0.3005 0.2890 0.3695 0.0099  0.0298  0.0500  115 PRO A CG  
575 C CD  . PRO A 81 ? 0.2977 0.2902 0.3802 0.0169  0.0361  0.0432  115 PRO A CD  
576 N N   . ILE A 82 ? 0.2471 0.2091 0.2774 -0.0036 0.0503  0.0444  116 ILE A N   
577 C CA  . ILE A 82 ? 0.2480 0.2029 0.2677 -0.0041 0.0506  0.0456  116 ILE A CA  
578 C C   . ILE A 82 ? 0.2555 0.2048 0.2739 -0.0039 0.0453  0.0484  116 ILE A C   
579 O O   . ILE A 82 ? 0.2554 0.2055 0.2733 -0.0053 0.0430  0.0514  116 ILE A O   
580 C CB  . ILE A 82 ? 0.2605 0.2133 0.2721 -0.0067 0.0531  0.0492  116 ILE A CB  
581 C CG1 . ILE A 82 ? 0.2724 0.2280 0.2817 -0.0092 0.0589  0.0493  116 ILE A CG1 
582 C CG2 . ILE A 82 ? 0.2553 0.2066 0.2599 -0.0058 0.0509  0.0513  116 ILE A CG2 
583 C CD1 . ILE A 82 ? 0.2823 0.2305 0.2858 -0.0118 0.0613  0.0552  116 ILE A CD1 
584 N N   . ALA A 83 ? 0.2418 0.1857 0.2583 -0.0039 0.0441  0.0469  117 ALA A N   
585 C CA  . ALA A 83 ? 0.2439 0.1817 0.2590 -0.0064 0.0403  0.0506  117 ALA A CA  
586 C C   . ALA A 83 ? 0.2531 0.1916 0.2634 -0.0111 0.0405  0.0493  117 ALA A C   
587 O O   . ALA A 83 ? 0.2643 0.2015 0.2728 -0.0121 0.0412  0.0435  117 ALA A O   
588 C CB  . ALA A 83 ? 0.2679 0.1955 0.2891 -0.0032 0.0374  0.0511  117 ALA A CB  
589 N N   . CYS A 84 ? 0.2379 0.1816 0.2465 -0.0145 0.0398  0.0534  118 CYS A N   
590 C CA  . CYS A 84 ? 0.2345 0.1833 0.2427 -0.0205 0.0391  0.0529  118 CYS A CA  
591 C C   . CYS A 84 ? 0.2353 0.1769 0.2431 -0.0269 0.0382  0.0572  118 CYS A C   
592 O O   . CYS A 84 ? 0.2260 0.1748 0.2326 -0.0295 0.0397  0.0618  118 CYS A O   
593 C CB  . CYS A 84 ? 0.2365 0.2009 0.2465 -0.0187 0.0403  0.0543  118 CYS A CB  
594 S SG  . CYS A 84 ? 0.2403 0.2208 0.2554 -0.0260 0.0383  0.0530  118 CYS A SG  
595 N N   . LEU A 85 ? 0.2533 0.1793 0.2616 -0.0298 0.0365  0.0558  119 LEU A N   
596 C CA  . LEU A 85 ? 0.2670 0.1800 0.2734 -0.0363 0.0353  0.0628  119 LEU A CA  
597 C C   . LEU A 85 ? 0.2723 0.1959 0.2781 -0.0485 0.0374  0.0654  119 LEU A C   
598 O O   . LEU A 85 ? 0.2810 0.2048 0.2824 -0.0537 0.0387  0.0738  119 LEU A O   
599 C CB  . LEU A 85 ? 0.3012 0.1895 0.3098 -0.0356 0.0335  0.0604  119 LEU A CB  
600 C CG  . LEU A 85 ? 0.3017 0.1833 0.3153 -0.0225 0.0323  0.0583  119 LEU A CG  
601 C CD1 . LEU A 85 ? 0.3384 0.1944 0.3570 -0.0201 0.0319  0.0537  119 LEU A CD1 
602 C CD2 . LEU A 85 ? 0.3008 0.1871 0.3138 -0.0171 0.0291  0.0687  119 LEU A CD2 
603 N N   . PRO A 86 ? 0.2695 0.2063 0.2797 -0.0534 0.0376  0.0583  120 PRO A N   
604 C CA  . PRO A 86 ? 0.2716 0.2262 0.2861 -0.0650 0.0398  0.0598  120 PRO A CA  
605 C C   . PRO A 86 ? 0.2609 0.2362 0.2767 -0.0615 0.0441  0.0641  120 PRO A C   
606 O O   . PRO A 86 ? 0.2713 0.2576 0.2884 -0.0714 0.0482  0.0679  120 PRO A O   
607 C CB  . PRO A 86 ? 0.2693 0.2405 0.2898 -0.0673 0.0370  0.0508  120 PRO A CB  
608 C CG  . PRO A 86 ? 0.2779 0.2299 0.2928 -0.0627 0.0343  0.0440  120 PRO A CG  
609 C CD  . PRO A 86 ? 0.2686 0.2080 0.2798 -0.0502 0.0357  0.0486  120 PRO A CD  
610 N N   . HIS A 87 ? 0.2364 0.2164 0.2517 -0.0487 0.0443  0.0626  121 HIS A N   
611 C CA  . HIS A 87 ? 0.2330 0.2284 0.2492 -0.0445 0.0493  0.0634  121 HIS A CA  
612 C C   . HIS A 87 ? 0.2412 0.2244 0.2459 -0.0427 0.0504  0.0675  121 HIS A C   
613 O O   . HIS A 87 ? 0.2419 0.2353 0.2440 -0.0401 0.0550  0.0658  121 HIS A O   
614 C CB  . HIS A 87 ? 0.2324 0.2387 0.2554 -0.0326 0.0493  0.0589  121 HIS A CB  
615 C CG  . HIS A 87 ? 0.2297 0.2552 0.2642 -0.0331 0.0467  0.0565  121 HIS A CG  
616 N ND1 . HIS A 87 ? 0.2278 0.2620 0.2679 -0.0221 0.0443  0.0557  121 HIS A ND1 
617 C CD2 . HIS A 87 ? 0.2346 0.2734 0.2757 -0.0441 0.0451  0.0556  121 HIS A CD2 
618 C CE1 . HIS A 87 ? 0.2295 0.2847 0.2794 -0.0250 0.0401  0.0549  121 HIS A CE1 
619 N NE2 . HIS A 87 ? 0.2368 0.2962 0.2882 -0.0393 0.0407  0.0535  121 HIS A NE2 
620 N N   . ASN A 88 ? 0.2584 0.2214 0.2569 -0.0437 0.0457  0.0721  122 ASN A N   
621 C CA  . ASN A 88 ? 0.2721 0.2267 0.2610 -0.0416 0.0435  0.0775  122 ASN A CA  
622 C C   . ASN A 88 ? 0.2566 0.2175 0.2455 -0.0330 0.0442  0.0716  122 ASN A C   
623 O O   . ASN A 88 ? 0.2526 0.2192 0.2330 -0.0342 0.0457  0.0717  122 ASN A O   
624 C CB  . ASN A 88 ? 0.3058 0.2656 0.2839 -0.0515 0.0465  0.0851  122 ASN A CB  
625 C CG  . ASN A 88 ? 0.3511 0.2980 0.3170 -0.0518 0.0404  0.0955  122 ASN A CG  
626 O OD1 . ASN A 88 ? 0.3678 0.3010 0.3378 -0.0443 0.0337  0.0972  122 ASN A OD1 
627 N ND2 . ASN A 88 ? 0.3649 0.3185 0.3160 -0.0604 0.0427  0.1030  122 ASN A ND2 
628 N N   . LEU A 89 ? 0.2415 0.2009 0.2382 -0.0261 0.0435  0.0661  123 LEU A N   
629 C CA  . LEU A 89 ? 0.2413 0.2031 0.2395 -0.0198 0.0452  0.0609  123 LEU A CA  
630 C C   . LEU A 89 ? 0.2452 0.1988 0.2463 -0.0158 0.0417  0.0602  123 LEU A C   
631 O O   . LEU A 89 ? 0.2453 0.1937 0.2503 -0.0145 0.0401  0.0601  123 LEU A O   
632 C CB  . LEU A 89 ? 0.2465 0.2159 0.2512 -0.0158 0.0488  0.0571  123 LEU A CB  
633 C CG  . LEU A 89 ? 0.2496 0.2153 0.2561 -0.0091 0.0510  0.0536  123 LEU A CG  
634 C CD1 . LEU A 89 ? 0.2785 0.2525 0.2913 -0.0037 0.0550  0.0516  123 LEU A CD1 
635 C CD2 . LEU A 89 ? 0.2592 0.2180 0.2669 -0.0065 0.0486  0.0547  123 LEU A CD2 
636 N N   . PHE A 90 ? 0.2365 0.1909 0.2364 -0.0146 0.0414  0.0582  124 PHE A N   
637 C CA  . PHE A 90 ? 0.2315 0.1844 0.2372 -0.0119 0.0388  0.0571  124 PHE A CA  
638 C C   . PHE A 90 ? 0.2257 0.1801 0.2323 -0.0126 0.0420  0.0521  124 PHE A C   
639 O O   . PHE A 90 ? 0.2252 0.1803 0.2263 -0.0155 0.0439  0.0489  124 PHE A O   
640 C CB  . PHE A 90 ? 0.2552 0.2097 0.2610 -0.0121 0.0323  0.0618  124 PHE A CB  
641 C CG  . PHE A 90 ? 0.2700 0.2162 0.2745 -0.0118 0.0290  0.0685  124 PHE A CG  
642 C CD1 . PHE A 90 ? 0.2805 0.2259 0.2748 -0.0176 0.0291  0.0740  124 PHE A CD1 
643 C CD2 . PHE A 90 ? 0.2843 0.2223 0.2978 -0.0066 0.0276  0.0684  124 PHE A CD2 
644 C CE1 . PHE A 90 ? 0.3022 0.2362 0.2949 -0.0200 0.0270  0.0812  124 PHE A CE1 
645 C CE2 . PHE A 90 ? 0.3079 0.2321 0.3202 -0.0073 0.0254  0.0737  124 PHE A CE2 
646 C CZ  . PHE A 90 ? 0.3074 0.2284 0.3092 -0.0147 0.0247  0.0811  124 PHE A CZ  
647 N N   . ILE A 91 ? 0.2268 0.1806 0.2392 -0.0112 0.0438  0.0506  125 ILE A N   
648 C CA  . ILE A 91 ? 0.2391 0.1924 0.2535 -0.0146 0.0470  0.0471  125 ILE A CA  
649 C C   . ILE A 91 ? 0.2416 0.2047 0.2659 -0.0158 0.0451  0.0459  125 ILE A C   
650 O O   . ILE A 91 ? 0.2551 0.2209 0.2849 -0.0122 0.0465  0.0464  125 ILE A O   
651 C CB  . ILE A 91 ? 0.2528 0.1976 0.2650 -0.0134 0.0525  0.0483  125 ILE A CB  
652 C CG1 . ILE A 91 ? 0.2667 0.2061 0.2741 -0.0095 0.0537  0.0497  125 ILE A CG1 
653 C CG2 . ILE A 91 ? 0.2727 0.2123 0.2863 -0.0192 0.0566  0.0460  125 ILE A CG2 
654 C CD1 . ILE A 91 ? 0.2843 0.2180 0.2900 -0.0057 0.0561  0.0543  125 ILE A CD1 
655 N N   . THR A 92 ? 0.2432 0.2145 0.2706 -0.0210 0.0422  0.0429  126 THR A N   
656 C CA  A THR A 92 ? 0.2538 0.2411 0.2954 -0.0225 0.0402  0.0411  126 THR A CA  
657 C CA  B THR A 92 ? 0.2544 0.2422 0.2958 -0.0226 0.0398  0.0411  126 THR A CA  
658 C C   . THR A 92 ? 0.2603 0.2497 0.3043 -0.0332 0.0442  0.0357  126 THR A C   
659 O O   . THR A 92 ? 0.2863 0.2645 0.3207 -0.0389 0.0458  0.0323  126 THR A O   
660 C CB  A THR A 92 ? 0.2733 0.2749 0.3206 -0.0194 0.0300  0.0437  126 THR A CB  
661 C CB  B THR A 92 ? 0.2730 0.2737 0.3170 -0.0212 0.0294  0.0433  126 THR A CB  
662 O OG1 A THR A 92 ? 0.2663 0.2867 0.3332 -0.0164 0.0281  0.0426  126 THR A OG1 
663 O OG1 B THR A 92 ? 0.3037 0.3018 0.3344 -0.0283 0.0273  0.0406  126 THR A OG1 
664 C CG2 A THR A 92 ? 0.2904 0.2976 0.3293 -0.0276 0.0247  0.0410  126 THR A CG2 
665 C CG2 B THR A 92 ? 0.2637 0.2583 0.3060 -0.0119 0.0251  0.0505  126 THR A CG2 
666 N N   . VAL A 93 ? 0.2465 0.2497 0.3043 -0.0363 0.0473  0.0340  127 VAL A N   
667 C CA  . VAL A 93 ? 0.2489 0.2560 0.3116 -0.0496 0.0514  0.0291  127 VAL A CA  
668 C C   . VAL A 93 ? 0.2370 0.2720 0.3148 -0.0541 0.0431  0.0248  127 VAL A C   
669 O O   . VAL A 93 ? 0.2217 0.2762 0.3127 -0.0447 0.0372  0.0273  127 VAL A O   
670 C CB  . VAL A 93 ? 0.2550 0.2624 0.3225 -0.0534 0.0619  0.0308  127 VAL A CB  
671 C CG1 . VAL A 93 ? 0.2663 0.2809 0.3421 -0.0699 0.0665  0.0263  127 VAL A CG1 
672 C CG2 . VAL A 93 ? 0.2689 0.2501 0.3191 -0.0498 0.0677  0.0367  127 VAL A CG2 
673 N N   . GLU A 94 ? 0.2537 0.2906 0.3300 -0.0679 0.0418  0.0180  128 GLU A N   
674 C CA  . GLU A 94 ? 0.2637 0.3315 0.3537 -0.0746 0.0318  0.0132  128 GLU A CA  
675 C C   . GLU A 94 ? 0.2829 0.3534 0.3770 -0.0951 0.0359  0.0037  128 GLU A C   
676 O O   . GLU A 94 ? 0.2824 0.3231 0.3641 -0.1028 0.0453  0.0011  128 GLU A O   
677 C CB  . GLU A 94 ? 0.2729 0.3432 0.3499 -0.0705 0.0200  0.0141  128 GLU A CB  
678 C CG  . GLU A 94 ? 0.2951 0.3413 0.3491 -0.0789 0.0229  0.0071  128 GLU A CG  
679 C CD  . GLU A 94 ? 0.3166 0.3667 0.3537 -0.0753 0.0135  0.0087  128 GLU A CD  
680 O OE1 . GLU A 94 ? 0.2991 0.3599 0.3386 -0.0636 0.0056  0.0193  128 GLU A OE1 
681 O OE2 . GLU A 94 ? 0.3251 0.3658 0.3456 -0.0848 0.0147  -0.0012 128 GLU A OE2 
682 N N   . ALA A 95 ? 0.3088 0.4149 0.4218 -0.1039 0.0284  -0.0013 129 ALA A N   
683 C CA  . ALA A 95 ? 0.3681 0.4796 0.4867 -0.1269 0.0313  -0.0120 129 ALA A CA  
684 C C   . ALA A 95 ? 0.4568 0.5486 0.5531 -0.1370 0.0272  -0.0218 129 ALA A C   
685 O O   . ALA A 95 ? 0.4593 0.5500 0.5408 -0.1275 0.0187  -0.0204 129 ALA A O   
686 C CB  . ALA A 95 ? 0.3550 0.5169 0.5028 -0.1338 0.0230  -0.0154 129 ALA A CB  
687 N N   . SER A 96 ? 0.5732 0.6490 0.6670 -0.1575 0.0343  -0.0324 130 SER A N   
688 C CA  . SER A 96 ? 0.6985 0.7543 0.7721 -0.1692 0.0324  -0.0463 130 SER A CA  
689 C C   . SER A 96 ? 0.7731 0.8676 0.8479 -0.1785 0.0163  -0.0556 130 SER A C   
690 O O   . SER A 96 ? 0.8166 0.9010 0.8740 -0.1913 0.0141  -0.0704 130 SER A O   
691 C CB  . SER A 96 ? 0.7576 0.7813 0.8297 -0.1894 0.0450  -0.0556 130 SER A CB  
692 O OG  . SER A 96 ? 0.7579 0.7437 0.8242 -0.1791 0.0578  -0.0444 130 SER A OG  
693 N N   . ASP A 97 ? 0.8634 1.0031 0.9591 -0.1714 0.0049  -0.0473 131 ASP A N   
694 C CA  . ASP A 97 ? 0.9059 1.0864 1.0023 -0.1723 -0.0143 -0.0489 131 ASP A CA  
695 C C   . ASP A 97 ? 0.9050 1.1092 1.0060 -0.1995 -0.0210 -0.0664 131 ASP A C   
696 O O   . ASP A 97 ? 0.9330 1.1849 1.0606 -0.2060 -0.0315 -0.0663 131 ASP A O   
697 C CB  . ASP A 97 ? 0.9463 1.1111 1.0123 -0.1603 -0.0200 -0.0454 131 ASP A CB  
698 C CG  . ASP A 97 ? 1.0143 1.1647 1.0791 -0.1347 -0.0169 -0.0275 131 ASP A CG  
699 O OD1 . ASP A 97 ? 1.1337 1.2952 1.2221 -0.1239 -0.0149 -0.0177 131 ASP A OD1 
700 O OD2 . ASP A 97 ? 1.0474 1.1769 1.0878 -0.1264 -0.0160 -0.0244 131 ASP A OD2 
# 
